data_2OZ6
# 
_entry.id   2OZ6 
# 
_audit_conform.dict_name       mmcif_pdbx.dic 
_audit_conform.dict_version    5.377 
_audit_conform.dict_location   http://mmcif.pdb.org/dictionaries/ascii/mmcif_pdbx.dic 
# 
loop_
_database_2.database_id 
_database_2.database_code 
_database_2.pdbx_database_accession 
_database_2.pdbx_DOI 
PDB   2OZ6         pdb_00002oz6 10.2210/pdb2oz6/pdb 
RCSB  RCSB041766   ?            ?                   
WWPDB D_1000041766 ?            ?                   
# 
_pdbx_database_status.entry_id                        2OZ6 
_pdbx_database_status.deposit_site                    RCSB 
_pdbx_database_status.process_site                    RCSB 
_pdbx_database_status.recvd_initial_deposition_date   2007-02-24 
_pdbx_database_status.status_code                     REL 
_pdbx_database_status.status_code_sf                  REL 
_pdbx_database_status.status_code_mr                  ? 
_pdbx_database_status.SG_entry                        . 
_pdbx_database_status.status_code_cs                  ? 
_pdbx_database_status.pdb_format_compatible           Y 
_pdbx_database_status.methods_development_category    ? 
_pdbx_database_status.status_code_nmr_data            ? 
# 
loop_
_audit_author.name 
_audit_author.pdbx_ordinal 
'Cordes, T.J.' 1 
'Bright, A.R.' 2 
'Forest, K.T.' 3 
# 
_citation.id                        primary 
_citation.title                     'Crystal Structure of the Pseudomonas aeruginosa Virulence Factor Regulator.' 
_citation.journal_abbrev            J.Bacteriol. 
_citation.journal_volume            193 
_citation.page_first                4069 
_citation.page_last                 4074 
_citation.year                      2011 
_citation.journal_id_ASTM           JOBAAY 
_citation.country                   US 
_citation.journal_id_ISSN           0021-9193 
_citation.journal_id_CSD            0767 
_citation.book_publisher            ? 
_citation.pdbx_database_id_PubMed   21665969 
_citation.pdbx_database_id_DOI      10.1128/JB.00666-10 
# 
loop_
_citation_author.citation_id 
_citation_author.name 
_citation_author.ordinal 
_citation_author.identifier_ORCID 
primary 'Cordes, T.J.'   1 ? 
primary 'Worzalla, G.A.' 2 ? 
primary 'Ginster, A.M.'  3 ? 
primary 'Forest, K.T.'   4 ? 
# 
_cell.length_a           69.950 
_cell.length_b           69.950 
_cell.length_c           147.490 
_cell.angle_alpha        90.000 
_cell.angle_beta         90.000 
_cell.angle_gamma        90.000 
_cell.entry_id           2OZ6 
_cell.pdbx_unique_axis   ? 
_cell.Z_PDB              8 
_cell.length_a_esd       ? 
_cell.length_b_esd       ? 
_cell.length_c_esd       ? 
_cell.angle_alpha_esd    ? 
_cell.angle_beta_esd     ? 
_cell.angle_gamma_esd    ? 
# 
_symmetry.space_group_name_H-M             'I 41' 
_symmetry.entry_id                         2OZ6 
_symmetry.Int_Tables_number                80 
_symmetry.pdbx_full_space_group_name_H-M   ? 
_symmetry.cell_setting                     ? 
_symmetry.space_group_name_Hall            ? 
# 
loop_
_entity.id 
_entity.type 
_entity.src_method 
_entity.pdbx_description 
_entity.formula_weight 
_entity.pdbx_number_of_molecules 
_entity.pdbx_ec 
_entity.pdbx_mutation 
_entity.pdbx_fragment 
_entity.details 
1 polymer     man 'Virulence Factor Regulator'           23542.246 1  ? ? ? ? 
2 non-polymer syn "ADENOSINE-3',5'-CYCLIC-MONOPHOSPHATE" 329.206   2  ? ? ? ? 
3 water       nat water                                  18.015    13 ? ? ? ? 
# 
_entity_poly.entity_id                      1 
_entity_poly.type                           'polypeptide(L)' 
_entity_poly.nstd_linkage                   no 
_entity_poly.nstd_monomer                   no 
_entity_poly.pdbx_seq_one_letter_code       
;MKLKHLDKLLAHCHRRRYTAKSTIIYAGDRCETLFFIIKGSVTILIEDDDGREMIIGYLNSGDFFGELGLFEKEGSEQER
SAWVRAKVECEVAEISYAKFRELSQQDSEILYTLGSQMADRLRKTTRKVGDLAFLDVTGRVARTLLDLCQQPDAMTHPDG
MQIKITRQEIGRIVGCSREMVGRVLKSLEEQGLVHVKGKTMVVFGTR
;
_entity_poly.pdbx_seq_one_letter_code_can   
;MKLKHLDKLLAHCHRRRYTAKSTIIYAGDRCETLFFIIKGSVTILIEDDDGREMIIGYLNSGDFFGELGLFEKEGSEQER
SAWVRAKVECEVAEISYAKFRELSQQDSEILYTLGSQMADRLRKTTRKVGDLAFLDVTGRVARTLLDLCQQPDAMTHPDG
MQIKITRQEIGRIVGCSREMVGRVLKSLEEQGLVHVKGKTMVVFGTR
;
_entity_poly.pdbx_strand_id                 A 
_entity_poly.pdbx_target_identifier         ? 
# 
loop_
_entity_poly_seq.entity_id 
_entity_poly_seq.num 
_entity_poly_seq.mon_id 
_entity_poly_seq.hetero 
1 1   MET n 
1 2   LYS n 
1 3   LEU n 
1 4   LYS n 
1 5   HIS n 
1 6   LEU n 
1 7   ASP n 
1 8   LYS n 
1 9   LEU n 
1 10  LEU n 
1 11  ALA n 
1 12  HIS n 
1 13  CYS n 
1 14  HIS n 
1 15  ARG n 
1 16  ARG n 
1 17  ARG n 
1 18  TYR n 
1 19  THR n 
1 20  ALA n 
1 21  LYS n 
1 22  SER n 
1 23  THR n 
1 24  ILE n 
1 25  ILE n 
1 26  TYR n 
1 27  ALA n 
1 28  GLY n 
1 29  ASP n 
1 30  ARG n 
1 31  CYS n 
1 32  GLU n 
1 33  THR n 
1 34  LEU n 
1 35  PHE n 
1 36  PHE n 
1 37  ILE n 
1 38  ILE n 
1 39  LYS n 
1 40  GLY n 
1 41  SER n 
1 42  VAL n 
1 43  THR n 
1 44  ILE n 
1 45  LEU n 
1 46  ILE n 
1 47  GLU n 
1 48  ASP n 
1 49  ASP n 
1 50  ASP n 
1 51  GLY n 
1 52  ARG n 
1 53  GLU n 
1 54  MET n 
1 55  ILE n 
1 56  ILE n 
1 57  GLY n 
1 58  TYR n 
1 59  LEU n 
1 60  ASN n 
1 61  SER n 
1 62  GLY n 
1 63  ASP n 
1 64  PHE n 
1 65  PHE n 
1 66  GLY n 
1 67  GLU n 
1 68  LEU n 
1 69  GLY n 
1 70  LEU n 
1 71  PHE n 
1 72  GLU n 
1 73  LYS n 
1 74  GLU n 
1 75  GLY n 
1 76  SER n 
1 77  GLU n 
1 78  GLN n 
1 79  GLU n 
1 80  ARG n 
1 81  SER n 
1 82  ALA n 
1 83  TRP n 
1 84  VAL n 
1 85  ARG n 
1 86  ALA n 
1 87  LYS n 
1 88  VAL n 
1 89  GLU n 
1 90  CYS n 
1 91  GLU n 
1 92  VAL n 
1 93  ALA n 
1 94  GLU n 
1 95  ILE n 
1 96  SER n 
1 97  TYR n 
1 98  ALA n 
1 99  LYS n 
1 100 PHE n 
1 101 ARG n 
1 102 GLU n 
1 103 LEU n 
1 104 SER n 
1 105 GLN n 
1 106 GLN n 
1 107 ASP n 
1 108 SER n 
1 109 GLU n 
1 110 ILE n 
1 111 LEU n 
1 112 TYR n 
1 113 THR n 
1 114 LEU n 
1 115 GLY n 
1 116 SER n 
1 117 GLN n 
1 118 MET n 
1 119 ALA n 
1 120 ASP n 
1 121 ARG n 
1 122 LEU n 
1 123 ARG n 
1 124 LYS n 
1 125 THR n 
1 126 THR n 
1 127 ARG n 
1 128 LYS n 
1 129 VAL n 
1 130 GLY n 
1 131 ASP n 
1 132 LEU n 
1 133 ALA n 
1 134 PHE n 
1 135 LEU n 
1 136 ASP n 
1 137 VAL n 
1 138 THR n 
1 139 GLY n 
1 140 ARG n 
1 141 VAL n 
1 142 ALA n 
1 143 ARG n 
1 144 THR n 
1 145 LEU n 
1 146 LEU n 
1 147 ASP n 
1 148 LEU n 
1 149 CYS n 
1 150 GLN n 
1 151 GLN n 
1 152 PRO n 
1 153 ASP n 
1 154 ALA n 
1 155 MET n 
1 156 THR n 
1 157 HIS n 
1 158 PRO n 
1 159 ASP n 
1 160 GLY n 
1 161 MET n 
1 162 GLN n 
1 163 ILE n 
1 164 LYS n 
1 165 ILE n 
1 166 THR n 
1 167 ARG n 
1 168 GLN n 
1 169 GLU n 
1 170 ILE n 
1 171 GLY n 
1 172 ARG n 
1 173 ILE n 
1 174 VAL n 
1 175 GLY n 
1 176 CYS n 
1 177 SER n 
1 178 ARG n 
1 179 GLU n 
1 180 MET n 
1 181 VAL n 
1 182 GLY n 
1 183 ARG n 
1 184 VAL n 
1 185 LEU n 
1 186 LYS n 
1 187 SER n 
1 188 LEU n 
1 189 GLU n 
1 190 GLU n 
1 191 GLN n 
1 192 GLY n 
1 193 LEU n 
1 194 VAL n 
1 195 HIS n 
1 196 VAL n 
1 197 LYS n 
1 198 GLY n 
1 199 LYS n 
1 200 THR n 
1 201 MET n 
1 202 VAL n 
1 203 VAL n 
1 204 PHE n 
1 205 GLY n 
1 206 THR n 
1 207 ARG n 
# 
_entity_src_gen.entity_id                          1 
_entity_src_gen.pdbx_src_id                        1 
_entity_src_gen.pdbx_alt_source_flag               sample 
_entity_src_gen.pdbx_seq_type                      ? 
_entity_src_gen.pdbx_beg_seq_num                   ? 
_entity_src_gen.pdbx_end_seq_num                   ? 
_entity_src_gen.gene_src_common_name               ? 
_entity_src_gen.gene_src_genus                     Pseudomonas 
_entity_src_gen.pdbx_gene_src_gene                 vfr 
_entity_src_gen.gene_src_species                   ? 
_entity_src_gen.gene_src_strain                    PAK 
_entity_src_gen.gene_src_tissue                    ? 
_entity_src_gen.gene_src_tissue_fraction           ? 
_entity_src_gen.gene_src_details                   ? 
_entity_src_gen.pdbx_gene_src_fragment             ? 
_entity_src_gen.pdbx_gene_src_scientific_name      'Pseudomonas aeruginosa' 
_entity_src_gen.pdbx_gene_src_ncbi_taxonomy_id     287 
_entity_src_gen.pdbx_gene_src_variant              ? 
_entity_src_gen.pdbx_gene_src_cell_line            ? 
_entity_src_gen.pdbx_gene_src_atcc                 ? 
_entity_src_gen.pdbx_gene_src_organ                ? 
_entity_src_gen.pdbx_gene_src_organelle            ? 
_entity_src_gen.pdbx_gene_src_cell                 ? 
_entity_src_gen.pdbx_gene_src_cellular_location    ? 
_entity_src_gen.host_org_common_name               ? 
_entity_src_gen.pdbx_host_org_scientific_name      'Escherichia coli' 
_entity_src_gen.pdbx_host_org_ncbi_taxonomy_id     562 
_entity_src_gen.host_org_genus                     Escherichia 
_entity_src_gen.pdbx_host_org_gene                 ? 
_entity_src_gen.pdbx_host_org_organ                ? 
_entity_src_gen.host_org_species                   ? 
_entity_src_gen.pdbx_host_org_tissue               ? 
_entity_src_gen.pdbx_host_org_tissue_fraction      ? 
_entity_src_gen.pdbx_host_org_strain               'BL21(DE3) DELTA CRP' 
_entity_src_gen.pdbx_host_org_variant              ? 
_entity_src_gen.pdbx_host_org_cell_line            ? 
_entity_src_gen.pdbx_host_org_atcc                 ? 
_entity_src_gen.pdbx_host_org_culture_collection   ? 
_entity_src_gen.pdbx_host_org_cell                 ? 
_entity_src_gen.pdbx_host_org_organelle            ? 
_entity_src_gen.pdbx_host_org_cellular_location    ? 
_entity_src_gen.pdbx_host_org_vector_type          plasmid 
_entity_src_gen.pdbx_host_org_vector               ? 
_entity_src_gen.host_org_details                   ? 
_entity_src_gen.expression_system_id               ? 
_entity_src_gen.plasmid_name                       PET15B 
_entity_src_gen.plasmid_details                    ? 
_entity_src_gen.pdbx_description                   ? 
# 
_struct_ref.id                         1 
_struct_ref.db_name                    UNP 
_struct_ref.db_code                    VFR_PSEAE 
_struct_ref.pdbx_db_accession          P55222 
_struct_ref.entity_id                  1 
_struct_ref.pdbx_seq_one_letter_code   
;KLKHLDKLLAHCHRRRYTAKSTIIYAGDRCETLFFIIKGSVTILIEDDDGREMIIGYLNSGDFFGELGLFEKEGSEQERS
AWVRAKVECEVAEISYAKFRELSQQDSEILYTLGSQMADRLRKTTRKVGDLAFLDVTGRVARTLLDLCQQPDAMTHPDGM
QIKITRQEIGRIVGCSREMVGRVLKSLEEQGLVHVKGKTMVVFGTR
;
_struct_ref.pdbx_align_begin           9 
_struct_ref.pdbx_db_isoform            ? 
# 
_struct_ref_seq.align_id                      1 
_struct_ref_seq.ref_id                        1 
_struct_ref_seq.pdbx_PDB_id_code              2OZ6 
_struct_ref_seq.pdbx_strand_id                A 
_struct_ref_seq.seq_align_beg                 2 
_struct_ref_seq.pdbx_seq_align_beg_ins_code   ? 
_struct_ref_seq.seq_align_end                 207 
_struct_ref_seq.pdbx_seq_align_end_ins_code   ? 
_struct_ref_seq.pdbx_db_accession             P55222 
_struct_ref_seq.db_align_beg                  9 
_struct_ref_seq.pdbx_db_align_beg_ins_code    ? 
_struct_ref_seq.db_align_end                  214 
_struct_ref_seq.pdbx_db_align_end_ins_code    ? 
_struct_ref_seq.pdbx_auth_seq_align_beg       9 
_struct_ref_seq.pdbx_auth_seq_align_end       214 
# 
_struct_ref_seq_dif.align_id                     1 
_struct_ref_seq_dif.pdbx_pdb_id_code             2OZ6 
_struct_ref_seq_dif.mon_id                       MET 
_struct_ref_seq_dif.pdbx_pdb_strand_id           A 
_struct_ref_seq_dif.seq_num                      1 
_struct_ref_seq_dif.pdbx_pdb_ins_code            ? 
_struct_ref_seq_dif.pdbx_seq_db_name             UNP 
_struct_ref_seq_dif.pdbx_seq_db_accession_code   P55222 
_struct_ref_seq_dif.db_mon_id                    ? 
_struct_ref_seq_dif.pdbx_seq_db_seq_num          ? 
_struct_ref_seq_dif.details                      'initiating methionine' 
_struct_ref_seq_dif.pdbx_auth_seq_num            8 
_struct_ref_seq_dif.pdbx_ordinal                 1 
# 
loop_
_chem_comp.id 
_chem_comp.type 
_chem_comp.mon_nstd_flag 
_chem_comp.name 
_chem_comp.pdbx_synonyms 
_chem_comp.formula 
_chem_comp.formula_weight 
ALA 'L-peptide linking' y ALANINE                                ?                  'C3 H7 N O2'      89.093  
ARG 'L-peptide linking' y ARGININE                               ?                  'C6 H15 N4 O2 1'  175.209 
ASN 'L-peptide linking' y ASPARAGINE                             ?                  'C4 H8 N2 O3'     132.118 
ASP 'L-peptide linking' y 'ASPARTIC ACID'                        ?                  'C4 H7 N O4'      133.103 
CMP non-polymer         . "ADENOSINE-3',5'-CYCLIC-MONOPHOSPHATE" 'CYCLIC AMP; CAMP' 'C10 H12 N5 O6 P' 329.206 
CYS 'L-peptide linking' y CYSTEINE                               ?                  'C3 H7 N O2 S'    121.158 
GLN 'L-peptide linking' y GLUTAMINE                              ?                  'C5 H10 N2 O3'    146.144 
GLU 'L-peptide linking' y 'GLUTAMIC ACID'                        ?                  'C5 H9 N O4'      147.129 
GLY 'peptide linking'   y GLYCINE                                ?                  'C2 H5 N O2'      75.067  
HIS 'L-peptide linking' y HISTIDINE                              ?                  'C6 H10 N3 O2 1'  156.162 
HOH non-polymer         . WATER                                  ?                  'H2 O'            18.015  
ILE 'L-peptide linking' y ISOLEUCINE                             ?                  'C6 H13 N O2'     131.173 
LEU 'L-peptide linking' y LEUCINE                                ?                  'C6 H13 N O2'     131.173 
LYS 'L-peptide linking' y LYSINE                                 ?                  'C6 H15 N2 O2 1'  147.195 
MET 'L-peptide linking' y METHIONINE                             ?                  'C5 H11 N O2 S'   149.211 
PHE 'L-peptide linking' y PHENYLALANINE                          ?                  'C9 H11 N O2'     165.189 
PRO 'L-peptide linking' y PROLINE                                ?                  'C5 H9 N O2'      115.130 
SER 'L-peptide linking' y SERINE                                 ?                  'C3 H7 N O3'      105.093 
THR 'L-peptide linking' y THREONINE                              ?                  'C4 H9 N O3'      119.119 
TRP 'L-peptide linking' y TRYPTOPHAN                             ?                  'C11 H12 N2 O2'   204.225 
TYR 'L-peptide linking' y TYROSINE                               ?                  'C9 H11 N O3'     181.189 
VAL 'L-peptide linking' y VALINE                                 ?                  'C5 H11 N O2'     117.146 
# 
_exptl.crystals_number   1 
_exptl.entry_id          2OZ6 
_exptl.method            'X-RAY DIFFRACTION' 
# 
_exptl_crystal.id                    1 
_exptl_crystal.density_meas          ? 
_exptl_crystal.density_Matthews      3.83 
_exptl_crystal.density_percent_sol   67.90 
_exptl_crystal.description           ? 
_exptl_crystal.F_000                 ? 
_exptl_crystal.preparation           ? 
# 
_exptl_crystal_grow.crystal_id      1 
_exptl_crystal_grow.method          'VAPOR DIFFUSION, HANGING DROP' 
_exptl_crystal_grow.pH              5.0 
_exptl_crystal_grow.temp            298 
_exptl_crystal_grow.pdbx_details    'Sodium malonate, Sodium acetate, pH 5.0, VAPOR DIFFUSION, HANGING DROP, temperature 298K' 
_exptl_crystal_grow.temp_details    ? 
_exptl_crystal_grow.pdbx_pH_range   . 
# 
loop_
_diffrn.id 
_diffrn.ambient_temp 
_diffrn.ambient_temp_details 
_diffrn.crystal_id 
1 98 ? 1 
2 ?  ? 1 
# 
_diffrn_detector.diffrn_id              1 
_diffrn_detector.detector               CCD 
_diffrn_detector.type                   'BRUKER PROTEUM' 
_diffrn_detector.pdbx_collection_date   2005-01-17 
_diffrn_detector.details                ? 
# 
_diffrn_radiation.diffrn_id                        1 
_diffrn_radiation.pdbx_diffrn_protocol             'SINGLE WAVELENGTH' 
_diffrn_radiation.monochromator                    'Montel 200 Multilayer Graded mirrors' 
_diffrn_radiation.wavelength_id                    1 
_diffrn_radiation.pdbx_monochromatic_or_laue_m_l   M 
_diffrn_radiation.pdbx_scattering_type             x-ray 
# 
_diffrn_radiation_wavelength.id           1 
_diffrn_radiation_wavelength.wavelength   1.5418 
_diffrn_radiation_wavelength.wt           1.0 
# 
_diffrn_source.diffrn_id                   1 
_diffrn_source.source                      'ROTATING ANODE' 
_diffrn_source.type                        'BRUKER AXS MICROSTAR' 
_diffrn_source.pdbx_wavelength_list        ? 
_diffrn_source.pdbx_wavelength             1.5418 
_diffrn_source.pdbx_synchrotron_site       ? 
_diffrn_source.pdbx_synchrotron_beamline   ? 
# 
_reflns.entry_id                     2OZ6 
_reflns.d_resolution_high            2.800 
_reflns.d_resolution_low             32.000 
_reflns.number_obs                   8735 
_reflns.pdbx_Rmerge_I_obs            ? 
_reflns.pdbx_netI_over_sigmaI        8.500 
_reflns.pdbx_chi_squared             1.026 
_reflns.pdbx_redundancy              5.000 
_reflns.percent_possible_obs         99.800 
_reflns.observed_criterion_sigma_F   ? 
_reflns.observed_criterion_sigma_I   ? 
_reflns.number_all                   ? 
_reflns.pdbx_Rsym_value              0.095 
_reflns.B_iso_Wilson_estimate        54.0 
_reflns.R_free_details               ? 
_reflns.limit_h_max                  ? 
_reflns.limit_h_min                  ? 
_reflns.limit_k_max                  ? 
_reflns.limit_k_min                  ? 
_reflns.limit_l_max                  ? 
_reflns.limit_l_min                  ? 
_reflns.observed_criterion_F_max     ? 
_reflns.observed_criterion_F_min     ? 
_reflns.pdbx_scaling_rejects         ? 
_reflns.pdbx_ordinal                 1 
_reflns.pdbx_diffrn_id               1 
# 
_reflns_shell.d_res_high             2.80 
_reflns_shell.d_res_low              2.90 
_reflns_shell.number_measured_obs    ? 
_reflns_shell.number_measured_all    ? 
_reflns_shell.number_unique_obs      ? 
_reflns_shell.Rmerge_I_obs           ? 
_reflns_shell.meanI_over_sigI_obs    3.79 
_reflns_shell.pdbx_Rsym_value        0.377 
_reflns_shell.pdbx_chi_squared       0.881 
_reflns_shell.pdbx_redundancy        4.90 
_reflns_shell.percent_possible_obs   ? 
_reflns_shell.number_unique_all      876 
_reflns_shell.percent_possible_all   99.50 
_reflns_shell.pdbx_ordinal           1 
_reflns_shell.pdbx_diffrn_id         1 
# 
_refine.entry_id                                 2OZ6 
_refine.ls_d_res_high                            2.800 
_refine.ls_d_res_low                             30.000 
_refine.pdbx_ls_sigma_F                          0.00 
_refine.ls_percent_reflns_obs                    99.700 
_refine.ls_number_reflns_obs                     8706 
_refine.ls_R_factor_R_work                       0.19 
_refine.ls_R_factor_R_free                       0.251 
_refine.ls_percent_reflns_R_free                 4.700 
_refine.ls_number_reflns_R_free                  413 
_refine.B_iso_mean                               40.832 
_refine.solvent_model_param_bsol                 35.926 
_refine.overall_FOM_work_R_set                   0.812 
_refine.pdbx_ls_sigma_I                          ? 
_refine.ls_number_reflns_all                     ? 
_refine.ls_R_factor_all                          ? 
_refine.ls_R_factor_obs                          ? 
_refine.ls_redundancy_reflns_obs                 ? 
_refine.pdbx_data_cutoff_high_absF               ? 
_refine.pdbx_data_cutoff_low_absF                ? 
_refine.ls_number_parameters                     ? 
_refine.ls_number_restraints                     ? 
_refine.ls_R_factor_R_free_error                 ? 
_refine.ls_R_factor_R_free_error_details         ? 
_refine.pdbx_method_to_determine_struct          'MOLECULAR REPLACEMENT' 
_refine.pdbx_starting_model                      'pdb entry 1G6N, chain A' 
_refine.pdbx_ls_cross_valid_method               THROUGHOUT 
_refine.pdbx_R_Free_selection_details            random 
_refine.pdbx_stereochem_target_val_spec_case     ? 
_refine.pdbx_stereochemistry_target_values       ? 
_refine.solvent_model_details                    ? 
_refine.solvent_model_param_ksol                 ? 
_refine.occupancy_max                            ? 
_refine.occupancy_min                            ? 
_refine.pdbx_isotropic_thermal_model             isotropic 
_refine.aniso_B[1][1]                            ? 
_refine.aniso_B[1][2]                            ? 
_refine.aniso_B[1][3]                            ? 
_refine.aniso_B[2][2]                            ? 
_refine.aniso_B[2][3]                            ? 
_refine.aniso_B[3][3]                            ? 
_refine.details                                  ? 
_refine.B_iso_min                                ? 
_refine.B_iso_max                                ? 
_refine.correlation_coeff_Fo_to_Fc               ? 
_refine.correlation_coeff_Fo_to_Fc_free          ? 
_refine.pdbx_solvent_vdw_probe_radii             ? 
_refine.pdbx_solvent_ion_probe_radii             ? 
_refine.pdbx_solvent_shrinkage_radii             ? 
_refine.overall_SU_R_Cruickshank_DPI             ? 
_refine.overall_SU_R_free                        ? 
_refine.overall_SU_ML                            ? 
_refine.overall_SU_B                             ? 
_refine.pdbx_overall_ESU_R_Free                  ? 
_refine.pdbx_data_cutoff_high_rms_absF           ? 
_refine.ls_wR_factor_R_free                      ? 
_refine.ls_wR_factor_R_work                      ? 
_refine.overall_FOM_free_R_set                   ? 
_refine.pdbx_overall_phase_error                 ? 
_refine.pdbx_refine_id                           'X-RAY DIFFRACTION' 
_refine.pdbx_diffrn_id                           1 
_refine.pdbx_overall_ESU_R                       ? 
_refine.pdbx_TLS_residual_ADP_flag               ? 
_refine.pdbx_overall_SU_R_free_Cruickshank_DPI   ? 
_refine.pdbx_overall_SU_R_Blow_DPI               ? 
_refine.pdbx_overall_SU_R_free_Blow_DPI          ? 
# 
_refine_analyze.entry_id                        2OZ6 
_refine_analyze.Luzzati_coordinate_error_obs    0.2958 
_refine_analyze.Luzzati_sigma_a_obs             0.405 
_refine_analyze.Luzzati_d_res_low_obs           5 
_refine_analyze.Luzzati_coordinate_error_free   0.422 
_refine_analyze.Luzzati_sigma_a_free            0.575 
_refine_analyze.Luzzati_d_res_low_free          ? 
_refine_analyze.number_disordered_residues      ? 
_refine_analyze.occupancy_sum_non_hydrogen      ? 
_refine_analyze.occupancy_sum_hydrogen          ? 
_refine_analyze.pdbx_Luzzati_d_res_high_obs     ? 
_refine_analyze.pdbx_refine_id                  'X-RAY DIFFRACTION' 
# 
_refine_hist.pdbx_refine_id                   'X-RAY DIFFRACTION' 
_refine_hist.cycle_id                         LAST 
_refine_hist.pdbx_number_atoms_protein        1596 
_refine_hist.pdbx_number_atoms_nucleic_acid   0 
_refine_hist.pdbx_number_atoms_ligand         44 
_refine_hist.number_atoms_solvent             13 
_refine_hist.number_atoms_total               1653 
_refine_hist.d_res_high                       2.800 
_refine_hist.d_res_low                        30.000 
# 
loop_
_refine_ls_restr.type 
_refine_ls_restr.number 
_refine_ls_restr.dev_ideal 
_refine_ls_restr.dev_ideal_target 
_refine_ls_restr.weight 
_refine_ls_restr.pdbx_refine_id 
_refine_ls_restr.pdbx_restraint_function 
c_bond_d     ? 0.009 ?     ? 'X-RAY DIFFRACTION' ? 
c_angle_d    ? 1.404 ?     ? 'X-RAY DIFFRACTION' ? 
c_mcbond_it  ? 1.433 1.500 ? 'X-RAY DIFFRACTION' ? 
c_scbond_it  ? 2.258 2.000 ? 'X-RAY DIFFRACTION' ? 
c_mcangle_it ? 2.333 2.000 ? 'X-RAY DIFFRACTION' ? 
c_scangle_it ? 3.458 2.500 ? 'X-RAY DIFFRACTION' ? 
# 
loop_
_refine_ls_shell.d_res_high 
_refine_ls_shell.d_res_low 
_refine_ls_shell.pdbx_total_number_of_bins_used 
_refine_ls_shell.percent_reflns_obs 
_refine_ls_shell.number_reflns_R_work 
_refine_ls_shell.R_factor_all 
_refine_ls_shell.R_factor_R_work 
_refine_ls_shell.R_factor_R_free 
_refine_ls_shell.percent_reflns_R_free 
_refine_ls_shell.number_reflns_R_free 
_refine_ls_shell.R_factor_R_free_error 
_refine_ls_shell.number_reflns_all 
_refine_ls_shell.number_reflns_obs 
_refine_ls_shell.redundancy_reflns_obs 
_refine_ls_shell.pdbx_refine_id 
2.800 2.930  8 . 1026 . 0.271 0.341 . 47 . . 1073 . 'X-RAY DIFFRACTION' 
2.930 3.080  8 . 1022 . 0.254 0.356 . 65 . . 1087 . 'X-RAY DIFFRACTION' 
3.080 3.270  8 . 1039 . 0.243 0.356 . 51 . . 1090 . 'X-RAY DIFFRACTION' 
3.270 3.530  8 . 1043 . 0.219 0.305 . 45 . . 1088 . 'X-RAY DIFFRACTION' 
3.530 3.880  8 . 1038 . 0.161 0.204 . 51 . . 1089 . 'X-RAY DIFFRACTION' 
3.880 4.440  8 . 1042 . 0.148 0.191 . 55 . . 1097 . 'X-RAY DIFFRACTION' 
4.440 5.590  8 . 1026 . 0.161 0.183 . 51 . . 1077 . 'X-RAY DIFFRACTION' 
5.590 30.000 8 . 1057 . 0.185 0.268 . 48 . . 1105 . 'X-RAY DIFFRACTION' 
# 
loop_
_pdbx_xplor_file.serial_no 
_pdbx_xplor_file.param_file 
_pdbx_xplor_file.topol_file 
_pdbx_xplor_file.pdbx_refine_id 
1 protein_rep.param protein.top 'X-RAY DIFFRACTION' 
2 dna-rna_rep.param cmp.top     'X-RAY DIFFRACTION' 
3 water_rep.param   water.top   'X-RAY DIFFRACTION' 
4 ion.param         ion.top     'X-RAY DIFFRACTION' 
5 cmp.par           ?           'X-RAY DIFFRACTION' 
# 
_struct.entry_id                  2OZ6 
_struct.title                     
'Crystal Structure of Virulence Factor Regulator from Pseudomonas aeruginosa in complex with cAMP' 
_struct.pdbx_model_details        ? 
_struct.pdbx_CASP_flag            ? 
_struct.pdbx_model_type_details   ? 
# 
_struct_keywords.entry_id        2OZ6 
_struct_keywords.text            
;winged helix, helix-turn-helix, transcription factor, cAMP-binding proteins, cAMP Receptor Protein, nucleotide binding proteins, DNA-binding proteins, DNA BINDING PROTEIN
;
_struct_keywords.pdbx_keywords   'DNA BINDING PROTEIN' 
# 
loop_
_struct_asym.id 
_struct_asym.pdbx_blank_PDB_chainid_flag 
_struct_asym.pdbx_modified 
_struct_asym.entity_id 
_struct_asym.details 
A N N 1 ? 
B N N 2 ? 
C N N 2 ? 
D N N 3 ? 
# 
_struct_biol.id        1 
_struct_biol.details   ? 
# 
loop_
_struct_conf.conf_type_id 
_struct_conf.id 
_struct_conf.pdbx_PDB_helix_id 
_struct_conf.beg_label_comp_id 
_struct_conf.beg_label_asym_id 
_struct_conf.beg_label_seq_id 
_struct_conf.pdbx_beg_PDB_ins_code 
_struct_conf.end_label_comp_id 
_struct_conf.end_label_asym_id 
_struct_conf.end_label_seq_id 
_struct_conf.pdbx_end_PDB_ins_code 
_struct_conf.beg_auth_comp_id 
_struct_conf.beg_auth_asym_id 
_struct_conf.beg_auth_seq_id 
_struct_conf.end_auth_comp_id 
_struct_conf.end_auth_asym_id 
_struct_conf.end_auth_seq_id 
_struct_conf.pdbx_PDB_helix_class 
_struct_conf.details 
_struct_conf.pdbx_PDB_helix_length 
HELX_P HELX_P1 1 LYS A 2   ? HIS A 12  ? LYS A 9   HIS A 19  1 ? 11 
HELX_P HELX_P2 2 TYR A 97  ? ASP A 107 ? TYR A 104 ASP A 114 1 ? 11 
HELX_P HELX_P3 3 ASP A 107 ? LEU A 135 ? ASP A 114 LEU A 142 1 ? 29 
HELX_P HELX_P4 4 ASP A 136 ? CYS A 149 ? ASP A 143 CYS A 156 1 ? 14 
HELX_P HELX_P5 5 THR A 166 ? GLY A 175 ? THR A 173 GLY A 182 1 ? 10 
HELX_P HELX_P6 6 SER A 177 ? GLN A 191 ? SER A 184 GLN A 198 1 ? 15 
# 
_struct_conf_type.id          HELX_P 
_struct_conf_type.criteria    ? 
_struct_conf_type.reference   ? 
# 
loop_
_struct_sheet.id 
_struct_sheet.type 
_struct_sheet.number_strands 
_struct_sheet.details 
A ? 4 ? 
B ? 4 ? 
C ? 4 ? 
# 
loop_
_struct_sheet_order.sheet_id 
_struct_sheet_order.range_id_1 
_struct_sheet_order.range_id_2 
_struct_sheet_order.offset 
_struct_sheet_order.sense 
A 1 2 ? anti-parallel 
A 2 3 ? anti-parallel 
A 3 4 ? anti-parallel 
B 1 2 ? anti-parallel 
B 2 3 ? anti-parallel 
B 3 4 ? anti-parallel 
C 1 2 ? anti-parallel 
C 2 3 ? anti-parallel 
C 3 4 ? anti-parallel 
# 
loop_
_struct_sheet_range.sheet_id 
_struct_sheet_range.id 
_struct_sheet_range.beg_label_comp_id 
_struct_sheet_range.beg_label_asym_id 
_struct_sheet_range.beg_label_seq_id 
_struct_sheet_range.pdbx_beg_PDB_ins_code 
_struct_sheet_range.end_label_comp_id 
_struct_sheet_range.end_label_asym_id 
_struct_sheet_range.end_label_seq_id 
_struct_sheet_range.pdbx_end_PDB_ins_code 
_struct_sheet_range.beg_auth_comp_id 
_struct_sheet_range.beg_auth_asym_id 
_struct_sheet_range.beg_auth_seq_id 
_struct_sheet_range.end_auth_comp_id 
_struct_sheet_range.end_auth_asym_id 
_struct_sheet_range.end_auth_seq_id 
A 1 HIS A 14  ? TYR A 18  ? HIS A 21  TYR A 25  
A 2 CYS A 90  ? SER A 96  ? CYS A 97  SER A 103 
A 3 THR A 33  ? LYS A 39  ? THR A 40  LYS A 46  
A 4 PHE A 64  ? PHE A 65  ? PHE A 71  PHE A 72  
B 1 THR A 23  ? ILE A 25  ? THR A 30  ILE A 32  
B 2 TRP A 83  ? ALA A 86  ? TRP A 90  ALA A 93  
B 3 SER A 41  ? GLU A 47  ? SER A 48  GLU A 54  
B 4 GLU A 53  ? ASN A 60  ? GLU A 60  ASN A 67  
C 1 MET A 155 ? HIS A 157 ? MET A 162 HIS A 164 
C 2 GLY A 160 ? LYS A 164 ? GLY A 167 LYS A 171 
C 3 THR A 200 ? PHE A 204 ? THR A 207 PHE A 211 
C 4 VAL A 194 ? LYS A 197 ? VAL A 201 LYS A 204 
# 
loop_
_pdbx_struct_sheet_hbond.sheet_id 
_pdbx_struct_sheet_hbond.range_id_1 
_pdbx_struct_sheet_hbond.range_id_2 
_pdbx_struct_sheet_hbond.range_1_label_atom_id 
_pdbx_struct_sheet_hbond.range_1_label_comp_id 
_pdbx_struct_sheet_hbond.range_1_label_asym_id 
_pdbx_struct_sheet_hbond.range_1_label_seq_id 
_pdbx_struct_sheet_hbond.range_1_PDB_ins_code 
_pdbx_struct_sheet_hbond.range_1_auth_atom_id 
_pdbx_struct_sheet_hbond.range_1_auth_comp_id 
_pdbx_struct_sheet_hbond.range_1_auth_asym_id 
_pdbx_struct_sheet_hbond.range_1_auth_seq_id 
_pdbx_struct_sheet_hbond.range_2_label_atom_id 
_pdbx_struct_sheet_hbond.range_2_label_comp_id 
_pdbx_struct_sheet_hbond.range_2_label_asym_id 
_pdbx_struct_sheet_hbond.range_2_label_seq_id 
_pdbx_struct_sheet_hbond.range_2_PDB_ins_code 
_pdbx_struct_sheet_hbond.range_2_auth_atom_id 
_pdbx_struct_sheet_hbond.range_2_auth_comp_id 
_pdbx_struct_sheet_hbond.range_2_auth_asym_id 
_pdbx_struct_sheet_hbond.range_2_auth_seq_id 
A 1 2 N ARG A 16  ? N ARG A 23  O VAL A 92  ? O VAL A 99  
A 2 3 O ILE A 95  ? O ILE A 102 N LEU A 34  ? N LEU A 41  
A 3 4 N PHE A 35  ? N PHE A 42  O PHE A 65  ? O PHE A 72  
B 1 2 N ILE A 24  ? N ILE A 31  O VAL A 84  ? O VAL A 91  
B 2 3 O ARG A 85  ? O ARG A 92  N THR A 43  ? N THR A 50  
B 3 4 N ILE A 46  ? N ILE A 53  O MET A 54  ? O MET A 61  
C 1 2 N MET A 155 ? N MET A 162 O GLN A 162 ? O GLN A 169 
C 2 3 N MET A 161 ? N MET A 168 O VAL A 203 ? O VAL A 210 
C 3 4 O THR A 200 ? O THR A 207 N LYS A 197 ? N LYS A 204 
# 
loop_
_struct_site.id 
_struct_site.pdbx_evidence_code 
_struct_site.pdbx_auth_asym_id 
_struct_site.pdbx_auth_comp_id 
_struct_site.pdbx_auth_seq_id 
_struct_site.pdbx_auth_ins_code 
_struct_site.pdbx_num_residues 
_struct_site.details 
AC1 Software A CMP 302 ? 10 'BINDING SITE FOR RESIDUE CMP A 302' 
AC2 Software A CMP 301 ? 15 'BINDING SITE FOR RESIDUE CMP A 301' 
# 
loop_
_struct_site_gen.id 
_struct_site_gen.site_id 
_struct_site_gen.pdbx_num_res 
_struct_site_gen.label_comp_id 
_struct_site_gen.label_asym_id 
_struct_site_gen.label_seq_id 
_struct_site_gen.pdbx_auth_ins_code 
_struct_site_gen.auth_comp_id 
_struct_site_gen.auth_asym_id 
_struct_site_gen.auth_seq_id 
_struct_site_gen.label_atom_id 
_struct_site_gen.label_alt_id 
_struct_site_gen.symmetry 
_struct_site_gen.details 
1  AC1 10 ARG A 52  ? ARG A 59  . ? 1_555 ? 
2  AC1 10 GLU A 53  ? GLU A 60  . ? 1_555 ? 
3  AC1 10 ALA A 133 ? ALA A 140 . ? 6_465 ? 
4  AC1 10 GLN A 168 ? GLN A 175 . ? 1_555 ? 
5  AC1 10 GLY A 171 ? GLY A 178 . ? 1_555 ? 
6  AC1 10 ARG A 172 ? ARG A 179 . ? 1_555 ? 
7  AC1 10 GLY A 175 ? GLY A 182 . ? 1_555 ? 
8  AC1 10 CYS A 176 ? CYS A 183 . ? 1_555 ? 
9  AC1 10 SER A 177 ? SER A 184 . ? 1_555 ? 
10 AC1 10 ARG A 178 ? ARG A 185 . ? 1_555 ? 
11 AC2 15 CYS A 31  ? CYS A 38  . ? 1_555 ? 
12 AC2 15 ILE A 56  ? ILE A 63  . ? 1_555 ? 
13 AC2 15 PHE A 65  ? PHE A 72  . ? 1_555 ? 
14 AC2 15 GLY A 66  ? GLY A 73  . ? 1_555 ? 
15 AC2 15 GLU A 67  ? GLU A 74  . ? 1_555 ? 
16 AC2 15 LEU A 68  ? LEU A 75  . ? 1_555 ? 
17 AC2 15 GLY A 69  ? GLY A 76  . ? 1_555 ? 
18 AC2 15 ARG A 80  ? ARG A 87  . ? 1_555 ? 
19 AC2 15 SER A 81  ? SER A 88  . ? 1_555 ? 
20 AC2 15 ALA A 82  ? ALA A 89  . ? 1_555 ? 
21 AC2 15 ARG A 121 ? ARG A 128 . ? 1_555 ? 
22 AC2 15 LEU A 122 ? LEU A 129 . ? 6_465 ? 
23 AC2 15 THR A 125 ? THR A 132 . ? 1_555 ? 
24 AC2 15 THR A 126 ? THR A 133 . ? 6_465 ? 
25 AC2 15 HOH D .   ? HOH A 311 . ? 1_555 ? 
# 
_atom_sites.entry_id                    2OZ6 
_atom_sites.fract_transf_matrix[1][1]   -0.00668640 
_atom_sites.fract_transf_matrix[1][2]   -0.00654943 
_atom_sites.fract_transf_matrix[1][3]   0.01080614 
_atom_sites.fract_transf_matrix[2][1]   -0.01255575 
_atom_sites.fract_transf_matrix[2][2]   0.00206826 
_atom_sites.fract_transf_matrix[2][3]   -0.00651545 
_atom_sites.fract_transf_matrix[3][1]   0.00067419 
_atom_sites.fract_transf_matrix[3][2]   -0.00594628 
_atom_sites.fract_transf_matrix[3][3]   -0.00318679 
_atom_sites.fract_transf_vector[1]      -0.321790 
_atom_sites.fract_transf_vector[2]      0.456804 
_atom_sites.fract_transf_vector[3]      0.007082 
# 
loop_
_atom_type.symbol 
C 
N 
O 
P 
S 
# 
loop_
_atom_site.group_PDB 
_atom_site.id 
_atom_site.type_symbol 
_atom_site.label_atom_id 
_atom_site.label_alt_id 
_atom_site.label_comp_id 
_atom_site.label_asym_id 
_atom_site.label_entity_id 
_atom_site.label_seq_id 
_atom_site.pdbx_PDB_ins_code 
_atom_site.Cartn_x 
_atom_site.Cartn_y 
_atom_site.Cartn_z 
_atom_site.occupancy 
_atom_site.B_iso_or_equiv 
_atom_site.pdbx_formal_charge 
_atom_site.auth_seq_id 
_atom_site.auth_comp_id 
_atom_site.auth_asym_id 
_atom_site.auth_atom_id 
_atom_site.pdbx_PDB_model_num 
ATOM   1    N N     . MET A 1 1   ? 5.016   17.944  7.833   1.00 44.54 ? 8   MET A N     1 
ATOM   2    C CA    . MET A 1 1   ? 3.798   18.247  8.632   1.00 43.31 ? 8   MET A CA    1 
ATOM   3    C C     . MET A 1 1   ? 4.121   18.258  10.127  1.00 43.05 ? 8   MET A C     1 
ATOM   4    O O     . MET A 1 1   ? 4.926   17.463  10.616  1.00 41.37 ? 8   MET A O     1 
ATOM   5    C CB    . MET A 1 1   ? 2.713   17.211  8.355   1.00 41.76 ? 8   MET A CB    1 
ATOM   6    C CG    . MET A 1 1   ? 1.383   17.571  8.951   1.00 41.76 ? 8   MET A CG    1 
ATOM   7    S SD    . MET A 1 1   ? 0.198   16.246  8.851   1.00 41.95 ? 8   MET A SD    1 
ATOM   8    C CE    . MET A 1 1   ? -0.626  16.689  7.325   1.00 43.71 ? 8   MET A CE    1 
ATOM   9    N N     . LYS A 1 2   ? 3.484   19.172  10.849  1.00 43.67 ? 9   LYS A N     1 
ATOM   10   C CA    . LYS A 1 2   ? 3.704   19.298  12.284  1.00 42.99 ? 9   LYS A CA    1 
ATOM   11   C C     . LYS A 1 2   ? 2.484   18.806  13.065  1.00 41.15 ? 9   LYS A C     1 
ATOM   12   O O     . LYS A 1 2   ? 1.370   18.743  12.524  1.00 36.29 ? 9   LYS A O     1 
ATOM   13   C CB    . LYS A 1 2   ? 3.988   20.760  12.639  1.00 44.01 ? 9   LYS A CB    1 
ATOM   14   C CG    . LYS A 1 2   ? 5.094   21.409  11.827  1.00 43.48 ? 9   LYS A CG    1 
ATOM   15   C CD    . LYS A 1 2   ? 6.413   20.685  12.007  1.00 45.71 ? 9   LYS A CD    1 
ATOM   16   C CE    . LYS A 1 2   ? 7.506   21.363  11.210  1.00 46.98 ? 9   LYS A CE    1 
ATOM   17   N NZ    . LYS A 1 2   ? 8.468   20.357  10.688  1.00 48.94 ? 9   LYS A NZ    1 
ATOM   18   N N     . LEU A 1 3   ? 2.707   18.474  14.339  1.00 40.04 ? 10  LEU A N     1 
ATOM   19   C CA    . LEU A 1 3   ? 1.629   17.987  15.204  1.00 38.57 ? 10  LEU A CA    1 
ATOM   20   C C     . LEU A 1 3   ? 0.422   18.907  15.189  1.00 38.28 ? 10  LEU A C     1 
ATOM   21   O O     . LEU A 1 3   ? -0.713  18.453  15.337  1.00 37.01 ? 10  LEU A O     1 
ATOM   22   C CB    . LEU A 1 3   ? 2.120   17.839  16.642  1.00 38.14 ? 10  LEU A CB    1 
ATOM   23   C CG    . LEU A 1 3   ? 1.180   17.077  17.581  1.00 38.45 ? 10  LEU A CG    1 
ATOM   24   C CD1   . LEU A 1 3   ? 0.958   15.669  17.050  1.00 39.01 ? 10  LEU A CD1   1 
ATOM   25   C CD2   . LEU A 1 3   ? 1.774   17.005  18.977  1.00 38.38 ? 10  LEU A CD2   1 
ATOM   26   N N     . LYS A 1 4   ? 0.672   20.205  15.014  1.00 39.77 ? 11  LYS A N     1 
ATOM   27   C CA    . LYS A 1 4   ? -0.392  21.200  14.987  1.00 38.71 ? 11  LYS A CA    1 
ATOM   28   C C     . LYS A 1 4   ? -1.255  21.054  13.748  1.00 38.15 ? 11  LYS A C     1 
ATOM   29   O O     . LYS A 1 4   ? -2.444  21.366  13.761  1.00 38.46 ? 11  LYS A O     1 
ATOM   30   C CB    . LYS A 1 4   ? 0.198   22.610  15.055  1.00 40.08 ? 11  LYS A CB    1 
ATOM   31   C CG    . LYS A 1 4   ? 1.169   22.955  13.945  1.00 44.12 ? 11  LYS A CG    1 
ATOM   32   C CD    . LYS A 1 4   ? 1.704   24.374  14.104  1.00 46.66 ? 11  LYS A CD    1 
ATOM   33   C CE    . LYS A 1 4   ? 2.607   24.774  12.937  1.00 48.11 ? 11  LYS A CE    1 
ATOM   34   N NZ    . LYS A 1 4   ? 3.347   26.036  13.225  1.00 50.33 ? 11  LYS A NZ    1 
ATOM   35   N N     . HIS A 1 5   ? -0.660  20.565  12.672  1.00 37.94 ? 12  HIS A N     1 
ATOM   36   C CA    . HIS A 1 5   ? -1.404  20.389  11.440  1.00 38.18 ? 12  HIS A CA    1 
ATOM   37   C C     . HIS A 1 5   ? -2.291  19.160  11.520  1.00 37.58 ? 12  HIS A C     1 
ATOM   38   O O     . HIS A 1 5   ? -3.415  19.142  11.005  1.00 37.75 ? 12  HIS A O     1 
ATOM   39   C CB    . HIS A 1 5   ? -0.425  20.278  10.278  1.00 40.21 ? 12  HIS A CB    1 
ATOM   40   C CG    . HIS A 1 5   ? 0.494   21.450  10.163  1.00 39.93 ? 12  HIS A CG    1 
ATOM   41   N ND1   . HIS A 1 5   ? 1.863   21.335  10.267  1.00 39.45 ? 12  HIS A ND1   1 
ATOM   42   C CD2   . HIS A 1 5   ? 0.236   22.766  9.974   1.00 39.29 ? 12  HIS A CD2   1 
ATOM   43   C CE1   . HIS A 1 5   ? 2.411   22.532  10.147  1.00 40.82 ? 12  HIS A CE1   1 
ATOM   44   N NE2   . HIS A 1 5   ? 1.445   23.418  9.971   1.00 41.44 ? 12  HIS A NE2   1 
ATOM   45   N N     . LEU A 1 6   ? -1.775  18.126  12.175  1.00 36.49 ? 13  LEU A N     1 
ATOM   46   C CA    . LEU A 1 6   ? -2.506  16.886  12.346  1.00 35.42 ? 13  LEU A CA    1 
ATOM   47   C C     . LEU A 1 6   ? -3.740  17.214  13.169  1.00 33.88 ? 13  LEU A C     1 
ATOM   48   O O     . LEU A 1 6   ? -4.863  16.819  12.844  1.00 32.86 ? 13  LEU A O     1 
ATOM   49   C CB    . LEU A 1 6   ? -1.619  15.873  13.083  1.00 38.09 ? 13  LEU A CB    1 
ATOM   50   C CG    . LEU A 1 6   ? -2.211  14.534  13.548  1.00 37.65 ? 13  LEU A CG    1 
ATOM   51   C CD1   . LEU A 1 6   ? -2.675  13.735  12.339  1.00 38.54 ? 13  LEU A CD1   1 
ATOM   52   C CD2   . LEU A 1 6   ? -1.169  13.766  14.336  1.00 34.92 ? 13  LEU A CD2   1 
ATOM   53   N N     . ASP A 1 7   ? -3.501  17.959  14.235  1.00 34.23 ? 14  ASP A N     1 
ATOM   54   C CA    . ASP A 1 7   ? -4.548  18.383  15.153  1.00 35.22 ? 14  ASP A CA    1 
ATOM   55   C C     . ASP A 1 7   ? -5.732  19.002  14.416  1.00 34.83 ? 14  ASP A C     1 
ATOM   56   O O     . ASP A 1 7   ? -6.892  18.685  14.694  1.00 33.01 ? 14  ASP A O     1 
ATOM   57   C CB    . ASP A 1 7   ? -3.967  19.388  16.145  1.00 36.80 ? 14  ASP A CB    1 
ATOM   58   C CG    . ASP A 1 7   ? -4.997  19.898  17.117  1.00 39.33 ? 14  ASP A CG    1 
ATOM   59   O OD1   . ASP A 1 7   ? -5.498  19.084  17.922  1.00 40.28 ? 14  ASP A OD1   1 
ATOM   60   O OD2   . ASP A 1 7   ? -5.310  21.110  17.067  1.00 42.01 ? 14  ASP A OD2   1 
ATOM   61   N N     . LYS A 1 8   ? -5.425  19.895  13.479  1.00 35.87 ? 15  LYS A N     1 
ATOM   62   C CA    . LYS A 1 8   ? -6.439  20.576  12.688  1.00 35.88 ? 15  LYS A CA    1 
ATOM   63   C C     . LYS A 1 8   ? -7.202  19.622  11.798  1.00 36.85 ? 15  LYS A C     1 
ATOM   64   O O     . LYS A 1 8   ? -8.436  19.632  11.773  1.00 38.24 ? 15  LYS A O     1 
ATOM   65   C CB    . LYS A 1 8   ? -5.805  21.645  11.810  1.00 38.44 ? 15  LYS A CB    1 
ATOM   66   C CG    . LYS A 1 8   ? -5.094  22.747  12.552  1.00 40.61 ? 15  LYS A CG    1 
ATOM   67   C CD    . LYS A 1 8   ? -4.831  23.894  11.607  1.00 42.70 ? 15  LYS A CD    1 
ATOM   68   C CE    . LYS A 1 8   ? -4.198  25.071  12.307  1.00 44.45 ? 15  LYS A CE    1 
ATOM   69   N NZ    . LYS A 1 8   ? -4.269  26.269  11.407  1.00 49.45 ? 15  LYS A NZ    1 
ATOM   70   N N     . LEU A 1 9   ? -6.462  18.811  11.041  1.00 36.41 ? 16  LEU A N     1 
ATOM   71   C CA    . LEU A 1 9   ? -7.073  17.838  10.144  1.00 36.81 ? 16  LEU A CA    1 
ATOM   72   C C     . LEU A 1 9   ? -8.049  16.947  10.918  1.00 35.18 ? 16  LEU A C     1 
ATOM   73   O O     . LEU A 1 9   ? -9.169  16.697  10.468  1.00 33.66 ? 16  LEU A O     1 
ATOM   74   C CB    . LEU A 1 9   ? -5.984  16.975  9.498   1.00 39.13 ? 16  LEU A CB    1 
ATOM   75   C CG    . LEU A 1 9   ? -4.976  17.647  8.559   1.00 38.90 ? 16  LEU A CG    1 
ATOM   76   C CD1   . LEU A 1 9   ? -3.806  16.722  8.333   1.00 39.18 ? 16  LEU A CD1   1 
ATOM   77   C CD2   . LEU A 1 9   ? -5.645  18.000  7.242   1.00 38.97 ? 16  LEU A CD2   1 
ATOM   78   N N     . LEU A 1 10  ? -7.617  16.483  12.089  1.00 33.57 ? 17  LEU A N     1 
ATOM   79   C CA    . LEU A 1 10  ? -8.453  15.627  12.911  1.00 35.12 ? 17  LEU A CA    1 
ATOM   80   C C     . LEU A 1 10  ? -9.641  16.373  13.511  1.00 37.08 ? 17  LEU A C     1 
ATOM   81   O O     . LEU A 1 10  ? -10.593 15.747  13.981  1.00 37.80 ? 17  LEU A O     1 
ATOM   82   C CB    . LEU A 1 10  ? -7.627  14.992  14.025  1.00 32.23 ? 17  LEU A CB    1 
ATOM   83   C CG    . LEU A 1 10  ? -6.452  14.111  13.604  1.00 31.21 ? 17  LEU A CG    1 
ATOM   84   C CD1   . LEU A 1 10  ? -5.804  13.521  14.852  1.00 30.98 ? 17  LEU A CD1   1 
ATOM   85   C CD2   . LEU A 1 10  ? -6.919  13.000  12.684  1.00 29.30 ? 17  LEU A CD2   1 
ATOM   86   N N     . ALA A 1 11  ? -9.578  17.702  13.490  1.00 38.73 ? 18  ALA A N     1 
ATOM   87   C CA    . ALA A 1 11  ? -10.648 18.542  14.015  1.00 38.35 ? 18  ALA A CA    1 
ATOM   88   C C     . ALA A 1 11  ? -11.684 18.872  12.941  1.00 39.89 ? 18  ALA A C     1 
ATOM   89   O O     . ALA A 1 11  ? -12.757 19.410  13.242  1.00 40.58 ? 18  ALA A O     1 
ATOM   90   C CB    . ALA A 1 11  ? -10.070 19.803  14.566  1.00 36.50 ? 18  ALA A CB    1 
ATOM   91   N N     . HIS A 1 12  ? -11.368 18.535  11.692  1.00 41.21 ? 19  HIS A N     1 
ATOM   92   C CA    . HIS A 1 12  ? -12.265 18.809  10.581  1.00 41.97 ? 19  HIS A CA    1 
ATOM   93   C C     . HIS A 1 12  ? -12.508 17.604  9.693   1.00 41.63 ? 19  HIS A C     1 
ATOM   94   O O     . HIS A 1 12  ? -12.396 17.689  8.472   1.00 39.95 ? 19  HIS A O     1 
ATOM   95   C CB    . HIS A 1 12  ? -11.707 19.953  9.742   1.00 43.81 ? 19  HIS A CB    1 
ATOM   96   C CG    . HIS A 1 12  ? -11.536 21.228  10.510  1.00 47.73 ? 19  HIS A CG    1 
ATOM   97   N ND1   . HIS A 1 12  ? -10.375 21.539  11.189  1.00 48.76 ? 19  HIS A ND1   1 
ATOM   98   C CD2   . HIS A 1 12  ? -12.398 22.242  10.752  1.00 45.97 ? 19  HIS A CD2   1 
ATOM   99   C CE1   . HIS A 1 12  ? -10.528 22.689  11.816  1.00 48.17 ? 19  HIS A CE1   1 
ATOM   100  N NE2   . HIS A 1 12  ? -11.747 23.136  11.569  1.00 48.99 ? 19  HIS A NE2   1 
ATOM   101  N N     . CYS A 1 13  ? -12.880 16.487  10.302  1.00 42.69 ? 20  CYS A N     1 
ATOM   102  C CA    . CYS A 1 13  ? -13.107 15.271  9.537   1.00 42.78 ? 20  CYS A CA    1 
ATOM   103  C C     . CYS A 1 13  ? -14.195 14.372  10.109  1.00 44.18 ? 20  CYS A C     1 
ATOM   104  O O     . CYS A 1 13  ? -14.783 14.654  11.157  1.00 43.38 ? 20  CYS A O     1 
ATOM   105  C CB    . CYS A 1 13  ? -11.812 14.459  9.479   1.00 41.55 ? 20  CYS A CB    1 
ATOM   106  S SG    . CYS A 1 13  ? -11.410 13.680  11.066  1.00 35.10 ? 20  CYS A SG    1 
ATOM   107  N N     . HIS A 1 14  ? -14.440 13.282  9.393   1.00 45.37 ? 21  HIS A N     1 
ATOM   108  C CA    . HIS A 1 14  ? -15.395 12.273  9.801   1.00 45.43 ? 21  HIS A CA    1 
ATOM   109  C C     . HIS A 1 14  ? -14.569 11.002  10.035  1.00 45.03 ? 21  HIS A C     1 
ATOM   110  O O     . HIS A 1 14  ? -14.045 10.425  9.082   1.00 45.95 ? 21  HIS A O     1 
ATOM   111  C CB    . HIS A 1 14  ? -16.430 12.033  8.701   1.00 46.57 ? 21  HIS A CB    1 
ATOM   112  C CG    . HIS A 1 14  ? -17.322 10.858  8.972   1.00 50.91 ? 21  HIS A CG    1 
ATOM   113  N ND1   . HIS A 1 14  ? -17.669 9.942   8.000   1.00 51.65 ? 21  HIS A ND1   1 
ATOM   114  C CD2   . HIS A 1 14  ? -17.900 10.426  10.119  1.00 49.78 ? 21  HIS A CD2   1 
ATOM   115  C CE1   . HIS A 1 14  ? -18.420 8.997   8.538   1.00 51.11 ? 21  HIS A CE1   1 
ATOM   116  N NE2   . HIS A 1 14  ? -18.573 9.268   9.822   1.00 50.43 ? 21  HIS A NE2   1 
ATOM   117  N N     . ARG A 1 15  ? -14.423 10.585  11.295  1.00 45.36 ? 22  ARG A N     1 
ATOM   118  C CA    . ARG A 1 15  ? -13.659 9.375   11.602  1.00 45.29 ? 22  ARG A CA    1 
ATOM   119  C C     . ARG A 1 15  ? -14.426 8.137   11.182  1.00 46.16 ? 22  ARG A C     1 
ATOM   120  O O     . ARG A 1 15  ? -15.658 8.140   11.143  1.00 46.60 ? 22  ARG A O     1 
ATOM   121  C CB    . ARG A 1 15  ? -13.370 9.223   13.088  1.00 46.76 ? 22  ARG A CB    1 
ATOM   122  C CG    . ARG A 1 15  ? -12.403 10.193  13.684  1.00 48.75 ? 22  ARG A CG    1 
ATOM   123  C CD    . ARG A 1 15  ? -11.483 9.498   14.694  1.00 50.96 ? 22  ARG A CD    1 
ATOM   124  N NE    . ARG A 1 15  ? -12.125 8.512   15.581  1.00 51.32 ? 22  ARG A NE    1 
ATOM   125  C CZ    . ARG A 1 15  ? -13.102 8.766   16.456  1.00 50.75 ? 22  ARG A CZ    1 
ATOM   126  N NH1   . ARG A 1 15  ? -13.603 9.989   16.594  1.00 49.28 ? 22  ARG A NH1   1 
ATOM   127  N NH2   . ARG A 1 15  ? -13.562 7.788   17.227  1.00 49.97 ? 22  ARG A NH2   1 
ATOM   128  N N     . ARG A 1 16  ? -13.681 7.080   10.881  1.00 47.17 ? 23  ARG A N     1 
ATOM   129  C CA    . ARG A 1 16  ? -14.247 5.795   10.473  1.00 47.90 ? 23  ARG A CA    1 
ATOM   130  C C     . ARG A 1 16  ? -13.269 4.670   10.763  1.00 47.17 ? 23  ARG A C     1 
ATOM   131  O O     . ARG A 1 16  ? -12.067 4.806   10.529  1.00 46.13 ? 23  ARG A O     1 
ATOM   132  C CB    . ARG A 1 16  ? -14.568 5.771   8.975   1.00 50.57 ? 23  ARG A CB    1 
ATOM   133  C CG    . ARG A 1 16  ? -15.867 6.451   8.585   1.00 54.01 ? 23  ARG A CG    1 
ATOM   134  C CD    . ARG A 1 16  ? -16.635 5.578   7.597   1.00 57.21 ? 23  ARG A CD    1 
ATOM   135  N NE    . ARG A 1 16  ? -16.764 4.194   8.086   1.00 58.44 ? 23  ARG A NE    1 
ATOM   136  C CZ    . ARG A 1 16  ? -17.426 3.224   7.455   1.00 56.84 ? 23  ARG A CZ    1 
ATOM   137  N NH1   . ARG A 1 16  ? -18.038 3.458   6.292   1.00 55.23 ? 23  ARG A NH1   1 
ATOM   138  N NH2   . ARG A 1 16  ? -17.468 2.010   7.982   1.00 54.50 ? 23  ARG A NH2   1 
ATOM   139  N N     . ARG A 1 17  ? -13.781 3.569   11.303  1.00 46.38 ? 24  ARG A N     1 
ATOM   140  C CA    . ARG A 1 17  ? -12.945 2.417   11.566  1.00 45.08 ? 24  ARG A CA    1 
ATOM   141  C C     . ARG A 1 17  ? -13.353 1.417   10.499  1.00 42.95 ? 24  ARG A C     1 
ATOM   142  O O     . ARG A 1 17  ? -14.536 1.262   10.200  1.00 41.63 ? 24  ARG A O     1 
ATOM   143  C CB    . ARG A 1 17  ? -13.196 1.818   12.952  1.00 46.91 ? 24  ARG A CB    1 
ATOM   144  C CG    . ARG A 1 17  ? -12.324 0.586   13.225  1.00 52.04 ? 24  ARG A CG    1 
ATOM   145  C CD    . ARG A 1 17  ? -12.826 -0.265  14.384  1.00 56.25 ? 24  ARG A CD    1 
ATOM   146  N NE    . ARG A 1 17  ? -12.762 0.418   15.682  1.00 63.72 ? 24  ARG A NE    1 
ATOM   147  C CZ    . ARG A 1 17  ? -11.637 0.793   16.297  1.00 66.48 ? 24  ARG A CZ    1 
ATOM   148  N NH1   . ARG A 1 17  ? -10.449 0.555   15.741  1.00 66.80 ? 24  ARG A NH1   1 
ATOM   149  N NH2   . ARG A 1 17  ? -11.694 1.403   17.481  1.00 66.42 ? 24  ARG A NH2   1 
ATOM   150  N N     . TYR A 1 18  ? -12.367 0.771   9.888   1.00 41.97 ? 25  TYR A N     1 
ATOM   151  C CA    . TYR A 1 18  ? -12.630 -0.231  8.867   1.00 39.29 ? 25  TYR A CA    1 
ATOM   152  C C     . TYR A 1 18  ? -11.995 -1.512  9.333   1.00 38.93 ? 25  TYR A C     1 
ATOM   153  O O     . TYR A 1 18  ? -10.891 -1.517  9.865   1.00 40.27 ? 25  TYR A O     1 
ATOM   154  C CB    . TYR A 1 18  ? -12.036 0.184   7.534   1.00 37.19 ? 25  TYR A CB    1 
ATOM   155  C CG    . TYR A 1 18  ? -12.819 1.259   6.846   1.00 35.68 ? 25  TYR A CG    1 
ATOM   156  C CD1   . TYR A 1 18  ? -13.845 0.938   5.964   1.00 35.47 ? 25  TYR A CD1   1 
ATOM   157  C CD2   . TYR A 1 18  ? -12.541 2.611   7.083   1.00 36.22 ? 25  TYR A CD2   1 
ATOM   158  C CE1   . TYR A 1 18  ? -14.574 1.934   5.323   1.00 35.68 ? 25  TYR A CE1   1 
ATOM   159  C CE2   . TYR A 1 18  ? -13.261 3.618   6.454   1.00 34.49 ? 25  TYR A CE2   1 
ATOM   160  C CZ    . TYR A 1 18  ? -14.272 3.271   5.570   1.00 35.68 ? 25  TYR A CZ    1 
ATOM   161  O OH    . TYR A 1 18  ? -14.964 4.252   4.894   1.00 36.22 ? 25  TYR A OH    1 
ATOM   162  N N     . THR A 1 19  ? -12.713 -2.611  9.163   1.00 39.71 ? 26  THR A N     1 
ATOM   163  C CA    . THR A 1 19  ? -12.197 -3.894  9.580   1.00 39.85 ? 26  THR A CA    1 
ATOM   164  C C     . THR A 1 19  ? -11.363 -4.422  8.425   1.00 40.11 ? 26  THR A C     1 
ATOM   165  O O     . THR A 1 19  ? -11.622 -4.087  7.267   1.00 42.02 ? 26  THR A O     1 
ATOM   166  C CB    . THR A 1 19  ? -13.359 -4.834  9.940   1.00 38.98 ? 26  THR A CB    1 
ATOM   167  O OG1   . THR A 1 19  ? -14.330 -4.832  8.888   1.00 39.36 ? 26  THR A OG1   1 
ATOM   168  C CG2   . THR A 1 19  ? -14.026 -4.355  11.220  1.00 37.59 ? 26  THR A CG2   1 
ATOM   169  N N     . ALA A 1 20  ? -10.339 -5.216  8.730   1.00 38.23 ? 27  ALA A N     1 
ATOM   170  C CA    . ALA A 1 20  ? -9.475  -5.743  7.680   1.00 37.75 ? 27  ALA A CA    1 
ATOM   171  C C     . ALA A 1 20  ? -10.271 -6.297  6.513   1.00 36.29 ? 27  ALA A C     1 
ATOM   172  O O     . ALA A 1 20  ? -11.313 -6.918  6.696   1.00 34.58 ? 27  ALA A O     1 
ATOM   173  C CB    . ALA A 1 20  ? -8.545  -6.810  8.240   1.00 36.66 ? 27  ALA A CB    1 
ATOM   174  N N     . LYS A 1 21  ? -9.764  -6.031  5.316   1.00 37.32 ? 28  LYS A N     1 
ATOM   175  C CA    . LYS A 1 21  ? -10.359 -6.478  4.055   1.00 40.77 ? 28  LYS A CA    1 
ATOM   176  C C     . LYS A 1 21  ? -11.538 -5.664  3.540   1.00 37.98 ? 28  LYS A C     1 
ATOM   177  O O     . LYS A 1 21  ? -11.975 -5.849  2.403   1.00 37.79 ? 28  LYS A O     1 
ATOM   178  C CB    . LYS A 1 21  ? -10.736 -7.961  4.143   1.00 43.58 ? 28  LYS A CB    1 
ATOM   179  C CG    . LYS A 1 21  ? -9.522  -8.873  4.130   1.00 45.86 ? 28  LYS A CG    1 
ATOM   180  C CD    . LYS A 1 21  ? -9.860  -10.263 4.634   1.00 49.80 ? 28  LYS A CD    1 
ATOM   181  C CE    . LYS A 1 21  ? -8.597  -11.109 4.737   1.00 52.42 ? 28  LYS A CE    1 
ATOM   182  N NZ    . LYS A 1 21  ? -8.878  -12.457 5.313   1.00 54.23 ? 28  LYS A NZ    1 
ATOM   183  N N     . SER A 1 22  ? -12.046 -4.760  4.361   1.00 37.15 ? 29  SER A N     1 
ATOM   184  C CA    . SER A 1 22  ? -13.157 -3.922  3.938   1.00 37.40 ? 29  SER A CA    1 
ATOM   185  C C     . SER A 1 22  ? -12.672 -2.943  2.874   1.00 36.65 ? 29  SER A C     1 
ATOM   186  O O     . SER A 1 22  ? -11.534 -2.490  2.918   1.00 37.27 ? 29  SER A O     1 
ATOM   187  C CB    . SER A 1 22  ? -13.704 -3.144  5.123   1.00 37.53 ? 29  SER A CB    1 
ATOM   188  O OG    . SER A 1 22  ? -14.148 -4.027  6.131   1.00 42.83 ? 29  SER A OG    1 
ATOM   189  N N     . THR A 1 23  ? -13.535 -2.629  1.918   1.00 34.82 ? 30  THR A N     1 
ATOM   190  C CA    . THR A 1 23  ? -13.185 -1.685  0.872   1.00 35.21 ? 30  THR A CA    1 
ATOM   191  C C     . THR A 1 23  ? -13.445 -0.261  1.354   1.00 37.26 ? 30  THR A C     1 
ATOM   192  O O     . THR A 1 23  ? -14.543 0.055   1.821   1.00 37.29 ? 30  THR A O     1 
ATOM   193  C CB    . THR A 1 23  ? -14.015 -1.907  -0.379  1.00 33.31 ? 30  THR A CB    1 
ATOM   194  O OG1   . THR A 1 23  ? -13.764 -3.227  -0.876  1.00 35.61 ? 30  THR A OG1   1 
ATOM   195  C CG2   . THR A 1 23  ? -13.672 -0.871  -1.438  1.00 31.97 ? 30  THR A CG2   1 
ATOM   196  N N     . ILE A 1 24  ? -12.439 0.599   1.254   1.00 36.40 ? 31  ILE A N     1 
ATOM   197  C CA    . ILE A 1 24  ? -12.619 1.975   1.681   1.00 35.93 ? 31  ILE A CA    1 
ATOM   198  C C     . ILE A 1 24  ? -12.966 2.822   0.459   1.00 35.50 ? 31  ILE A C     1 
ATOM   199  O O     . ILE A 1 24  ? -13.767 3.746   0.545   1.00 34.79 ? 31  ILE A O     1 
ATOM   200  C CB    . ILE A 1 24  ? -11.351 2.520   2.359   1.00 34.81 ? 31  ILE A CB    1 
ATOM   201  C CG1   . ILE A 1 24  ? -11.002 1.650   3.566   1.00 33.35 ? 31  ILE A CG1   1 
ATOM   202  C CG2   . ILE A 1 24  ? -11.562 3.976   2.774   1.00 32.52 ? 31  ILE A CG2   1 
ATOM   203  C CD1   . ILE A 1 24  ? -9.672  1.995   4.213   1.00 32.02 ? 31  ILE A CD1   1 
ATOM   204  N N     . ILE A 1 25  ? -12.360 2.495   -0.678  1.00 34.96 ? 32  ILE A N     1 
ATOM   205  C CA    . ILE A 1 25  ? -12.626 3.224   -1.904  1.00 35.22 ? 32  ILE A CA    1 
ATOM   206  C C     . ILE A 1 25  ? -12.887 2.272   -3.056  1.00 36.17 ? 32  ILE A C     1 
ATOM   207  O O     . ILE A 1 25  ? -12.188 1.261   -3.226  1.00 36.19 ? 32  ILE A O     1 
ATOM   208  C CB    . ILE A 1 25  ? -11.453 4.151   -2.290  1.00 34.97 ? 32  ILE A CB    1 
ATOM   209  C CG1   . ILE A 1 25  ? -11.443 5.388   -1.390  1.00 36.15 ? 32  ILE A CG1   1 
ATOM   210  C CG2   . ILE A 1 25  ? -11.579 4.577   -3.747  1.00 34.07 ? 32  ILE A CG2   1 
ATOM   211  C CD1   . ILE A 1 25  ? -10.312 6.348   -1.676  1.00 36.13 ? 32  ILE A CD1   1 
ATOM   212  N N     . TYR A 1 26  ? -13.905 2.597   -3.844  1.00 35.37 ? 33  TYR A N     1 
ATOM   213  C CA    . TYR A 1 26  ? -14.250 1.789   -5.002  1.00 35.58 ? 33  TYR A CA    1 
ATOM   214  C C     . TYR A 1 26  ? -13.789 2.491   -6.269  1.00 34.18 ? 33  TYR A C     1 
ATOM   215  O O     . TYR A 1 26  ? -14.109 3.660   -6.504  1.00 32.89 ? 33  TYR A O     1 
ATOM   216  C CB    . TYR A 1 26  ? -15.761 1.555   -5.058  1.00 35.94 ? 33  TYR A CB    1 
ATOM   217  C CG    . TYR A 1 26  ? -16.288 0.757   -3.891  1.00 37.31 ? 33  TYR A CG    1 
ATOM   218  C CD1   . TYR A 1 26  ? -16.614 1.381   -2.685  1.00 39.62 ? 33  TYR A CD1   1 
ATOM   219  C CD2   . TYR A 1 26  ? -16.430 -0.628  -3.978  1.00 36.55 ? 33  TYR A CD2   1 
ATOM   220  C CE1   . TYR A 1 26  ? -17.068 0.637   -1.586  1.00 39.32 ? 33  TYR A CE1   1 
ATOM   221  C CE2   . TYR A 1 26  ? -16.879 -1.376  -2.896  1.00 37.85 ? 33  TYR A CE2   1 
ATOM   222  C CZ    . TYR A 1 26  ? -17.199 -0.737  -1.702  1.00 39.43 ? 33  TYR A CZ    1 
ATOM   223  O OH    . TYR A 1 26  ? -17.663 -1.458  -0.626  1.00 41.52 ? 33  TYR A OH    1 
ATOM   224  N N     . ALA A 1 27  ? -13.013 1.787   -7.084  1.00 32.46 ? 34  ALA A N     1 
ATOM   225  C CA    . ALA A 1 27  ? -12.552 2.386   -8.323  1.00 34.50 ? 34  ALA A CA    1 
ATOM   226  C C     . ALA A 1 27  ? -13.785 2.845   -9.123  1.00 36.30 ? 34  ALA A C     1 
ATOM   227  O O     . ALA A 1 27  ? -14.792 2.124   -9.217  1.00 36.83 ? 34  ALA A O     1 
ATOM   228  C CB    . ALA A 1 27  ? -11.748 1.385   -9.111  1.00 28.73 ? 34  ALA A CB    1 
ATOM   229  N N     . GLY A 1 28  ? -13.728 4.046   -9.678  1.00 36.04 ? 35  GLY A N     1 
ATOM   230  C CA    . GLY A 1 28  ? -14.853 4.522   -10.454 1.00 35.98 ? 35  GLY A CA    1 
ATOM   231  C C     . GLY A 1 28  ? -15.749 5.505   -9.736  1.00 36.64 ? 35  GLY A C     1 
ATOM   232  O O     . GLY A 1 28  ? -16.340 6.364   -10.379 1.00 37.22 ? 35  GLY A O     1 
ATOM   233  N N     . ASP A 1 29  ? -15.858 5.387   -8.416  1.00 37.96 ? 36  ASP A N     1 
ATOM   234  C CA    . ASP A 1 29  ? -16.698 6.299   -7.647  1.00 40.81 ? 36  ASP A CA    1 
ATOM   235  C C     . ASP A 1 29  ? -16.240 7.741   -7.809  1.00 44.36 ? 36  ASP A C     1 
ATOM   236  O O     . ASP A 1 29  ? -15.073 8.007   -8.089  1.00 44.59 ? 36  ASP A O     1 
ATOM   237  C CB    . ASP A 1 29  ? -16.692 5.926   -6.165  1.00 39.46 ? 36  ASP A CB    1 
ATOM   238  C CG    . ASP A 1 29  ? -17.587 4.736   -5.855  1.00 38.51 ? 36  ASP A CG    1 
ATOM   239  O OD1   . ASP A 1 29  ? -17.635 4.316   -4.673  1.00 37.67 ? 36  ASP A OD1   1 
ATOM   240  O OD2   . ASP A 1 29  ? -18.242 4.221   -6.788  1.00 35.73 ? 36  ASP A OD2   1 
ATOM   241  N N     . ARG A 1 30  ? -17.166 8.682   -7.638  1.00 48.04 ? 37  ARG A N     1 
ATOM   242  C CA    . ARG A 1 30  ? -16.816 10.083  -7.785  1.00 52.13 ? 37  ARG A CA    1 
ATOM   243  C C     . ARG A 1 30  ? -15.996 10.512  -6.576  1.00 52.45 ? 37  ARG A C     1 
ATOM   244  O O     . ARG A 1 30  ? -16.311 10.154  -5.446  1.00 51.62 ? 37  ARG A O     1 
ATOM   245  C CB    . ARG A 1 30  ? -18.076 10.951  -7.901  1.00 54.68 ? 37  ARG A CB    1 
ATOM   246  C CG    . ARG A 1 30  ? -17.900 12.199  -8.785  1.00 60.71 ? 37  ARG A CG    1 
ATOM   247  C CD    . ARG A 1 30  ? -18.356 11.944  -10.238 1.00 64.98 ? 37  ARG A CD    1 
ATOM   248  N NE    . ARG A 1 30  ? -17.936 12.997  -11.165 1.00 68.65 ? 37  ARG A NE    1 
ATOM   249  C CZ    . ARG A 1 30  ? -18.203 14.296  -11.007 1.00 70.31 ? 37  ARG A CZ    1 
ATOM   250  N NH1   . ARG A 1 30  ? -18.895 14.706  -9.953  1.00 70.82 ? 37  ARG A NH1   1 
ATOM   251  N NH2   . ARG A 1 30  ? -17.772 15.178  -11.904 1.00 70.34 ? 37  ARG A NH2   1 
ATOM   252  N N     . CYS A 1 31  ? -14.933 11.272  -6.824  1.00 53.65 ? 38  CYS A N     1 
ATOM   253  C CA    . CYS A 1 31  ? -14.060 11.758  -5.758  1.00 52.98 ? 38  CYS A CA    1 
ATOM   254  C C     . CYS A 1 31  ? -14.702 12.970  -5.111  1.00 53.30 ? 38  CYS A C     1 
ATOM   255  O O     . CYS A 1 31  ? -15.166 13.863  -5.809  1.00 54.95 ? 38  CYS A O     1 
ATOM   256  C CB    . CYS A 1 31  ? -12.711 12.178  -6.329  1.00 52.71 ? 38  CYS A CB    1 
ATOM   257  S SG    . CYS A 1 31  ? -11.879 10.935  -7.314  1.00 53.60 ? 38  CYS A SG    1 
ATOM   258  N N     . GLU A 1 32  ? -14.717 13.020  -3.786  1.00 52.36 ? 39  GLU A N     1 
ATOM   259  C CA    . GLU A 1 32  ? -15.310 14.157  -3.103  1.00 50.46 ? 39  GLU A CA    1 
ATOM   260  C C     . GLU A 1 32  ? -14.509 14.471  -1.846  1.00 48.58 ? 39  GLU A C     1 
ATOM   261  O O     . GLU A 1 32  ? -14.531 15.596  -1.346  1.00 45.97 ? 39  GLU A O     1 
ATOM   262  C CB    . GLU A 1 32  ? -16.756 13.838  -2.738  1.00 54.53 ? 39  GLU A CB    1 
ATOM   263  C CG    . GLU A 1 32  ? -17.723 15.015  -2.834  1.00 59.12 ? 39  GLU A CG    1 
ATOM   264  C CD    . GLU A 1 32  ? -18.637 14.916  -4.045  1.00 62.38 ? 39  GLU A CD    1 
ATOM   265  O OE1   . GLU A 1 32  ? -19.092 13.780  -4.339  1.00 63.91 ? 39  GLU A OE1   1 
ATOM   266  O OE2   . GLU A 1 32  ? -18.906 15.961  -4.689  1.00 63.12 ? 39  GLU A OE2   1 
ATOM   267  N N     . THR A 1 33  ? -13.787 13.472  -1.347  1.00 46.89 ? 40  THR A N     1 
ATOM   268  C CA    . THR A 1 33  ? -12.985 13.625  -0.132  1.00 43.36 ? 40  THR A CA    1 
ATOM   269  C C     . THR A 1 33  ? -11.666 12.867  -0.215  1.00 41.48 ? 40  THR A C     1 
ATOM   270  O O     . THR A 1 33  ? -11.417 12.141  -1.172  1.00 42.24 ? 40  THR A O     1 
ATOM   271  C CB    . THR A 1 33  ? -13.732 13.056  1.076   1.00 41.59 ? 40  THR A CB    1 
ATOM   272  O OG1   . THR A 1 33  ? -13.863 11.645  0.913   1.00 38.28 ? 40  THR A OG1   1 
ATOM   273  C CG2   . THR A 1 33  ? -15.110 13.660  1.184   1.00 40.64 ? 40  THR A CG2   1 
ATOM   274  N N     . LEU A 1 34  ? -10.815 13.054  0.787   1.00 39.97 ? 41  LEU A N     1 
ATOM   275  C CA    . LEU A 1 34  ? -9.556  12.326  0.865   1.00 39.07 ? 41  LEU A CA    1 
ATOM   276  C C     . LEU A 1 34  ? -9.401  11.808  2.296   1.00 39.15 ? 41  LEU A C     1 
ATOM   277  O O     . LEU A 1 34  ? -10.030 12.322  3.229   1.00 38.67 ? 41  LEU A O     1 
ATOM   278  C CB    . LEU A 1 34  ? -8.350  13.179  0.430   1.00 39.39 ? 41  LEU A CB    1 
ATOM   279  C CG    . LEU A 1 34  ? -7.837  14.470  1.070   1.00 39.43 ? 41  LEU A CG    1 
ATOM   280  C CD1   . LEU A 1 34  ? -7.408  14.250  2.512   1.00 39.84 ? 41  LEU A CD1   1 
ATOM   281  C CD2   . LEU A 1 34  ? -6.653  14.949  0.241   1.00 36.61 ? 41  LEU A CD2   1 
ATOM   282  N N     . PHE A 1 35  ? -8.575  10.785  2.469   1.00 37.17 ? 42  PHE A N     1 
ATOM   283  C CA    . PHE A 1 35  ? -8.406  10.171  3.772   1.00 32.51 ? 42  PHE A CA    1 
ATOM   284  C C     . PHE A 1 35  ? -7.022  10.279  4.370   1.00 31.96 ? 42  PHE A C     1 
ATOM   285  O O     . PHE A 1 35  ? -6.040  10.482  3.663   1.00 31.71 ? 42  PHE A O     1 
ATOM   286  C CB    . PHE A 1 35  ? -8.781  8.702   3.679   1.00 28.27 ? 42  PHE A CB    1 
ATOM   287  C CG    . PHE A 1 35  ? -10.138 8.460   3.083   1.00 28.29 ? 42  PHE A CG    1 
ATOM   288  C CD1   . PHE A 1 35  ? -11.168 7.930   3.864   1.00 26.66 ? 42  PHE A CD1   1 
ATOM   289  C CD2   . PHE A 1 35  ? -10.384 8.710   1.729   1.00 26.52 ? 42  PHE A CD2   1 
ATOM   290  C CE1   . PHE A 1 35  ? -12.418 7.650   3.308   1.00 24.52 ? 42  PHE A CE1   1 
ATOM   291  C CE2   . PHE A 1 35  ? -11.636 8.435   1.161   1.00 25.90 ? 42  PHE A CE2   1 
ATOM   292  C CZ    . PHE A 1 35  ? -12.656 7.902   1.954   1.00 23.98 ? 42  PHE A CZ    1 
ATOM   293  N N     . PHE A 1 36  ? -6.962  10.137  5.690   1.00 31.93 ? 43  PHE A N     1 
ATOM   294  C CA    . PHE A 1 36  ? -5.709  10.174  6.425   1.00 31.07 ? 43  PHE A CA    1 
ATOM   295  C C     . PHE A 1 36  ? -5.700  8.989   7.390   1.00 32.45 ? 43  PHE A C     1 
ATOM   296  O O     . PHE A 1 36  ? -6.593  8.842   8.230   1.00 33.50 ? 43  PHE A O     1 
ATOM   297  C CB    . PHE A 1 36  ? -5.575  11.494  7.182   1.00 31.12 ? 43  PHE A CB    1 
ATOM   298  C CG    . PHE A 1 36  ? -4.339  11.584  8.023   1.00 30.45 ? 43  PHE A CG    1 
ATOM   299  C CD1   . PHE A 1 36  ? -4.380  11.255  9.372   1.00 30.13 ? 43  PHE A CD1   1 
ATOM   300  C CD2   . PHE A 1 36  ? -3.123  11.953  7.456   1.00 28.61 ? 43  PHE A CD2   1 
ATOM   301  C CE1   . PHE A 1 36  ? -3.217  11.291  10.155  1.00 29.24 ? 43  PHE A CE1   1 
ATOM   302  C CE2   . PHE A 1 36  ? -1.966  11.992  8.225   1.00 27.56 ? 43  PHE A CE2   1 
ATOM   303  C CZ    . PHE A 1 36  ? -2.016  11.659  9.582   1.00 27.35 ? 43  PHE A CZ    1 
ATOM   304  N N     . ILE A 1 37  ? -4.696  8.132   7.258   1.00 32.92 ? 44  ILE A N     1 
ATOM   305  C CA    . ILE A 1 37  ? -4.602  6.946   8.097   1.00 33.02 ? 44  ILE A CA    1 
ATOM   306  C C     . ILE A 1 37  ? -4.119  7.265   9.489   1.00 32.61 ? 44  ILE A C     1 
ATOM   307  O O     . ILE A 1 37  ? -2.947  7.559   9.685   1.00 32.21 ? 44  ILE A O     1 
ATOM   308  C CB    . ILE A 1 37  ? -3.653  5.890   7.481   1.00 32.14 ? 44  ILE A CB    1 
ATOM   309  C CG1   . ILE A 1 37  ? -4.101  5.571   6.045   1.00 31.66 ? 44  ILE A CG1   1 
ATOM   310  C CG2   . ILE A 1 37  ? -3.621  4.637   8.363   1.00 28.00 ? 44  ILE A CG2   1 
ATOM   311  C CD1   . ILE A 1 37  ? -3.261  4.523   5.337   1.00 29.13 ? 44  ILE A CD1   1 
ATOM   312  N N     . ILE A 1 38  ? -5.028  7.195   10.459  1.00 34.55 ? 45  ILE A N     1 
ATOM   313  C CA    . ILE A 1 38  ? -4.680  7.461   11.860  1.00 35.96 ? 45  ILE A CA    1 
ATOM   314  C C     . ILE A 1 38  ? -3.933  6.257   12.417  1.00 35.72 ? 45  ILE A C     1 
ATOM   315  O O     . ILE A 1 38  ? -2.878  6.398   13.059  1.00 34.02 ? 45  ILE A O     1 
ATOM   316  C CB    . ILE A 1 38  ? -5.946  7.722   12.714  1.00 34.73 ? 45  ILE A CB    1 
ATOM   317  C CG1   . ILE A 1 38  ? -6.631  9.005   12.227  1.00 33.26 ? 45  ILE A CG1   1 
ATOM   318  C CG2   . ILE A 1 38  ? -5.574  7.827   14.177  1.00 32.76 ? 45  ILE A CG2   1 
ATOM   319  C CD1   . ILE A 1 38  ? -8.043  9.154   12.704  1.00 34.27 ? 45  ILE A CD1   1 
ATOM   320  N N     . LYS A 1 39  ? -4.483  5.073   12.156  1.00 35.65 ? 46  LYS A N     1 
ATOM   321  C CA    . LYS A 1 39  ? -3.859  3.843   12.597  1.00 37.72 ? 46  LYS A CA    1 
ATOM   322  C C     . LYS A 1 39  ? -4.189  2.692   11.654  1.00 37.12 ? 46  LYS A C     1 
ATOM   323  O O     . LYS A 1 39  ? -5.328  2.542   11.215  1.00 37.80 ? 46  LYS A O     1 
ATOM   324  C CB    . LYS A 1 39  ? -4.297  3.510   14.028  1.00 40.25 ? 46  LYS A CB    1 
ATOM   325  C CG    . LYS A 1 39  ? -3.676  2.227   14.565  1.00 44.13 ? 46  LYS A CG    1 
ATOM   326  C CD    . LYS A 1 39  ? -3.795  2.121   16.072  1.00 46.40 ? 46  LYS A CD    1 
ATOM   327  C CE    . LYS A 1 39  ? -3.674  0.670   16.510  1.00 47.56 ? 46  LYS A CE    1 
ATOM   328  N NZ    . LYS A 1 39  ? -4.789  -0.120  15.922  1.00 46.68 ? 46  LYS A NZ    1 
ATOM   329  N N     . GLY A 1 40  ? -3.179  1.890   11.329  1.00 37.62 ? 47  GLY A N     1 
ATOM   330  C CA    . GLY A 1 40  ? -3.394  0.753   10.449  1.00 36.96 ? 47  GLY A CA    1 
ATOM   331  C C     . GLY A 1 40  ? -2.783  0.835   9.061   1.00 36.81 ? 47  GLY A C     1 
ATOM   332  O O     . GLY A 1 40  ? -1.958  1.701   8.765   1.00 36.57 ? 47  GLY A O     1 
ATOM   333  N N     . SER A 1 41  ? -3.206  -0.086  8.194   1.00 35.79 ? 48  SER A N     1 
ATOM   334  C CA    . SER A 1 41  ? -2.702  -0.136  6.832   1.00 35.82 ? 48  SER A CA    1 
ATOM   335  C C     . SER A 1 41  ? -3.741  -0.391  5.758   1.00 34.25 ? 48  SER A C     1 
ATOM   336  O O     . SER A 1 41  ? -4.755  -1.046  6.004   1.00 33.62 ? 48  SER A O     1 
ATOM   337  C CB    . SER A 1 41  ? -1.627  -1.202  6.722   1.00 36.51 ? 48  SER A CB    1 
ATOM   338  O OG    . SER A 1 41  ? -0.369  -0.623  6.980   1.00 41.73 ? 48  SER A OG    1 
ATOM   339  N N     . VAL A 1 42  ? -3.477  0.118   4.558   1.00 31.27 ? 49  VAL A N     1 
ATOM   340  C CA    . VAL A 1 42  ? -4.394  -0.089  3.450   1.00 32.70 ? 49  VAL A CA    1 
ATOM   341  C C     . VAL A 1 42  ? -3.657  -0.629  2.229   1.00 32.09 ? 49  VAL A C     1 
ATOM   342  O O     . VAL A 1 42  ? -2.436  -0.483  2.098   1.00 30.02 ? 49  VAL A O     1 
ATOM   343  C CB    . VAL A 1 42  ? -5.164  1.218   3.045   1.00 31.78 ? 49  VAL A CB    1 
ATOM   344  C CG1   . VAL A 1 42  ? -5.842  1.814   4.255   1.00 31.92 ? 49  VAL A CG1   1 
ATOM   345  C CG2   . VAL A 1 42  ? -4.231  2.221   2.404   1.00 31.04 ? 49  VAL A CG2   1 
ATOM   346  N N     . THR A 1 43  ? -4.425  -1.249  1.340   1.00 30.90 ? 50  THR A N     1 
ATOM   347  C CA    . THR A 1 43  ? -3.904  -1.838  0.122   1.00 31.10 ? 50  THR A CA    1 
ATOM   348  C C     . THR A 1 43  ? -4.457  -1.142  -1.115  1.00 29.52 ? 50  THR A C     1 
ATOM   349  O O     . THR A 1 43  ? -5.652  -0.881  -1.207  1.00 29.31 ? 50  THR A O     1 
ATOM   350  C CB    . THR A 1 43  ? -4.295  -3.323  0.038   1.00 31.37 ? 50  THR A CB    1 
ATOM   351  O OG1   . THR A 1 43  ? -3.847  -4.004  1.221   1.00 32.06 ? 50  THR A OG1   1 
ATOM   352  C CG2   . THR A 1 43  ? -3.674  -3.965  -1.193  1.00 30.35 ? 50  THR A CG2   1 
ATOM   353  N N     . ILE A 1 44  ? -3.590  -0.830  -2.066  1.00 29.73 ? 51  ILE A N     1 
ATOM   354  C CA    . ILE A 1 44  ? -4.056  -0.209  -3.297  1.00 32.71 ? 51  ILE A CA    1 
ATOM   355  C C     . ILE A 1 44  ? -4.101  -1.315  -4.374  1.00 31.99 ? 51  ILE A C     1 
ATOM   356  O O     . ILE A 1 44  ? -3.107  -1.998  -4.636  1.00 28.26 ? 51  ILE A O     1 
ATOM   357  C CB    . ILE A 1 44  ? -3.137  0.985   -3.741  1.00 32.94 ? 51  ILE A CB    1 
ATOM   358  C CG1   . ILE A 1 44  ? -3.387  2.208   -2.850  1.00 34.21 ? 51  ILE A CG1   1 
ATOM   359  C CG2   . ILE A 1 44  ? -3.472  1.408   -5.167  1.00 33.41 ? 51  ILE A CG2   1 
ATOM   360  C CD1   . ILE A 1 44  ? -2.988  2.038   -1.414  1.00 34.90 ? 51  ILE A CD1   1 
ATOM   361  N N     . LEU A 1 45  ? -5.275  -1.503  -4.971  1.00 31.51 ? 52  LEU A N     1 
ATOM   362  C CA    . LEU A 1 45  ? -5.459  -2.531  -5.984  1.00 30.19 ? 52  LEU A CA    1 
ATOM   363  C C     . LEU A 1 45  ? -6.013  -1.983  -7.289  1.00 29.71 ? 52  LEU A C     1 
ATOM   364  O O     . LEU A 1 45  ? -6.717  -0.981  -7.318  1.00 29.27 ? 52  LEU A O     1 
ATOM   365  C CB    . LEU A 1 45  ? -6.474  -3.590  -5.525  1.00 31.13 ? 52  LEU A CB    1 
ATOM   366  C CG    . LEU A 1 45  ? -6.664  -4.278  -4.163  1.00 31.60 ? 52  LEU A CG    1 
ATOM   367  C CD1   . LEU A 1 45  ? -5.542  -5.231  -3.950  1.00 34.13 ? 52  LEU A CD1   1 
ATOM   368  C CD2   . LEU A 1 45  ? -6.787  -3.270  -3.030  1.00 30.68 ? 52  LEU A CD2   1 
ATOM   369  N N     . ILE A 1 46  ? -5.676  -2.655  -8.374  1.00 32.09 ? 53  ILE A N     1 
ATOM   370  C CA    . ILE A 1 46  ? -6.240  -2.345  -9.685  1.00 33.51 ? 53  ILE A CA    1 
ATOM   371  C C     . ILE A 1 46  ? -6.590  -3.731  -10.185 1.00 34.76 ? 53  ILE A C     1 
ATOM   372  O O     . ILE A 1 46  ? -6.124  -4.730  -9.638  1.00 31.72 ? 53  ILE A O     1 
ATOM   373  C CB    . ILE A 1 46  ? -5.266  -1.673  -10.675 1.00 30.69 ? 53  ILE A CB    1 
ATOM   374  C CG1   . ILE A 1 46  ? -4.012  -2.532  -10.879 1.00 30.95 ? 53  ILE A CG1   1 
ATOM   375  C CG2   . ILE A 1 46  ? -4.981  -0.260  -10.213 1.00 29.84 ? 53  ILE A CG2   1 
ATOM   376  C CD1   . ILE A 1 46  ? -3.207  -2.161  -12.118 1.00 27.71 ? 53  ILE A CD1   1 
ATOM   377  N N     . GLU A 1 47  ? -7.423  -3.821  -11.207 1.00 40.65 ? 54  GLU A N     1 
ATOM   378  C CA    . GLU A 1 47  ? -7.785  -5.140  -11.697 1.00 44.29 ? 54  GLU A CA    1 
ATOM   379  C C     . GLU A 1 47  ? -8.379  -5.075  -13.075 1.00 43.32 ? 54  GLU A C     1 
ATOM   380  O O     . GLU A 1 47  ? -8.832  -4.020  -13.503 1.00 43.50 ? 54  GLU A O     1 
ATOM   381  C CB    . GLU A 1 47  ? -8.779  -5.786  -10.740 1.00 45.24 ? 54  GLU A CB    1 
ATOM   382  C CG    . GLU A 1 47  ? -10.018 -4.961  -10.519 1.00 45.54 ? 54  GLU A CG    1 
ATOM   383  C CD    . GLU A 1 47  ? -10.993 -5.655  -9.598  1.00 48.25 ? 54  GLU A CD    1 
ATOM   384  O OE1   . GLU A 1 47  ? -11.433 -6.767  -9.957  1.00 51.07 ? 54  GLU A OE1   1 
ATOM   385  O OE2   . GLU A 1 47  ? -11.313 -5.098  -8.523  1.00 49.21 ? 54  GLU A OE2   1 
ATOM   386  N N     . ASP A 1 48  ? -8.358  -6.203  -13.773 1.00 44.63 ? 55  ASP A N     1 
ATOM   387  C CA    . ASP A 1 48  ? -8.927  -6.241  -15.103 1.00 48.31 ? 55  ASP A CA    1 
ATOM   388  C C     . ASP A 1 48  ? -10.349 -6.801  -15.007 1.00 48.82 ? 55  ASP A C     1 
ATOM   389  O O     . ASP A 1 48  ? -10.745 -7.344  -13.973 1.00 48.34 ? 55  ASP A O     1 
ATOM   390  C CB    . ASP A 1 48  ? -8.021  -7.040  -16.067 1.00 49.62 ? 55  ASP A CB    1 
ATOM   391  C CG    . ASP A 1 48  ? -8.069  -8.552  -15.843 1.00 52.27 ? 55  ASP A CG    1 
ATOM   392  O OD1   . ASP A 1 48  ? -8.454  -9.012  -14.745 1.00 52.09 ? 55  ASP A OD1   1 
ATOM   393  O OD2   . ASP A 1 48  ? -7.697  -9.286  -16.786 1.00 53.17 ? 55  ASP A OD2   1 
ATOM   394  N N     . ASP A 1 49  ? -11.127 -6.620  -16.073 1.00 50.77 ? 56  ASP A N     1 
ATOM   395  C CA    . ASP A 1 49  ? -12.509 -7.080  -16.106 1.00 52.45 ? 56  ASP A CA    1 
ATOM   396  C C     . ASP A 1 49  ? -12.604 -8.547  -15.679 1.00 52.67 ? 56  ASP A C     1 
ATOM   397  O O     . ASP A 1 49  ? -13.640 -9.021  -15.208 1.00 52.74 ? 56  ASP A O     1 
ATOM   398  C CB    . ASP A 1 49  ? -13.068 -6.901  -17.518 1.00 52.47 ? 56  ASP A CB    1 
ATOM   399  C CG    . ASP A 1 49  ? -14.576 -6.726  -17.534 1.00 55.95 ? 56  ASP A CG    1 
ATOM   400  O OD1   . ASP A 1 49  ? -15.062 -5.698  -17.008 1.00 56.36 ? 56  ASP A OD1   1 
ATOM   401  O OD2   . ASP A 1 49  ? -15.278 -7.615  -18.073 1.00 56.85 ? 56  ASP A OD2   1 
ATOM   402  N N     . ASP A 1 50  ? -11.485 -9.235  -15.833 1.00 52.50 ? 57  ASP A N     1 
ATOM   403  C CA    . ASP A 1 50  ? -11.330 -10.641 -15.529 1.00 53.40 ? 57  ASP A CA    1 
ATOM   404  C C     . ASP A 1 50  ? -11.421 -11.000 -14.051 1.00 53.42 ? 57  ASP A C     1 
ATOM   405  O O     . ASP A 1 50  ? -11.655 -12.157 -13.709 1.00 53.12 ? 57  ASP A O     1 
ATOM   406  C CB    . ASP A 1 50  ? -9.975  -11.095 -16.051 1.00 57.10 ? 57  ASP A CB    1 
ATOM   407  C CG    . ASP A 1 50  ? -10.029 -12.439 -16.720 1.00 61.32 ? 57  ASP A CG    1 
ATOM   408  O OD1   . ASP A 1 50  ? -8.940  -12.919 -17.115 1.00 62.17 ? 57  ASP A OD1   1 
ATOM   409  O OD2   . ASP A 1 50  ? -11.148 -13.004 -16.855 1.00 63.44 ? 57  ASP A OD2   1 
ATOM   410  N N     . GLY A 1 51  ? -11.215 -10.029 -13.170 1.00 52.80 ? 58  GLY A N     1 
ATOM   411  C CA    . GLY A 1 51  ? -11.260 -10.325 -11.750 1.00 49.30 ? 58  GLY A CA    1 
ATOM   412  C C     . GLY A 1 51  ? -9.854  -10.478 -11.191 1.00 48.62 ? 58  GLY A C     1 
ATOM   413  O O     . GLY A 1 51  ? -9.674  -10.613 -9.976  1.00 49.94 ? 58  GLY A O     1 
ATOM   414  N N     . ARG A 1 52  ? -8.852  -10.481 -12.074 1.00 45.20 ? 59  ARG A N     1 
ATOM   415  C CA    . ARG A 1 52  ? -7.458  -10.584 -11.645 1.00 41.32 ? 59  ARG A CA    1 
ATOM   416  C C     . ARG A 1 52  ? -7.142  -9.258  -10.958 1.00 40.77 ? 59  ARG A C     1 
ATOM   417  O O     . ARG A 1 52  ? -7.359  -8.193  -11.531 1.00 40.05 ? 59  ARG A O     1 
ATOM   418  C CB    . ARG A 1 52  ? -6.520  -10.766 -12.851 1.00 39.73 ? 59  ARG A CB    1 
ATOM   419  C CG    . ARG A 1 52  ? -6.378  -12.184 -13.365 1.00 35.90 ? 59  ARG A CG    1 
ATOM   420  C CD    . ARG A 1 52  ? -6.243  -12.188 -14.881 1.00 34.99 ? 59  ARG A CD    1 
ATOM   421  N NE    . ARG A 1 52  ? -4.896  -11.933 -15.373 1.00 33.64 ? 59  ARG A NE    1 
ATOM   422  C CZ    . ARG A 1 52  ? -4.624  -11.255 -16.495 1.00 36.66 ? 59  ARG A CZ    1 
ATOM   423  N NH1   . ARG A 1 52  ? -5.613  -10.763 -17.242 1.00 37.24 ? 59  ARG A NH1   1 
ATOM   424  N NH2   . ARG A 1 52  ? -3.366  -11.092 -16.903 1.00 35.15 ? 59  ARG A NH2   1 
ATOM   425  N N     . GLU A 1 53  ? -6.641  -9.313  -9.733  1.00 39.83 ? 60  GLU A N     1 
ATOM   426  C CA    . GLU A 1 53  ? -6.324  -8.094  -9.015  1.00 38.81 ? 60  GLU A CA    1 
ATOM   427  C C     . GLU A 1 53  ? -4.816  -7.920  -8.897  1.00 37.19 ? 60  GLU A C     1 
ATOM   428  O O     . GLU A 1 53  ? -4.081  -8.902  -8.801  1.00 35.95 ? 60  GLU A O     1 
ATOM   429  C CB    . GLU A 1 53  ? -6.910  -8.135  -7.608  1.00 40.83 ? 60  GLU A CB    1 
ATOM   430  C CG    . GLU A 1 53  ? -8.110  -9.043  -7.431  1.00 46.72 ? 60  GLU A CG    1 
ATOM   431  C CD    . GLU A 1 53  ? -8.603  -9.093  -5.982  1.00 49.42 ? 60  GLU A CD    1 
ATOM   432  O OE1   . GLU A 1 53  ? -7.798  -9.449  -5.079  1.00 51.49 ? 60  GLU A OE1   1 
ATOM   433  O OE2   . GLU A 1 53  ? -9.795  -8.776  -5.748  1.00 49.62 ? 60  GLU A OE2   1 
ATOM   434  N N     . MET A 1 54  ? -4.361  -6.669  -8.921  1.00 35.14 ? 61  MET A N     1 
ATOM   435  C CA    . MET A 1 54  ? -2.942  -6.378  -8.751  1.00 33.32 ? 61  MET A CA    1 
ATOM   436  C C     . MET A 1 54  ? -2.723  -5.360  -7.640  1.00 32.41 ? 61  MET A C     1 
ATOM   437  O O     . MET A 1 54  ? -3.295  -4.265  -7.649  1.00 32.90 ? 61  MET A O     1 
ATOM   438  C CB    . MET A 1 54  ? -2.289  -5.846  -10.026 1.00 31.13 ? 61  MET A CB    1 
ATOM   439  C CG    . MET A 1 54  ? -0.815  -5.522  -9.771  1.00 30.01 ? 61  MET A CG    1 
ATOM   440  S SD    . MET A 1 54  ? 0.232   -5.270  -11.205 1.00 29.44 ? 61  MET A SD    1 
ATOM   441  C CE    . MET A 1 54  ? 0.765   -6.934  -11.516 1.00 30.60 ? 61  MET A CE    1 
ATOM   442  N N     . ILE A 1 55  ? -1.898  -5.728  -6.673  1.00 30.45 ? 62  ILE A N     1 
ATOM   443  C CA    . ILE A 1 55  ? -1.606  -4.830  -5.585  1.00 32.14 ? 62  ILE A CA    1 
ATOM   444  C C     . ILE A 1 55  ? -0.520  -3.867  -6.050  1.00 34.13 ? 62  ILE A C     1 
ATOM   445  O O     . ILE A 1 55  ? 0.613   -4.266  -6.344  1.00 33.45 ? 62  ILE A O     1 
ATOM   446  C CB    . ILE A 1 55  ? -1.148  -5.590  -4.331  1.00 32.43 ? 62  ILE A CB    1 
ATOM   447  C CG1   . ILE A 1 55  ? -2.338  -6.371  -3.751  1.00 30.89 ? 62  ILE A CG1   1 
ATOM   448  C CG2   . ILE A 1 55  ? -0.571  -4.621  -3.309  1.00 31.98 ? 62  ILE A CG2   1 
ATOM   449  C CD1   . ILE A 1 55  ? -1.968  -7.347  -2.649  1.00 27.99 ? 62  ILE A CD1   1 
ATOM   450  N N     . ILE A 1 56  ? -0.914  -2.593  -6.138  1.00 34.18 ? 63  ILE A N     1 
ATOM   451  C CA    . ILE A 1 56  ? -0.053  -1.503  -6.553  1.00 31.74 ? 63  ILE A CA    1 
ATOM   452  C C     . ILE A 1 56  ? 0.853   -1.078  -5.399  1.00 32.23 ? 63  ILE A C     1 
ATOM   453  O O     . ILE A 1 56  ? 1.987   -0.656  -5.618  1.00 34.83 ? 63  ILE A O     1 
ATOM   454  C CB    . ILE A 1 56  ? -0.894  -0.294  -6.968  1.00 31.93 ? 63  ILE A CB    1 
ATOM   455  C CG1   . ILE A 1 56  ? -1.745  -0.643  -8.183  1.00 34.31 ? 63  ILE A CG1   1 
ATOM   456  C CG2   . ILE A 1 56  ? 0.003   0.868   -7.259  1.00 34.76 ? 63  ILE A CG2   1 
ATOM   457  C CD1   . ILE A 1 56  ? -0.948  -1.123  -9.386  1.00 32.58 ? 63  ILE A CD1   1 
ATOM   458  N N     . GLY A 1 57  ? 0.336   -1.173  -4.178  1.00 29.70 ? 64  GLY A N     1 
ATOM   459  C CA    . GLY A 1 57  ? 1.117   -0.805  -3.017  1.00 27.53 ? 64  GLY A CA    1 
ATOM   460  C C     . GLY A 1 57  ? 0.346   -0.806  -1.709  1.00 27.07 ? 64  GLY A C     1 
ATOM   461  O O     . GLY A 1 57  ? -0.840  -1.107  -1.672  1.00 28.11 ? 64  GLY A O     1 
ATOM   462  N N     . TYR A 1 58  ? 1.038   -0.453  -0.634  1.00 26.56 ? 65  TYR A N     1 
ATOM   463  C CA    . TYR A 1 58  ? 0.466   -0.385  0.706   1.00 27.07 ? 65  TYR A CA    1 
ATOM   464  C C     . TYR A 1 58  ? 0.794   0.978   1.301   1.00 28.12 ? 65  TYR A C     1 
ATOM   465  O O     . TYR A 1 58  ? 1.899   1.500   1.121   1.00 28.28 ? 65  TYR A O     1 
ATOM   466  C CB    . TYR A 1 58  ? 1.095   -1.423  1.634   1.00 26.48 ? 65  TYR A CB    1 
ATOM   467  C CG    . TYR A 1 58  ? 1.000   -2.869  1.215   1.00 27.99 ? 65  TYR A CG    1 
ATOM   468  C CD1   . TYR A 1 58  ? -0.222  -3.545  1.237   1.00 26.03 ? 65  TYR A CD1   1 
ATOM   469  C CD2   . TYR A 1 58  ? 2.157   -3.590  0.871   1.00 27.11 ? 65  TYR A CD2   1 
ATOM   470  C CE1   . TYR A 1 58  ? -0.294  -4.900  0.935   1.00 28.45 ? 65  TYR A CE1   1 
ATOM   471  C CE2   . TYR A 1 58  ? 2.102   -4.943  0.566   1.00 26.46 ? 65  TYR A CE2   1 
ATOM   472  C CZ    . TYR A 1 58  ? 0.874   -5.600  0.601   1.00 29.39 ? 65  TYR A CZ    1 
ATOM   473  O OH    . TYR A 1 58  ? 0.819   -6.951  0.325   1.00 25.60 ? 65  TYR A OH    1 
ATOM   474  N N     . LEU A 1 59  ? -0.158  1.552   2.023   1.00 29.75 ? 66  LEU A N     1 
ATOM   475  C CA    . LEU A 1 59  ? 0.063   2.832   2.678   1.00 27.81 ? 66  LEU A CA    1 
ATOM   476  C C     . LEU A 1 59  ? -0.173  2.550   4.149   1.00 29.21 ? 66  LEU A C     1 
ATOM   477  O O     . LEU A 1 59  ? -0.969  1.677   4.511   1.00 29.65 ? 66  LEU A O     1 
ATOM   478  C CB    . LEU A 1 59  ? -0.895  3.895   2.144   1.00 24.29 ? 66  LEU A CB    1 
ATOM   479  C CG    . LEU A 1 59  ? -0.694  4.235   0.665   1.00 21.92 ? 66  LEU A CG    1 
ATOM   480  C CD1   . LEU A 1 59  ? -1.797  5.160   0.190   1.00 24.05 ? 66  LEU A CD1   1 
ATOM   481  C CD2   . LEU A 1 59  ? 0.649   4.856   0.462   1.00 16.50 ? 66  LEU A CD2   1 
ATOM   482  N N     . ASN A 1 60  ? 0.531   3.278   5.001   1.00 31.97 ? 67  ASN A N     1 
ATOM   483  C CA    . ASN A 1 60  ? 0.428   3.054   6.433   1.00 33.24 ? 67  ASN A CA    1 
ATOM   484  C C     . ASN A 1 60  ? 0.074   4.321   7.200   1.00 32.83 ? 67  ASN A C     1 
ATOM   485  O O     . ASN A 1 60  ? -0.213  5.362   6.605   1.00 32.12 ? 67  ASN A O     1 
ATOM   486  C CB    . ASN A 1 60  ? 1.751   2.444   6.911   1.00 34.90 ? 67  ASN A CB    1 
ATOM   487  C CG    . ASN A 1 60  ? 2.155   1.203   6.084   1.00 37.02 ? 67  ASN A CG    1 
ATOM   488  O OD1   . ASN A 1 60  ? 1.759   0.084   6.395   1.00 35.70 ? 67  ASN A OD1   1 
ATOM   489  N ND2   . ASN A 1 60  ? 2.932   1.409   5.017   1.00 36.55 ? 67  ASN A ND2   1 
ATOM   490  N N     . SER A 1 61  ? 0.079   4.225   8.526   1.00 34.88 ? 68  SER A N     1 
ATOM   491  C CA    . SER A 1 61  ? -0.261  5.348   9.404   1.00 34.02 ? 68  SER A CA    1 
ATOM   492  C C     . SER A 1 61  ? 0.473   6.630   9.005   1.00 34.44 ? 68  SER A C     1 
ATOM   493  O O     . SER A 1 61  ? 1.682   6.624   8.743   1.00 34.84 ? 68  SER A O     1 
ATOM   494  C CB    . SER A 1 61  ? 0.076   4.993   10.850  1.00 33.38 ? 68  SER A CB    1 
ATOM   495  O OG    . SER A 1 61  ? -0.134  3.610   11.072  1.00 37.22 ? 68  SER A OG    1 
ATOM   496  N N     . GLY A 1 62  ? -0.258  7.734   8.963   1.00 32.37 ? 69  GLY A N     1 
ATOM   497  C CA    . GLY A 1 62  ? 0.362   8.984   8.595   1.00 31.45 ? 69  GLY A CA    1 
ATOM   498  C C     . GLY A 1 62  ? 0.257   9.268   7.115   1.00 32.95 ? 69  GLY A C     1 
ATOM   499  O O     . GLY A 1 62  ? 0.690   10.322  6.658   1.00 33.45 ? 69  GLY A O     1 
ATOM   500  N N     . ASP A 1 63  ? -0.327  8.344   6.353   1.00 33.97 ? 70  ASP A N     1 
ATOM   501  C CA    . ASP A 1 63  ? -0.464  8.561   4.919   1.00 34.28 ? 70  ASP A CA    1 
ATOM   502  C C     . ASP A 1 63  ? -1.824  9.111   4.529   1.00 33.20 ? 70  ASP A C     1 
ATOM   503  O O     . ASP A 1 63  ? -2.804  8.956   5.256   1.00 34.32 ? 70  ASP A O     1 
ATOM   504  C CB    . ASP A 1 63  ? -0.241  7.254   4.134   1.00 34.89 ? 70  ASP A CB    1 
ATOM   505  C CG    . ASP A 1 63  ? 1.221   6.877   4.020   1.00 35.41 ? 70  ASP A CG    1 
ATOM   506  O OD1   . ASP A 1 63  ? 2.064   7.785   3.854   1.00 34.33 ? 70  ASP A OD1   1 
ATOM   507  O OD2   . ASP A 1 63  ? 1.522   5.666   4.080   1.00 35.61 ? 70  ASP A OD2   1 
ATOM   508  N N     . PHE A 1 64  ? -1.869  9.755   3.372   1.00 32.85 ? 71  PHE A N     1 
ATOM   509  C CA    . PHE A 1 64  ? -3.112  10.277  2.823   1.00 31.82 ? 71  PHE A CA    1 
ATOM   510  C C     . PHE A 1 64  ? -3.416  9.408   1.612   1.00 30.60 ? 71  PHE A C     1 
ATOM   511  O O     . PHE A 1 64  ? -2.499  8.961   0.925   1.00 30.32 ? 71  PHE A O     1 
ATOM   512  C CB    . PHE A 1 64  ? -2.948  11.708  2.306   1.00 33.88 ? 71  PHE A CB    1 
ATOM   513  C CG    . PHE A 1 64  ? -2.872  12.756  3.378   1.00 34.88 ? 71  PHE A CG    1 
ATOM   514  C CD1   . PHE A 1 64  ? -4.010  13.133  4.083   1.00 35.07 ? 71  PHE A CD1   1 
ATOM   515  C CD2   . PHE A 1 64  ? -1.659  13.372  3.673   1.00 34.88 ? 71  PHE A CD2   1 
ATOM   516  C CE1   . PHE A 1 64  ? -3.942  14.105  5.062   1.00 34.93 ? 71  PHE A CE1   1 
ATOM   517  C CE2   . PHE A 1 64  ? -1.579  14.341  4.646   1.00 35.95 ? 71  PHE A CE2   1 
ATOM   518  C CZ    . PHE A 1 64  ? -2.723  14.713  5.346   1.00 36.10 ? 71  PHE A CZ    1 
ATOM   519  N N     . PHE A 1 65  ? -4.691  9.159   1.352   1.00 29.60 ? 72  PHE A N     1 
ATOM   520  C CA    . PHE A 1 65  ? -5.064  8.408   0.165   1.00 30.02 ? 72  PHE A CA    1 
ATOM   521  C C     . PHE A 1 65  ? -6.395  8.962   -0.304  1.00 29.96 ? 72  PHE A C     1 
ATOM   522  O O     . PHE A 1 65  ? -7.098  9.606   0.457   1.00 29.55 ? 72  PHE A O     1 
ATOM   523  C CB    . PHE A 1 65  ? -5.093  6.892   0.428   1.00 29.07 ? 72  PHE A CB    1 
ATOM   524  C CG    . PHE A 1 65  ? -6.174  6.438   1.358   1.00 28.48 ? 72  PHE A CG    1 
ATOM   525  C CD1   . PHE A 1 65  ? -7.477  6.263   0.898   1.00 28.55 ? 72  PHE A CD1   1 
ATOM   526  C CD2   . PHE A 1 65  ? -5.872  6.105   2.673   1.00 27.27 ? 72  PHE A CD2   1 
ATOM   527  C CE1   . PHE A 1 65  ? -8.460  5.750   1.723   1.00 27.26 ? 72  PHE A CE1   1 
ATOM   528  C CE2   . PHE A 1 65  ? -6.845  5.592   3.507   1.00 28.01 ? 72  PHE A CE2   1 
ATOM   529  C CZ    . PHE A 1 65  ? -8.146  5.411   3.029   1.00 29.12 ? 72  PHE A CZ    1 
ATOM   530  N N     . GLY A 1 66  ? -6.718  8.746   -1.574  1.00 32.98 ? 73  GLY A N     1 
ATOM   531  C CA    . GLY A 1 66  ? -7.945  9.292   -2.118  1.00 33.66 ? 73  GLY A CA    1 
ATOM   532  C C     . GLY A 1 66  ? -7.669  10.762  -2.411  1.00 35.44 ? 73  GLY A C     1 
ATOM   533  O O     . GLY A 1 66  ? -8.563  11.599  -2.344  1.00 37.49 ? 73  GLY A O     1 
ATOM   534  N N     . GLU A 1 67  ? -6.421  11.072  -2.752  1.00 34.40 ? 74  GLU A N     1 
ATOM   535  C CA    . GLU A 1 67  ? -6.036  12.448  -3.016  1.00 35.41 ? 74  GLU A CA    1 
ATOM   536  C C     . GLU A 1 67  ? -5.869  12.808  -4.483  1.00 36.59 ? 74  GLU A C     1 
ATOM   537  O O     . GLU A 1 67  ? -5.626  13.965  -4.820  1.00 35.09 ? 74  GLU A O     1 
ATOM   538  C CB    . GLU A 1 67  ? -4.723  12.768  -2.291  1.00 35.74 ? 74  GLU A CB    1 
ATOM   539  C CG    . GLU A 1 67  ? -3.444  12.318  -3.006  1.00 34.86 ? 74  GLU A CG    1 
ATOM   540  C CD    . GLU A 1 67  ? -3.224  10.810  -2.998  1.00 34.12 ? 74  GLU A CD    1 
ATOM   541  O OE1   . GLU A 1 67  ? -3.933  10.083  -2.273  1.00 30.55 ? 74  GLU A OE1   1 
ATOM   542  O OE2   . GLU A 1 67  ? -2.315  10.356  -3.723  1.00 35.34 ? 74  GLU A OE2   1 
ATOM   543  N N     . LEU A 1 68  ? -5.997  11.824  -5.362  1.00 37.60 ? 75  LEU A N     1 
ATOM   544  C CA    . LEU A 1 68  ? -5.804  12.095  -6.775  1.00 39.64 ? 75  LEU A CA    1 
ATOM   545  C C     . LEU A 1 68  ? -6.916  12.901  -7.447  1.00 42.31 ? 75  LEU A C     1 
ATOM   546  O O     . LEU A 1 68  ? -6.695  13.527  -8.497  1.00 42.45 ? 75  LEU A O     1 
ATOM   547  C CB    . LEU A 1 68  ? -5.550  10.782  -7.520  1.00 37.31 ? 75  LEU A CB    1 
ATOM   548  C CG    . LEU A 1 68  ? -4.323  10.040  -6.988  1.00 34.97 ? 75  LEU A CG    1 
ATOM   549  C CD1   . LEU A 1 68  ? -4.059  8.842   -7.859  1.00 35.83 ? 75  LEU A CD1   1 
ATOM   550  C CD2   . LEU A 1 68  ? -3.105  10.964  -6.971  1.00 35.29 ? 75  LEU A CD2   1 
ATOM   551  N N     . GLY A 1 69  ? -8.103  12.907  -6.842  1.00 43.88 ? 76  GLY A N     1 
ATOM   552  C CA    . GLY A 1 69  ? -9.206  13.660  -7.419  1.00 45.32 ? 76  GLY A CA    1 
ATOM   553  C C     . GLY A 1 69  ? -9.294  15.065  -6.840  1.00 45.00 ? 76  GLY A C     1 
ATOM   554  O O     . GLY A 1 69  ? -10.198 15.822  -7.169  1.00 44.04 ? 76  GLY A O     1 
ATOM   555  N N     . LEU A 1 70  ? -8.336  15.405  -5.988  1.00 45.97 ? 77  LEU A N     1 
ATOM   556  C CA    . LEU A 1 70  ? -8.305  16.701  -5.326  1.00 46.72 ? 77  LEU A CA    1 
ATOM   557  C C     . LEU A 1 70  ? -8.104  17.896  -6.224  1.00 49.51 ? 77  LEU A C     1 
ATOM   558  O O     . LEU A 1 70  ? -8.967  18.762  -6.323  1.00 51.51 ? 77  LEU A O     1 
ATOM   559  C CB    . LEU A 1 70  ? -7.214  16.727  -4.261  1.00 43.75 ? 77  LEU A CB    1 
ATOM   560  C CG    . LEU A 1 70  ? -6.964  18.107  -3.658  1.00 43.32 ? 77  LEU A CG    1 
ATOM   561  C CD1   . LEU A 1 70  ? -8.190  18.542  -2.899  1.00 44.62 ? 77  LEU A CD1   1 
ATOM   562  C CD2   . LEU A 1 70  ? -5.761  18.078  -2.730  1.00 42.48 ? 77  LEU A CD2   1 
ATOM   563  N N     . PHE A 1 71  ? -6.948  17.935  -6.873  1.00 53.04 ? 78  PHE A N     1 
ATOM   564  C CA    . PHE A 1 71  ? -6.556  19.044  -7.740  1.00 54.71 ? 78  PHE A CA    1 
ATOM   565  C C     . PHE A 1 71  ? -7.508  19.381  -8.883  1.00 57.56 ? 78  PHE A C     1 
ATOM   566  O O     . PHE A 1 71  ? -7.566  20.535  -9.315  1.00 58.26 ? 78  PHE A O     1 
ATOM   567  C CB    . PHE A 1 71  ? -5.156  18.759  -8.256  1.00 51.02 ? 78  PHE A CB    1 
ATOM   568  C CG    . PHE A 1 71  ? -4.225  18.305  -7.178  1.00 47.72 ? 78  PHE A CG    1 
ATOM   569  C CD1   . PHE A 1 71  ? -3.561  19.226  -6.374  1.00 45.81 ? 78  PHE A CD1   1 
ATOM   570  C CD2   . PHE A 1 71  ? -4.067  16.949  -6.917  1.00 46.27 ? 78  PHE A CD2   1 
ATOM   571  C CE1   . PHE A 1 71  ? -2.743  18.806  -5.317  1.00 45.20 ? 78  PHE A CE1   1 
ATOM   572  C CE2   . PHE A 1 71  ? -3.260  16.519  -5.870  1.00 46.01 ? 78  PHE A CE2   1 
ATOM   573  C CZ    . PHE A 1 71  ? -2.591  17.452  -5.064  1.00 44.39 ? 78  PHE A CZ    1 
ATOM   574  N N     . GLU A 1 72  ? -8.256  18.391  -9.360  1.00 59.60 ? 79  GLU A N     1 
ATOM   575  C CA    . GLU A 1 72  ? -9.213  18.605  -10.443 1.00 60.31 ? 79  GLU A CA    1 
ATOM   576  C C     . GLU A 1 72  ? -10.515 19.249  -9.972  1.00 59.12 ? 79  GLU A C     1 
ATOM   577  O O     . GLU A 1 72  ? -10.509 20.141  -9.126  1.00 59.46 ? 79  GLU A O     1 
ATOM   578  C CB    . GLU A 1 72  ? -9.523  17.278  -11.139 1.00 62.87 ? 79  GLU A CB    1 
ATOM   579  C CG    . GLU A 1 72  ? -8.494  16.867  -12.166 1.00 65.29 ? 79  GLU A CG    1 
ATOM   580  C CD    . GLU A 1 72  ? -8.300  17.922  -13.244 1.00 68.96 ? 79  GLU A CD    1 
ATOM   581  O OE1   . GLU A 1 72  ? -7.570  17.643  -14.224 1.00 69.83 ? 79  GLU A OE1   1 
ATOM   582  O OE2   . GLU A 1 72  ? -8.874  19.033  -13.108 1.00 70.00 ? 79  GLU A OE2   1 
ATOM   583  N N     . GLN A 1 78  ? -13.260 14.067  -11.655 1.00 56.55 ? 85  GLN A N     1 
ATOM   584  C CA    . GLN A 1 78  ? -12.395 12.907  -11.453 1.00 56.22 ? 85  GLN A CA    1 
ATOM   585  C C     . GLN A 1 78  ? -13.105 11.783  -10.719 1.00 54.44 ? 85  GLN A C     1 
ATOM   586  O O     . GLN A 1 78  ? -14.009 12.029  -9.921  1.00 56.16 ? 85  GLN A O     1 
ATOM   587  C CB    . GLN A 1 78  ? -11.139 13.296  -10.658 1.00 58.81 ? 85  GLN A CB    1 
ATOM   588  C CG    . GLN A 1 78  ? -10.091 14.054  -11.474 1.00 62.21 ? 85  GLN A CG    1 
ATOM   589  C CD    . GLN A 1 78  ? -9.619  13.262  -12.694 1.00 64.00 ? 85  GLN A CD    1 
ATOM   590  O OE1   . GLN A 1 78  ? -9.363  13.832  -13.762 1.00 64.87 ? 85  GLN A OE1   1 
ATOM   591  N NE2   . GLN A 1 78  ? -9.498  11.946  -12.536 1.00 64.22 ? 85  GLN A NE2   1 
ATOM   592  N N     . GLU A 1 79  ? -12.702 10.546  -10.994 1.00 51.55 ? 86  GLU A N     1 
ATOM   593  C CA    . GLU A 1 79  ? -13.284 9.399   -10.307 1.00 49.08 ? 86  GLU A CA    1 
ATOM   594  C C     . GLU A 1 79  ? -12.159 8.536   -9.739  1.00 45.32 ? 86  GLU A C     1 
ATOM   595  O O     . GLU A 1 79  ? -11.089 8.442   -10.329 1.00 45.74 ? 86  GLU A O     1 
ATOM   596  C CB    . GLU A 1 79  ? -14.194 8.594   -11.243 1.00 49.66 ? 86  GLU A CB    1 
ATOM   597  C CG    . GLU A 1 79  ? -13.565 8.095   -12.525 1.00 54.74 ? 86  GLU A CG    1 
ATOM   598  C CD    . GLU A 1 79  ? -14.601 7.475   -13.459 1.00 58.46 ? 86  GLU A CD    1 
ATOM   599  O OE1   . GLU A 1 79  ? -14.521 6.251   -13.722 1.00 58.20 ? 86  GLU A OE1   1 
ATOM   600  O OE2   . GLU A 1 79  ? -15.502 8.211   -13.926 1.00 59.74 ? 86  GLU A OE2   1 
ATOM   601  N N     . ARG A 1 80  ? -12.394 7.947   -8.569  1.00 42.35 ? 87  ARG A N     1 
ATOM   602  C CA    . ARG A 1 80  ? -11.401 7.111   -7.896  1.00 38.88 ? 87  ARG A CA    1 
ATOM   603  C C     . ARG A 1 80  ? -10.608 6.250   -8.878  1.00 37.07 ? 87  ARG A C     1 
ATOM   604  O O     . ARG A 1 80  ? -11.171 5.417   -9.599  1.00 36.68 ? 87  ARG A O     1 
ATOM   605  C CB    . ARG A 1 80  ? -12.087 6.237   -6.846  1.00 38.35 ? 87  ARG A CB    1 
ATOM   606  C CG    . ARG A 1 80  ? -12.875 7.021   -5.791  1.00 38.30 ? 87  ARG A CG    1 
ATOM   607  C CD    . ARG A 1 80  ? -12.021 8.048   -5.061  1.00 37.77 ? 87  ARG A CD    1 
ATOM   608  N NE    . ARG A 1 80  ? -12.661 8.526   -3.837  1.00 39.17 ? 87  ARG A NE    1 
ATOM   609  C CZ    . ARG A 1 80  ? -12.171 9.488   -3.055  1.00 38.98 ? 87  ARG A CZ    1 
ATOM   610  N NH1   . ARG A 1 80  ? -12.819 9.847   -1.958  1.00 38.98 ? 87  ARG A NH1   1 
ATOM   611  N NH2   . ARG A 1 80  ? -11.037 10.097  -3.375  1.00 39.53 ? 87  ARG A NH2   1 
ATOM   612  N N     . SER A 1 81  ? -9.293  6.452   -8.889  1.00 34.62 ? 88  SER A N     1 
ATOM   613  C CA    . SER A 1 81  ? -8.388  5.756   -9.809  1.00 32.73 ? 88  SER A CA    1 
ATOM   614  C C     . SER A 1 81  ? -8.017  4.323   -9.487  1.00 31.10 ? 88  SER A C     1 
ATOM   615  O O     . SER A 1 81  ? -7.493  3.623   -10.334 1.00 30.56 ? 88  SER A O     1 
ATOM   616  C CB    . SER A 1 81  ? -7.094  6.549   -9.961  1.00 32.11 ? 88  SER A CB    1 
ATOM   617  O OG    . SER A 1 81  ? -6.376  6.583   -8.741  1.00 31.48 ? 88  SER A OG    1 
ATOM   618  N N     . ALA A 1 82  ? -8.264  3.887   -8.268  1.00 32.37 ? 89  ALA A N     1 
ATOM   619  C CA    . ALA A 1 82  ? -7.925  2.531   -7.893  1.00 33.21 ? 89  ALA A CA    1 
ATOM   620  C C     . ALA A 1 82  ? -8.722  2.125   -6.673  1.00 35.58 ? 89  ALA A C     1 
ATOM   621  O O     . ALA A 1 82  ? -9.417  2.957   -6.080  1.00 37.35 ? 89  ALA A O     1 
ATOM   622  C CB    . ALA A 1 82  ? -6.439  2.442   -7.603  1.00 33.21 ? 89  ALA A CB    1 
ATOM   623  N N     . TRP A 1 83  ? -8.631  0.854   -6.298  1.00 35.58 ? 90  TRP A N     1 
ATOM   624  C CA    . TRP A 1 83  ? -9.328  0.356   -5.124  1.00 35.29 ? 90  TRP A CA    1 
ATOM   625  C C     . TRP A 1 83  ? -8.450  0.503   -3.909  1.00 34.49 ? 90  TRP A C     1 
ATOM   626  O O     . TRP A 1 83  ? -7.246  0.243   -3.977  1.00 34.70 ? 90  TRP A O     1 
ATOM   627  C CB    . TRP A 1 83  ? -9.678  -1.112  -5.286  1.00 39.48 ? 90  TRP A CB    1 
ATOM   628  C CG    . TRP A 1 83  ? -10.993 -1.345  -5.913  1.00 46.65 ? 90  TRP A CG    1 
ATOM   629  C CD1   . TRP A 1 83  ? -12.215 -1.341  -5.295  1.00 48.69 ? 90  TRP A CD1   1 
ATOM   630  C CD2   . TRP A 1 83  ? -11.240 -1.609  -7.297  1.00 48.99 ? 90  TRP A CD2   1 
ATOM   631  N NE1   . TRP A 1 83  ? -13.214 -1.593  -6.215  1.00 49.91 ? 90  TRP A NE1   1 
ATOM   632  C CE2   . TRP A 1 83  ? -12.643 -1.766  -7.451  1.00 49.84 ? 90  TRP A CE2   1 
ATOM   633  C CE3   . TRP A 1 83  ? -10.415 -1.734  -8.421  1.00 48.62 ? 90  TRP A CE3   1 
ATOM   634  C CZ2   . TRP A 1 83  ? -13.236 -2.040  -8.687  1.00 50.22 ? 90  TRP A CZ2   1 
ATOM   635  C CZ3   . TRP A 1 83  ? -11.005 -2.006  -9.653  1.00 51.63 ? 90  TRP A CZ3   1 
ATOM   636  C CH2   . TRP A 1 83  ? -12.407 -2.156  -9.775  1.00 51.08 ? 90  TRP A CH2   1 
ATOM   637  N N     . VAL A 1 84  ? -9.046  0.930   -2.805  1.00 33.09 ? 91  VAL A N     1 
ATOM   638  C CA    . VAL A 1 84  ? -8.309  1.057   -1.559  1.00 31.73 ? 91  VAL A CA    1 
ATOM   639  C C     . VAL A 1 84  ? -9.055  0.204   -0.565  1.00 31.02 ? 91  VAL A C     1 
ATOM   640  O O     . VAL A 1 84  ? -10.225 0.442   -0.263  1.00 30.06 ? 91  VAL A O     1 
ATOM   641  C CB    . VAL A 1 84  ? -8.234  2.504   -1.061  1.00 32.02 ? 91  VAL A CB    1 
ATOM   642  C CG1   . VAL A 1 84  ? -7.514  2.546   0.288   1.00 30.90 ? 91  VAL A CG1   1 
ATOM   643  C CG2   . VAL A 1 84  ? -7.489  3.355   -2.066  1.00 29.31 ? 91  VAL A CG2   1 
ATOM   644  N N     . ARG A 1 85  ? -8.356  -0.805  -0.071  1.00 32.71 ? 92  ARG A N     1 
ATOM   645  C CA    . ARG A 1 85  ? -8.910  -1.773  0.855   1.00 34.05 ? 92  ARG A CA    1 
ATOM   646  C C     . ARG A 1 85  ? -8.064  -1.820  2.129   1.00 34.60 ? 92  ARG A C     1 
ATOM   647  O O     . ARG A 1 85  ? -6.847  -1.651  2.082   1.00 34.73 ? 92  ARG A O     1 
ATOM   648  C CB    . ARG A 1 85  ? -8.904  -3.129  0.154   1.00 34.82 ? 92  ARG A CB    1 
ATOM   649  C CG    . ARG A 1 85  ? -9.602  -4.238  0.871   1.00 41.06 ? 92  ARG A CG    1 
ATOM   650  C CD    . ARG A 1 85  ? -8.959  -5.573  0.509   1.00 45.84 ? 92  ARG A CD    1 
ATOM   651  N NE    . ARG A 1 85  ? -9.224  -5.991  -0.869  1.00 49.61 ? 92  ARG A NE    1 
ATOM   652  C CZ    . ARG A 1 85  ? -8.569  -6.975  -1.492  1.00 50.64 ? 92  ARG A CZ    1 
ATOM   653  N NH1   . ARG A 1 85  ? -8.887  -7.290  -2.745  1.00 50.09 ? 92  ARG A NH1   1 
ATOM   654  N NH2   . ARG A 1 85  ? -7.584  -7.626  -0.869  1.00 49.50 ? 92  ARG A NH2   1 
ATOM   655  N N     . ALA A 1 86  ? -8.702  -2.061  3.267   1.00 35.14 ? 93  ALA A N     1 
ATOM   656  C CA    . ALA A 1 86  ? -7.991  -2.126  4.545   1.00 35.75 ? 93  ALA A CA    1 
ATOM   657  C C     . ALA A 1 86  ? -7.226  -3.436  4.696   1.00 37.21 ? 93  ALA A C     1 
ATOM   658  O O     . ALA A 1 86  ? -7.825  -4.514  4.685   1.00 36.59 ? 93  ALA A O     1 
ATOM   659  C CB    . ALA A 1 86  ? -8.973  -1.972  5.710   1.00 32.92 ? 93  ALA A CB    1 
ATOM   660  N N     . LYS A 1 87  ? -5.905  -3.338  4.838   1.00 37.32 ? 94  LYS A N     1 
ATOM   661  C CA    . LYS A 1 87  ? -5.070  -4.518  5.010   1.00 37.13 ? 94  LYS A CA    1 
ATOM   662  C C     . LYS A 1 87  ? -5.315  -5.080  6.421   1.00 39.92 ? 94  LYS A C     1 
ATOM   663  O O     . LYS A 1 87  ? -5.463  -6.295  6.611   1.00 40.10 ? 94  LYS A O     1 
ATOM   664  C CB    . LYS A 1 87  ? -3.605  -4.142  4.837   1.00 34.89 ? 94  LYS A CB    1 
ATOM   665  C CG    . LYS A 1 87  ? -2.669  -5.325  4.728   1.00 35.34 ? 94  LYS A CG    1 
ATOM   666  C CD    . LYS A 1 87  ? -1.233  -4.855  4.719   1.00 36.77 ? 94  LYS A CD    1 
ATOM   667  C CE    . LYS A 1 87  ? -0.246  -5.980  4.505   1.00 35.07 ? 94  LYS A CE    1 
ATOM   668  N NZ    . LYS A 1 87  ? 1.157   -5.467  4.614   1.00 37.71 ? 94  LYS A NZ    1 
ATOM   669  N N     . VAL A 1 88  ? -5.366  -4.184  7.404   1.00 41.40 ? 95  VAL A N     1 
ATOM   670  C CA    . VAL A 1 88  ? -5.618  -4.551  8.797   1.00 40.69 ? 95  VAL A CA    1 
ATOM   671  C C     . VAL A 1 88  ? -6.673  -3.585  9.317   1.00 40.64 ? 95  VAL A C     1 
ATOM   672  O O     . VAL A 1 88  ? -7.145  -2.748  8.562   1.00 41.40 ? 95  VAL A O     1 
ATOM   673  C CB    . VAL A 1 88  ? -4.328  -4.452  9.646   1.00 38.00 ? 95  VAL A CB    1 
ATOM   674  C CG1   . VAL A 1 88  ? -3.300  -5.433  9.115   1.00 36.08 ? 95  VAL A CG1   1 
ATOM   675  C CG2   . VAL A 1 88  ? -3.785  -3.043  9.617   1.00 35.64 ? 95  VAL A CG2   1 
ATOM   676  N N     . GLU A 1 89  ? -7.061  -3.698  10.578  1.00 42.35 ? 96  GLU A N     1 
ATOM   677  C CA    . GLU A 1 89  ? -8.065  -2.782  11.103  1.00 45.06 ? 96  GLU A CA    1 
ATOM   678  C C     . GLU A 1 89  ? -7.572  -1.325  10.972  1.00 47.09 ? 96  GLU A C     1 
ATOM   679  O O     . GLU A 1 89  ? -6.452  -0.987  11.382  1.00 47.56 ? 96  GLU A O     1 
ATOM   680  C CB    . GLU A 1 89  ? -8.367  -3.097  12.560  1.00 47.43 ? 96  GLU A CB    1 
ATOM   681  C CG    . GLU A 1 89  ? -9.781  -2.713  12.959  1.00 51.64 ? 96  GLU A CG    1 
ATOM   682  C CD    . GLU A 1 89  ? -9.989  -2.734  14.455  1.00 54.15 ? 96  GLU A CD    1 
ATOM   683  O OE1   . GLU A 1 89  ? -9.403  -1.858  15.138  1.00 54.67 ? 96  GLU A OE1   1 
ATOM   684  O OE2   . GLU A 1 89  ? -10.727 -3.626  14.941  1.00 52.85 ? 96  GLU A OE2   1 
ATOM   685  N N     . CYS A 1 90  ? -8.422  -0.467  10.426  1.00 46.27 ? 97  CYS A N     1 
ATOM   686  C CA    . CYS A 1 90  ? -8.064  0.928   10.189  1.00 45.17 ? 97  CYS A CA    1 
ATOM   687  C C     . CYS A 1 90  ? -8.847  2.033   10.857  1.00 45.47 ? 97  CYS A C     1 
ATOM   688  O O     . CYS A 1 90  ? -10.073 2.078   10.760  1.00 44.78 ? 97  CYS A O     1 
ATOM   689  C CB    . CYS A 1 90  ? -8.145  1.231   8.703   1.00 45.98 ? 97  CYS A CB    1 
ATOM   690  S SG    . CYS A 1 90  ? -6.883  0.531   7.724   1.00 49.40 ? 97  CYS A SG    1 
ATOM   691  N N     . GLU A 1 91  ? -8.131  2.948   11.505  1.00 45.39 ? 98  GLU A N     1 
ATOM   692  C CA    . GLU A 1 91  ? -8.776  4.113   12.084  1.00 46.11 ? 98  GLU A CA    1 
ATOM   693  C C     . GLU A 1 91  ? -8.435  5.123   10.991  1.00 42.69 ? 98  GLU A C     1 
ATOM   694  O O     . GLU A 1 91  ? -7.266  5.400   10.734  1.00 41.17 ? 98  GLU A O     1 
ATOM   695  C CB    . GLU A 1 91  ? -8.163  4.525   13.432  1.00 50.75 ? 98  GLU A CB    1 
ATOM   696  C CG    . GLU A 1 91  ? -8.917  5.702   14.092  1.00 57.99 ? 98  GLU A CG    1 
ATOM   697  C CD    . GLU A 1 91  ? -10.356 5.352   14.520  1.00 64.10 ? 98  GLU A CD    1 
ATOM   698  O OE1   . GLU A 1 91  ? -11.206 6.293   14.596  1.00 62.81 ? 98  GLU A OE1   1 
ATOM   699  O OE2   . GLU A 1 91  ? -10.621 4.141   14.792  1.00 65.47 ? 98  GLU A OE2   1 
ATOM   700  N N     . VAL A 1 92  ? -9.463  5.636   10.330  1.00 40.53 ? 99  VAL A N     1 
ATOM   701  C CA    . VAL A 1 92  ? -9.293  6.561   9.216   1.00 39.52 ? 99  VAL A CA    1 
ATOM   702  C C     . VAL A 1 92  ? -10.047 7.886   9.391   1.00 39.09 ? 99  VAL A C     1 
ATOM   703  O O     . VAL A 1 92  ? -11.152 7.911   9.923   1.00 40.13 ? 99  VAL A O     1 
ATOM   704  C CB    . VAL A 1 92  ? -9.765  5.857   7.899   1.00 38.53 ? 99  VAL A CB    1 
ATOM   705  C CG1   . VAL A 1 92  ? -10.529 6.812   7.007   1.00 37.49 ? 99  VAL A CG1   1 
ATOM   706  C CG2   . VAL A 1 92  ? -8.575  5.283   7.169   1.00 38.05 ? 99  VAL A CG2   1 
ATOM   707  N N     . ALA A 1 93  ? -9.452  8.980   8.933   1.00 38.90 ? 100 ALA A N     1 
ATOM   708  C CA    . ALA A 1 93  ? -10.096 10.295  9.019   1.00 37.09 ? 100 ALA A CA    1 
ATOM   709  C C     . ALA A 1 93  ? -10.430 10.806  7.621   1.00 38.52 ? 100 ALA A C     1 
ATOM   710  O O     . ALA A 1 93  ? -9.526  11.062  6.809   1.00 37.87 ? 100 ALA A O     1 
ATOM   711  C CB    . ALA A 1 93  ? -9.179  11.287  9.720   1.00 36.92 ? 100 ALA A CB    1 
ATOM   712  N N     . GLU A 1 94  ? -11.725 10.944  7.330   1.00 38.06 ? 101 GLU A N     1 
ATOM   713  C CA    . GLU A 1 94  ? -12.149 11.434  6.024   1.00 36.21 ? 101 GLU A CA    1 
ATOM   714  C C     . GLU A 1 94  ? -12.345 12.944  6.048   1.00 35.35 ? 101 GLU A C     1 
ATOM   715  O O     . GLU A 1 94  ? -13.038 13.479  6.910   1.00 34.28 ? 101 GLU A O     1 
ATOM   716  C CB    . GLU A 1 94  ? -13.437 10.762  5.576   1.00 34.33 ? 101 GLU A CB    1 
ATOM   717  C CG    . GLU A 1 94  ? -13.806 11.151  4.157   1.00 34.56 ? 101 GLU A CG    1 
ATOM   718  C CD    . GLU A 1 94  ? -14.862 10.251  3.561   1.00 34.09 ? 101 GLU A CD    1 
ATOM   719  O OE1   . GLU A 1 94  ? -15.068 10.321  2.337   1.00 34.78 ? 101 GLU A OE1   1 
ATOM   720  O OE2   . GLU A 1 94  ? -15.489 9.471   4.311   1.00 35.56 ? 101 GLU A OE2   1 
ATOM   721  N N     . ILE A 1 95  ? -11.740 13.617  5.076   1.00 34.88 ? 102 ILE A N     1 
ATOM   722  C CA    . ILE A 1 95  ? -11.784 15.067  4.973   1.00 35.16 ? 102 ILE A CA    1 
ATOM   723  C C     . ILE A 1 95  ? -12.204 15.489  3.578   1.00 37.71 ? 102 ILE A C     1 
ATOM   724  O O     . ILE A 1 95  ? -11.683 14.974  2.590   1.00 39.86 ? 102 ILE A O     1 
ATOM   725  C CB    . ILE A 1 95  ? -10.408 15.643  5.254   1.00 34.45 ? 102 ILE A CB    1 
ATOM   726  C CG1   . ILE A 1 95  ? -9.945  15.183  6.646   1.00 34.59 ? 102 ILE A CG1   1 
ATOM   727  C CG2   . ILE A 1 95  ? -10.437 17.143  5.074   1.00 32.99 ? 102 ILE A CG2   1 
ATOM   728  C CD1   . ILE A 1 95  ? -8.435  15.195  6.860   1.00 34.60 ? 102 ILE A CD1   1 
ATOM   729  N N     . SER A 1 96  ? -13.134 16.438  3.494   1.00 39.02 ? 103 SER A N     1 
ATOM   730  C CA    . SER A 1 96  ? -13.627 16.893  2.200   1.00 38.96 ? 103 SER A CA    1 
ATOM   731  C C     . SER A 1 96  ? -12.574 17.691  1.443   1.00 41.22 ? 103 SER A C     1 
ATOM   732  O O     . SER A 1 96  ? -11.734 18.366  2.047   1.00 41.74 ? 103 SER A O     1 
ATOM   733  C CB    . SER A 1 96  ? -14.886 17.749  2.371   1.00 38.84 ? 103 SER A CB    1 
ATOM   734  O OG    . SER A 1 96  ? -14.565 19.104  2.650   1.00 36.39 ? 103 SER A OG    1 
ATOM   735  N N     . TYR A 1 97  ? -12.620 17.600  0.117   1.00 42.32 ? 104 TYR A N     1 
ATOM   736  C CA    . TYR A 1 97  ? -11.690 18.330  -0.731  1.00 43.15 ? 104 TYR A CA    1 
ATOM   737  C C     . TYR A 1 97  ? -11.787 19.825  -0.428  1.00 44.60 ? 104 TYR A C     1 
ATOM   738  O O     . TYR A 1 97  ? -10.777 20.530  -0.348  1.00 44.65 ? 104 TYR A O     1 
ATOM   739  C CB    . TYR A 1 97  ? -12.015 18.076  -2.208  1.00 43.27 ? 104 TYR A CB    1 
ATOM   740  C CG    . TYR A 1 97  ? -11.538 16.740  -2.741  1.00 42.02 ? 104 TYR A CG    1 
ATOM   741  C CD1   . TYR A 1 97  ? -12.111 16.180  -3.884  1.00 43.14 ? 104 TYR A CD1   1 
ATOM   742  C CD2   . TYR A 1 97  ? -10.487 16.056  -2.130  1.00 42.11 ? 104 TYR A CD2   1 
ATOM   743  C CE1   . TYR A 1 97  ? -11.645 14.964  -4.409  1.00 41.93 ? 104 TYR A CE1   1 
ATOM   744  C CE2   . TYR A 1 97  ? -10.014 14.847  -2.647  1.00 40.94 ? 104 TYR A CE2   1 
ATOM   745  C CZ    . TYR A 1 97  ? -10.595 14.311  -3.785  1.00 40.60 ? 104 TYR A CZ    1 
ATOM   746  O OH    . TYR A 1 97  ? -10.110 13.137  -4.305  1.00 39.69 ? 104 TYR A OH    1 
ATOM   747  N N     . ALA A 1 98  ? -13.013 20.315  -0.251  1.00 46.03 ? 105 ALA A N     1 
ATOM   748  C CA    . ALA A 1 98  ? -13.214 21.727  0.051   1.00 45.94 ? 105 ALA A CA    1 
ATOM   749  C C     . ALA A 1 98  ? -12.488 22.117  1.341   1.00 45.87 ? 105 ALA A C     1 
ATOM   750  O O     . ALA A 1 98  ? -11.750 23.100  1.375   1.00 45.86 ? 105 ALA A O     1 
ATOM   751  C CB    . ALA A 1 98  ? -14.704 22.031  0.168   1.00 44.80 ? 105 ALA A CB    1 
ATOM   752  N N     . LYS A 1 99  ? -12.685 21.333  2.394   1.00 46.13 ? 106 LYS A N     1 
ATOM   753  C CA    . LYS A 1 99  ? -12.059 21.612  3.676   1.00 47.60 ? 106 LYS A CA    1 
ATOM   754  C C     . LYS A 1 99  ? -10.552 21.430  3.628   1.00 48.00 ? 106 LYS A C     1 
ATOM   755  O O     . LYS A 1 99  ? -9.817  22.078  4.383   1.00 47.40 ? 106 LYS A O     1 
ATOM   756  C CB    . LYS A 1 99  ? -12.665 20.723  4.769   1.00 49.43 ? 106 LYS A CB    1 
ATOM   757  C CG    . LYS A 1 99  ? -14.099 21.120  5.168   1.00 53.97 ? 106 LYS A CG    1 
ATOM   758  C CD    . LYS A 1 99  ? -14.886 19.978  5.848   1.00 54.96 ? 106 LYS A CD    1 
ATOM   759  C CE    . LYS A 1 99  ? -16.313 20.413  6.217   1.00 54.90 ? 106 LYS A CE    1 
ATOM   760  N NZ    . LYS A 1 99  ? -17.091 20.957  5.053   1.00 55.98 ? 106 LYS A NZ    1 
ATOM   761  N N     . PHE A 1 100 ? -10.082 20.564  2.738   1.00 48.11 ? 107 PHE A N     1 
ATOM   762  C CA    . PHE A 1 100 ? -8.644  20.324  2.637   1.00 47.69 ? 107 PHE A CA    1 
ATOM   763  C C     . PHE A 1 100 ? -7.920  21.465  1.950   1.00 48.01 ? 107 PHE A C     1 
ATOM   764  O O     . PHE A 1 100 ? -6.841  21.874  2.387   1.00 46.61 ? 107 PHE A O     1 
ATOM   765  C CB    . PHE A 1 100 ? -8.345  19.027  1.879   1.00 46.77 ? 107 PHE A CB    1 
ATOM   766  C CG    . PHE A 1 100 ? -6.885  18.658  1.878   1.00 45.47 ? 107 PHE A CG    1 
ATOM   767  C CD1   . PHE A 1 100 ? -6.285  18.135  3.020   1.00 43.89 ? 107 PHE A CD1   1 
ATOM   768  C CD2   . PHE A 1 100 ? -6.101  18.877  0.747   1.00 44.68 ? 107 PHE A CD2   1 
ATOM   769  C CE1   . PHE A 1 100 ? -4.926  17.836  3.038   1.00 43.65 ? 107 PHE A CE1   1 
ATOM   770  C CE2   . PHE A 1 100 ? -4.738  18.584  0.758   1.00 44.07 ? 107 PHE A CE2   1 
ATOM   771  C CZ    . PHE A 1 100 ? -4.151  18.060  1.903   1.00 43.21 ? 107 PHE A CZ    1 
ATOM   772  N N     . ARG A 1 101 ? -8.501  21.966  0.861   1.00 48.96 ? 108 ARG A N     1 
ATOM   773  C CA    . ARG A 1 101 ? -7.890  23.069  0.129   1.00 49.94 ? 108 ARG A CA    1 
ATOM   774  C C     . ARG A 1 101 ? -7.789  24.288  1.045   1.00 50.10 ? 108 ARG A C     1 
ATOM   775  O O     . ARG A 1 101 ? -6.888  25.113  0.910   1.00 50.67 ? 108 ARG A O     1 
ATOM   776  C CB    . ARG A 1 101 ? -8.699  23.373  -1.145  1.00 48.91 ? 108 ARG A CB    1 
ATOM   777  C CG    . ARG A 1 101 ? -8.348  22.438  -2.312  1.00 50.43 ? 108 ARG A CG    1 
ATOM   778  C CD    . ARG A 1 101 ? -9.159  22.668  -3.586  1.00 49.99 ? 108 ARG A CD    1 
ATOM   779  N NE    . ARG A 1 101 ? -10.516 22.123  -3.486  1.00 51.89 ? 108 ARG A NE    1 
ATOM   780  C CZ    . ARG A 1 101 ? -10.990 21.111  -4.214  1.00 49.35 ? 108 ARG A CZ    1 
ATOM   781  N NH1   . ARG A 1 101 ? -12.239 20.691  -4.050  1.00 48.28 ? 108 ARG A NH1   1 
ATOM   782  N NH2   . ARG A 1 101 ? -10.221 20.519  -5.111  1.00 49.08 ? 108 ARG A NH2   1 
ATOM   783  N N     . GLU A 1 102 ? -8.705  24.371  2.004   1.00 50.76 ? 109 GLU A N     1 
ATOM   784  C CA    . GLU A 1 102 ? -8.733  25.471  2.956   1.00 51.42 ? 109 GLU A CA    1 
ATOM   785  C C     . GLU A 1 102 ? -7.583  25.350  3.948   1.00 51.62 ? 109 GLU A C     1 
ATOM   786  O O     . GLU A 1 102 ? -6.728  26.232  4.034   1.00 52.44 ? 109 GLU A O     1 
ATOM   787  C CB    . GLU A 1 102 ? -10.060 25.461  3.701   1.00 52.90 ? 109 GLU A CB    1 
ATOM   788  C CG    . GLU A 1 102 ? -10.405 26.764  4.376   1.00 56.39 ? 109 GLU A CG    1 
ATOM   789  C CD    . GLU A 1 102 ? -11.801 26.740  4.958   1.00 60.07 ? 109 GLU A CD    1 
ATOM   790  O OE1   . GLU A 1 102 ? -11.916 26.698  6.205   1.00 61.43 ? 109 GLU A OE1   1 
ATOM   791  O OE2   . GLU A 1 102 ? -12.780 26.748  4.167   1.00 60.71 ? 109 GLU A OE2   1 
ATOM   792  N N     . LEU A 1 103 ? -7.568  24.252  4.697   1.00 52.05 ? 110 LEU A N     1 
ATOM   793  C CA    . LEU A 1 103 ? -6.522  23.999  5.680   1.00 51.52 ? 110 LEU A CA    1 
ATOM   794  C C     . LEU A 1 103 ? -5.148  24.129  5.053   1.00 52.94 ? 110 LEU A C     1 
ATOM   795  O O     . LEU A 1 103 ? -4.181  24.444  5.742   1.00 53.30 ? 110 LEU A O     1 
ATOM   796  C CB    . LEU A 1 103 ? -6.670  22.597  6.259   1.00 50.00 ? 110 LEU A CB    1 
ATOM   797  C CG    . LEU A 1 103 ? -7.925  22.333  7.082   1.00 48.68 ? 110 LEU A CG    1 
ATOM   798  C CD1   . LEU A 1 103 ? -8.122  20.830  7.221   1.00 47.31 ? 110 LEU A CD1   1 
ATOM   799  C CD2   . LEU A 1 103 ? -7.798  23.008  8.447   1.00 47.27 ? 110 LEU A CD2   1 
ATOM   800  N N     . SER A 1 104 ? -5.068  23.883  3.745   1.00 54.57 ? 111 SER A N     1 
ATOM   801  C CA    . SER A 1 104 ? -3.804  23.966  3.016   1.00 56.39 ? 111 SER A CA    1 
ATOM   802  C C     . SER A 1 104 ? -3.416  25.406  2.697   1.00 57.40 ? 111 SER A C     1 
ATOM   803  O O     . SER A 1 104 ? -2.227  25.740  2.662   1.00 56.90 ? 111 SER A O     1 
ATOM   804  C CB    . SER A 1 104 ? -3.888  23.167  1.716   1.00 57.04 ? 111 SER A CB    1 
ATOM   805  O OG    . SER A 1 104 ? -4.118  21.795  1.968   1.00 55.83 ? 111 SER A OG    1 
ATOM   806  N N     . GLN A 1 105 ? -4.408  26.256  2.446   1.00 58.78 ? 112 GLN A N     1 
ATOM   807  C CA    . GLN A 1 105 ? -4.106  27.652  2.161   1.00 62.15 ? 112 GLN A CA    1 
ATOM   808  C C     . GLN A 1 105 ? -3.611  28.309  3.437   1.00 62.71 ? 112 GLN A C     1 
ATOM   809  O O     . GLN A 1 105 ? -2.662  29.098  3.419   1.00 65.06 ? 112 GLN A O     1 
ATOM   810  C CB    . GLN A 1 105 ? -5.333  28.407  1.639   1.00 63.47 ? 112 GLN A CB    1 
ATOM   811  C CG    . GLN A 1 105 ? -5.206  28.832  0.177   1.00 64.52 ? 112 GLN A CG    1 
ATOM   812  C CD    . GLN A 1 105 ? -5.394  27.664  -0.778  1.00 66.98 ? 112 GLN A CD    1 
ATOM   813  O OE1   . GLN A 1 105 ? -6.427  27.561  -1.443  1.00 66.48 ? 112 GLN A OE1   1 
ATOM   814  N NE2   . GLN A 1 105 ? -4.403  26.759  -0.834  1.00 68.17 ? 112 GLN A NE2   1 
ATOM   815  N N     . GLN A 1 106 ? -4.251  27.979  4.550   1.00 60.93 ? 113 GLN A N     1 
ATOM   816  C CA    . GLN A 1 106 ? -3.846  28.534  5.819   1.00 61.55 ? 113 GLN A CA    1 
ATOM   817  C C     . GLN A 1 106 ? -2.466  27.993  6.216   1.00 60.99 ? 113 GLN A C     1 
ATOM   818  O O     . GLN A 1 106 ? -1.629  28.726  6.747   1.00 61.16 ? 113 GLN A O     1 
ATOM   819  C CB    . GLN A 1 106 ? -4.892  28.208  6.886   1.00 64.26 ? 113 GLN A CB    1 
ATOM   820  C CG    . GLN A 1 106 ? -4.430  28.498  8.305   1.00 69.43 ? 113 GLN A CG    1 
ATOM   821  C CD    . GLN A 1 106 ? -3.673  29.827  8.432   1.00 73.38 ? 113 GLN A CD    1 
ATOM   822  O OE1   . GLN A 1 106 ? -2.843  29.992  9.335   1.00 75.38 ? 113 GLN A OE1   1 
ATOM   823  N NE2   . GLN A 1 106 ? -3.964  30.773  7.536   1.00 74.66 ? 113 GLN A NE2   1 
ATOM   824  N N     . ASP A 1 107 ? -2.229  26.715  5.934   1.00 60.40 ? 114 ASP A N     1 
ATOM   825  C CA    . ASP A 1 107 ? -0.953  26.050  6.247   1.00 58.63 ? 114 ASP A CA    1 
ATOM   826  C C     . ASP A 1 107 ? -0.434  25.292  5.031   1.00 57.01 ? 114 ASP A C     1 
ATOM   827  O O     . ASP A 1 107 ? -0.951  24.225  4.700   1.00 56.84 ? 114 ASP A O     1 
ATOM   828  C CB    . ASP A 1 107 ? -1.133  25.053  7.398   1.00 59.82 ? 114 ASP A CB    1 
ATOM   829  C CG    . ASP A 1 107 ? -1.431  25.729  8.726   1.00 60.07 ? 114 ASP A CG    1 
ATOM   830  O OD1   . ASP A 1 107 ? -0.537  26.417  9.263   1.00 60.79 ? 114 ASP A OD1   1 
ATOM   831  O OD2   . ASP A 1 107 ? -2.561  25.568  9.232   1.00 59.87 ? 114 ASP A OD2   1 
ATOM   832  N N     . SER A 1 108 ? 0.594   25.818  4.377   1.00 56.29 ? 115 SER A N     1 
ATOM   833  C CA    . SER A 1 108 ? 1.144   25.177  3.182   1.00 54.08 ? 115 SER A CA    1 
ATOM   834  C C     . SER A 1 108 ? 1.914   23.873  3.458   1.00 53.08 ? 115 SER A C     1 
ATOM   835  O O     . SER A 1 108 ? 2.036   23.029  2.565   1.00 51.83 ? 115 SER A O     1 
ATOM   836  C CB    . SER A 1 108 ? 2.045   26.153  2.411   1.00 53.73 ? 115 SER A CB    1 
ATOM   837  O OG    . SER A 1 108 ? 3.287   26.334  3.072   1.00 56.08 ? 115 SER A OG    1 
ATOM   838  N N     . GLU A 1 109 ? 2.423   23.693  4.678   1.00 50.61 ? 116 GLU A N     1 
ATOM   839  C CA    . GLU A 1 109 ? 3.168   22.480  4.981   1.00 47.97 ? 116 GLU A CA    1 
ATOM   840  C C     . GLU A 1 109 ? 2.317   21.224  4.817   1.00 46.30 ? 116 GLU A C     1 
ATOM   841  O O     . GLU A 1 109 ? 2.843   20.144  4.521   1.00 46.05 ? 116 GLU A O     1 
ATOM   842  C CB    . GLU A 1 109 ? 3.766   22.527  6.392   1.00 49.26 ? 116 GLU A CB    1 
ATOM   843  C CG    . GLU A 1 109 ? 4.699   21.327  6.691   1.00 52.47 ? 116 GLU A CG    1 
ATOM   844  C CD    . GLU A 1 109 ? 5.556   21.484  7.959   1.00 54.67 ? 116 GLU A CD    1 
ATOM   845  O OE1   . GLU A 1 109 ? 6.249   20.507  8.341   1.00 52.83 ? 116 GLU A OE1   1 
ATOM   846  O OE2   . GLU A 1 109 ? 5.548   22.577  8.571   1.00 56.83 ? 116 GLU A OE2   1 
ATOM   847  N N     . ILE A 1 110 ? 1.008   21.361  4.998   1.00 42.86 ? 117 ILE A N     1 
ATOM   848  C CA    . ILE A 1 110 ? 0.103   20.226  4.860   1.00 41.44 ? 117 ILE A CA    1 
ATOM   849  C C     . ILE A 1 110 ? 0.086   19.701  3.416   1.00 40.72 ? 117 ILE A C     1 
ATOM   850  O O     . ILE A 1 110 ? 0.114   18.490  3.173   1.00 38.43 ? 117 ILE A O     1 
ATOM   851  C CB    . ILE A 1 110 ? -1.327  20.614  5.301   1.00 40.71 ? 117 ILE A CB    1 
ATOM   852  C CG1   . ILE A 1 110 ? -1.340  20.874  6.813   1.00 40.35 ? 117 ILE A CG1   1 
ATOM   853  C CG2   . ILE A 1 110 ? -2.315  19.510  4.937   1.00 41.40 ? 117 ILE A CG2   1 
ATOM   854  C CD1   . ILE A 1 110 ? -2.666  21.384  7.360   1.00 38.57 ? 117 ILE A CD1   1 
ATOM   855  N N     . LEU A 1 111 ? 0.051   20.628  2.464   1.00 40.74 ? 118 LEU A N     1 
ATOM   856  C CA    . LEU A 1 111 ? 0.050   20.296  1.045   1.00 37.37 ? 118 LEU A CA    1 
ATOM   857  C C     . LEU A 1 111 ? 1.419   19.751  0.648   1.00 36.25 ? 118 LEU A C     1 
ATOM   858  O O     . LEU A 1 111 ? 1.529   18.839  -0.156  1.00 34.96 ? 118 LEU A O     1 
ATOM   859  C CB    . LEU A 1 111 ? -0.273  21.550  0.224   1.00 36.50 ? 118 LEU A CB    1 
ATOM   860  C CG    . LEU A 1 111 ? -0.220  21.423  -1.298  1.00 36.18 ? 118 LEU A CG    1 
ATOM   861  C CD1   . LEU A 1 111 ? -1.228  20.388  -1.766  1.00 36.02 ? 118 LEU A CD1   1 
ATOM   862  C CD2   . LEU A 1 111 ? -0.508  22.775  -1.927  1.00 33.21 ? 118 LEU A CD2   1 
ATOM   863  N N     . TYR A 1 112 ? 2.464   20.324  1.236   1.00 37.76 ? 119 TYR A N     1 
ATOM   864  C CA    . TYR A 1 112 ? 3.828   19.910  0.956   1.00 38.24 ? 119 TYR A CA    1 
ATOM   865  C C     . TYR A 1 112 ? 4.028   18.441  1.338   1.00 37.62 ? 119 TYR A C     1 
ATOM   866  O O     . TYR A 1 112 ? 4.747   17.708  0.654   1.00 34.38 ? 119 TYR A O     1 
ATOM   867  C CB    . TYR A 1 112 ? 4.809   20.786  1.741   1.00 39.72 ? 119 TYR A CB    1 
ATOM   868  C CG    . TYR A 1 112 ? 6.244   20.636  1.291   1.00 42.71 ? 119 TYR A CG    1 
ATOM   869  C CD1   . TYR A 1 112 ? 6.736   21.369  0.207   1.00 43.86 ? 119 TYR A CD1   1 
ATOM   870  C CD2   . TYR A 1 112 ? 7.106   19.736  1.928   1.00 44.78 ? 119 TYR A CD2   1 
ATOM   871  C CE1   . TYR A 1 112 ? 8.063   21.220  -0.231  1.00 48.33 ? 119 TYR A CE1   1 
ATOM   872  C CE2   . TYR A 1 112 ? 8.436   19.570  1.502   1.00 47.95 ? 119 TYR A CE2   1 
ATOM   873  C CZ    . TYR A 1 112 ? 8.912   20.319  0.421   1.00 50.56 ? 119 TYR A CZ    1 
ATOM   874  O OH    . TYR A 1 112 ? 10.231  20.190  0.003   1.00 50.53 ? 119 TYR A OH    1 
ATOM   875  N N     . THR A 1 113 ? 3.396   18.027  2.440   1.00 37.44 ? 120 THR A N     1 
ATOM   876  C CA    . THR A 1 113 ? 3.480   16.648  2.915   1.00 35.08 ? 120 THR A CA    1 
ATOM   877  C C     . THR A 1 113 ? 2.702   15.731  1.979   1.00 34.08 ? 120 THR A C     1 
ATOM   878  O O     . THR A 1 113 ? 3.101   14.590  1.721   1.00 33.24 ? 120 THR A O     1 
ATOM   879  C CB    . THR A 1 113 ? 2.926   16.511  4.335   1.00 33.78 ? 120 THR A CB    1 
ATOM   880  O OG1   . THR A 1 113 ? 3.825   17.147  5.240   1.00 35.60 ? 120 THR A OG1   1 
ATOM   881  C CG2   . THR A 1 113 ? 2.780   15.046  4.732   1.00 33.18 ? 120 THR A CG2   1 
ATOM   882  N N     . LEU A 1 114 ? 1.587   16.222  1.471   1.00 32.48 ? 121 LEU A N     1 
ATOM   883  C CA    . LEU A 1 114 ? 0.818   15.428  0.540   1.00 32.66 ? 121 LEU A CA    1 
ATOM   884  C C     . LEU A 1 114 ? 1.670   15.280  -0.726  1.00 33.99 ? 121 LEU A C     1 
ATOM   885  O O     . LEU A 1 114 ? 1.779   14.191  -1.290  1.00 34.50 ? 121 LEU A O     1 
ATOM   886  C CB    . LEU A 1 114 ? -0.493  16.123  0.202   1.00 29.97 ? 121 LEU A CB    1 
ATOM   887  C CG    . LEU A 1 114 ? -1.388  15.352  -0.755  1.00 31.39 ? 121 LEU A CG    1 
ATOM   888  C CD1   . LEU A 1 114 ? -1.909  14.085  -0.101  1.00 28.67 ? 121 LEU A CD1   1 
ATOM   889  C CD2   . LEU A 1 114 ? -2.536  16.247  -1.160  1.00 33.75 ? 121 LEU A CD2   1 
ATOM   890  N N     . GLY A 1 115 ? 2.279   16.386  -1.160  1.00 33.19 ? 122 GLY A N     1 
ATOM   891  C CA    . GLY A 1 115 ? 3.110   16.361  -2.350  1.00 30.55 ? 122 GLY A CA    1 
ATOM   892  C C     . GLY A 1 115 ? 4.282   15.410  -2.188  1.00 30.55 ? 122 GLY A C     1 
ATOM   893  O O     . GLY A 1 115 ? 4.741   14.785  -3.142  1.00 30.59 ? 122 GLY A O     1 
ATOM   894  N N     . SER A 1 116 ? 4.773   15.307  -0.962  1.00 30.49 ? 123 SER A N     1 
ATOM   895  C CA    . SER A 1 116 ? 5.891   14.433  -0.655  1.00 29.28 ? 123 SER A CA    1 
ATOM   896  C C     . SER A 1 116 ? 5.477   12.975  -0.801  1.00 28.97 ? 123 SER A C     1 
ATOM   897  O O     . SER A 1 116 ? 6.237   12.150  -1.296  1.00 31.41 ? 123 SER A O     1 
ATOM   898  C CB    . SER A 1 116 ? 6.362   14.691  0.770   1.00 28.19 ? 123 SER A CB    1 
ATOM   899  O OG    . SER A 1 116 ? 7.381   13.780  1.115   1.00 32.23 ? 123 SER A OG    1 
ATOM   900  N N     . GLN A 1 117 ? 4.274   12.654  -0.360  1.00 28.28 ? 124 GLN A N     1 
ATOM   901  C CA    . GLN A 1 117 ? 3.769   11.301  -0.449  1.00 27.70 ? 124 GLN A CA    1 
ATOM   902  C C     . GLN A 1 117 ? 3.514   10.908  -1.912  1.00 29.02 ? 124 GLN A C     1 
ATOM   903  O O     . GLN A 1 117 ? 3.902   9.811   -2.343  1.00 27.44 ? 124 GLN A O     1 
ATOM   904  C CB    . GLN A 1 117 ? 2.516   11.170  0.431   1.00 26.10 ? 124 GLN A CB    1 
ATOM   905  C CG    . GLN A 1 117 ? 2.885   11.297  1.916   1.00 26.39 ? 124 GLN A CG    1 
ATOM   906  C CD    . GLN A 1 117 ? 1.721   11.156  2.900   1.00 28.32 ? 124 GLN A CD    1 
ATOM   907  O OE1   . GLN A 1 117 ? 0.629   10.686  2.558   1.00 27.50 ? 124 GLN A OE1   1 
ATOM   908  N NE2   . GLN A 1 117 ? 1.965   11.557  4.139   1.00 25.50 ? 124 GLN A NE2   1 
ATOM   909  N N     . MET A 1 118 ? 2.893   11.792  -2.685  1.00 28.73 ? 125 MET A N     1 
ATOM   910  C CA    . MET A 1 118 ? 2.642   11.500  -4.091  1.00 31.09 ? 125 MET A CA    1 
ATOM   911  C C     . MET A 1 118 ? 3.965   11.237  -4.812  1.00 30.81 ? 125 MET A C     1 
ATOM   912  O O     . MET A 1 118 ? 4.067   10.326  -5.636  1.00 28.56 ? 125 MET A O     1 
ATOM   913  C CB    . MET A 1 118 ? 1.919   12.663  -4.769  1.00 31.92 ? 125 MET A CB    1 
ATOM   914  C CG    . MET A 1 118 ? 0.440   12.773  -4.423  1.00 33.44 ? 125 MET A CG    1 
ATOM   915  S SD    . MET A 1 118 ? -0.377  14.130  -5.314  1.00 33.68 ? 125 MET A SD    1 
ATOM   916  C CE    . MET A 1 118 ? 0.418   15.517  -4.546  1.00 34.19 ? 125 MET A CE    1 
ATOM   917  N N     . ALA A 1 119 ? 4.973   12.048  -4.497  1.00 32.18 ? 126 ALA A N     1 
ATOM   918  C CA    . ALA A 1 119 ? 6.305   11.909  -5.095  1.00 32.41 ? 126 ALA A CA    1 
ATOM   919  C C     . ALA A 1 119 ? 6.872   10.531  -4.782  1.00 32.40 ? 126 ALA A C     1 
ATOM   920  O O     . ALA A 1 119 ? 7.376   9.844   -5.667  1.00 32.99 ? 126 ALA A O     1 
ATOM   921  C CB    . ALA A 1 119 ? 7.241   12.988  -4.563  1.00 31.43 ? 126 ALA A CB    1 
ATOM   922  N N     . ASP A 1 120 ? 6.779   10.137  -3.515  1.00 32.83 ? 127 ASP A N     1 
ATOM   923  C CA    . ASP A 1 120 ? 7.263   8.838   -3.084  1.00 33.94 ? 127 ASP A CA    1 
ATOM   924  C C     . ASP A 1 120 ? 6.560   7.714   -3.865  1.00 33.62 ? 127 ASP A C     1 
ATOM   925  O O     . ASP A 1 120 ? 7.195   6.738   -4.289  1.00 31.22 ? 127 ASP A O     1 
ATOM   926  C CB    . ASP A 1 120 ? 7.010   8.670   -1.586  1.00 36.90 ? 127 ASP A CB    1 
ATOM   927  C CG    . ASP A 1 120 ? 7.776   7.488   -0.989  1.00 42.06 ? 127 ASP A CG    1 
ATOM   928  O OD1   . ASP A 1 120 ? 8.347   6.677   -1.756  1.00 44.96 ? 127 ASP A OD1   1 
ATOM   929  O OD2   . ASP A 1 120 ? 7.804   7.363   0.254   1.00 45.03 ? 127 ASP A OD2   1 
ATOM   930  N N     . ARG A 1 121 ? 5.251   7.862   -4.054  1.00 32.64 ? 128 ARG A N     1 
ATOM   931  C CA    . ARG A 1 121 ? 4.453   6.873   -4.776  1.00 31.34 ? 128 ARG A CA    1 
ATOM   932  C C     . ARG A 1 121 ? 4.751   6.832   -6.270  1.00 31.20 ? 128 ARG A C     1 
ATOM   933  O O     . ARG A 1 121 ? 4.664   5.776   -6.900  1.00 29.69 ? 128 ARG A O     1 
ATOM   934  C CB    . ARG A 1 121 ? 2.968   7.142   -4.546  1.00 30.54 ? 128 ARG A CB    1 
ATOM   935  C CG    . ARG A 1 121 ? 2.576   7.047   -3.093  1.00 28.62 ? 128 ARG A CG    1 
ATOM   936  C CD    . ARG A 1 121 ? 1.230   7.696   -2.811  1.00 29.54 ? 128 ARG A CD    1 
ATOM   937  N NE    . ARG A 1 121 ? 1.066   7.930   -1.374  1.00 29.32 ? 128 ARG A NE    1 
ATOM   938  C CZ    . ARG A 1 121 ? -0.053  8.346   -0.785  1.00 28.29 ? 128 ARG A CZ    1 
ATOM   939  N NH1   . ARG A 1 121 ? -0.076  8.520   0.528   1.00 27.52 ? 128 ARG A NH1   1 
ATOM   940  N NH2   . ARG A 1 121 ? -1.145  8.580   -1.500  1.00 29.18 ? 128 ARG A NH2   1 
ATOM   941  N N     . LEU A 1 122 ? 5.097   7.979   -6.848  1.00 32.47 ? 129 LEU A N     1 
ATOM   942  C CA    . LEU A 1 122 ? 5.404   8.015   -8.271  1.00 32.36 ? 129 LEU A CA    1 
ATOM   943  C C     . LEU A 1 122 ? 6.671   7.214   -8.513  1.00 31.43 ? 129 LEU A C     1 
ATOM   944  O O     . LEU A 1 122 ? 6.771   6.494   -9.503  1.00 31.40 ? 129 LEU A O     1 
ATOM   945  C CB    . LEU A 1 122 ? 5.599   9.452   -8.770  1.00 34.28 ? 129 LEU A CB    1 
ATOM   946  C CG    . LEU A 1 122 ? 4.668   9.956   -9.894  1.00 36.99 ? 129 LEU A CG    1 
ATOM   947  C CD1   . LEU A 1 122 ? 5.272   11.200  -10.539 1.00 37.10 ? 129 LEU A CD1   1 
ATOM   948  C CD2   . LEU A 1 122 ? 4.477   8.899   -10.961 1.00 36.90 ? 129 LEU A CD2   1 
ATOM   949  N N     . ARG A 1 123 ? 7.632   7.348   -7.597  1.00 30.80 ? 130 ARG A N     1 
ATOM   950  C CA    . ARG A 1 123 ? 8.901   6.633   -7.696  1.00 29.42 ? 130 ARG A CA    1 
ATOM   951  C C     . ARG A 1 123 ? 8.647   5.138   -7.593  1.00 28.59 ? 130 ARG A C     1 
ATOM   952  O O     . ARG A 1 123 ? 9.070   4.356   -8.457  1.00 26.29 ? 130 ARG A O     1 
ATOM   953  C CB    . ARG A 1 123 ? 9.840   7.062   -6.567  1.00 31.93 ? 130 ARG A CB    1 
ATOM   954  C CG    . ARG A 1 123 ? 10.837  8.143   -6.930  1.00 35.28 ? 130 ARG A CG    1 
ATOM   955  C CD    . ARG A 1 123 ? 11.832  8.364   -5.791  1.00 38.39 ? 130 ARG A CD    1 
ATOM   956  N NE    . ARG A 1 123 ? 11.247  9.151   -4.706  1.00 43.87 ? 130 ARG A NE    1 
ATOM   957  C CZ    . ARG A 1 123 ? 11.524  10.431  -4.478  1.00 44.87 ? 130 ARG A CZ    1 
ATOM   958  N NH1   . ARG A 1 123 ? 10.934  11.069  -3.465  1.00 42.71 ? 130 ARG A NH1   1 
ATOM   959  N NH2   . ARG A 1 123 ? 12.407  11.066  -5.255  1.00 44.42 ? 130 ARG A NH2   1 
ATOM   960  N N     . LYS A 1 124 ? 7.963   4.754   -6.518  1.00 26.64 ? 131 LYS A N     1 
ATOM   961  C CA    . LYS A 1 124 ? 7.623   3.373   -6.251  1.00 26.12 ? 131 LYS A CA    1 
ATOM   962  C C     . LYS A 1 124 ? 6.934   2.724   -7.450  1.00 27.79 ? 131 LYS A C     1 
ATOM   963  O O     . LYS A 1 124 ? 7.298   1.624   -7.886  1.00 26.09 ? 131 LYS A O     1 
ATOM   964  C CB    . LYS A 1 124 ? 6.696   3.288   -5.045  1.00 25.16 ? 131 LYS A CB    1 
ATOM   965  C CG    . LYS A 1 124 ? 7.381   3.339   -3.703  1.00 27.67 ? 131 LYS A CG    1 
ATOM   966  C CD    . LYS A 1 124 ? 6.484   2.679   -2.656  1.00 31.65 ? 131 LYS A CD    1 
ATOM   967  C CE    . LYS A 1 124 ? 7.204   2.356   -1.344  1.00 32.82 ? 131 LYS A CE    1 
ATOM   968  N NZ    . LYS A 1 124 ? 7.611   3.570   -0.587  1.00 33.40 ? 131 LYS A NZ    1 
ATOM   969  N N     . THR A 1 125 ? 5.929   3.420   -7.974  1.00 27.59 ? 132 THR A N     1 
ATOM   970  C CA    . THR A 1 125 ? 5.159   2.926   -9.094  1.00 28.17 ? 132 THR A CA    1 
ATOM   971  C C     . THR A 1 125 ? 5.959   2.886   -10.393 1.00 28.87 ? 132 THR A C     1 
ATOM   972  O O     . THR A 1 125 ? 5.748   1.999   -11.231 1.00 29.73 ? 132 THR A O     1 
ATOM   973  C CB    . THR A 1 125 ? 3.888   3.764   -9.258  1.00 24.96 ? 132 THR A CB    1 
ATOM   974  O OG1   . THR A 1 125 ? 3.215   3.799   -8.005  1.00 25.12 ? 132 THR A OG1   1 
ATOM   975  C CG2   . THR A 1 125 ? 2.947   3.140   -10.264 1.00 26.09 ? 132 THR A CG2   1 
ATOM   976  N N     . THR A 1 126 ? 6.875   3.834   -10.560 1.00 27.49 ? 133 THR A N     1 
ATOM   977  C CA    . THR A 1 126 ? 7.701   3.859   -11.757 1.00 28.37 ? 133 THR A CA    1 
ATOM   978  C C     . THR A 1 126 ? 8.663   2.668   -11.706 1.00 29.45 ? 133 THR A C     1 
ATOM   979  O O     . THR A 1 126 ? 9.042   2.113   -12.740 1.00 26.29 ? 133 THR A O     1 
ATOM   980  C CB    . THR A 1 126 ? 8.498   5.174   -11.854 1.00 29.09 ? 133 THR A CB    1 
ATOM   981  O OG1   . THR A 1 126 ? 7.589   6.275   -12.008 1.00 29.09 ? 133 THR A OG1   1 
ATOM   982  C CG2   . THR A 1 126 ? 9.440   5.142   -13.032 1.00 28.65 ? 133 THR A CG2   1 
ATOM   983  N N     . ARG A 1 127 ? 9.043   2.269   -10.492 1.00 30.78 ? 134 ARG A N     1 
ATOM   984  C CA    . ARG A 1 127 ? 9.933   1.137   -10.321 1.00 30.42 ? 134 ARG A CA    1 
ATOM   985  C C     . ARG A 1 127 ? 9.133   -0.125  -10.590 1.00 30.08 ? 134 ARG A C     1 
ATOM   986  O O     . ARG A 1 127 ? 9.660   -1.122  -11.097 1.00 29.54 ? 134 ARG A O     1 
ATOM   987  C CB    . ARG A 1 127 ? 10.527  1.115   -8.908  1.00 33.12 ? 134 ARG A CB    1 
ATOM   988  C CG    . ARG A 1 127 ? 11.475  2.301   -8.625  1.00 42.36 ? 134 ARG A CG    1 
ATOM   989  C CD    . ARG A 1 127 ? 12.417  2.062   -7.420  1.00 46.72 ? 134 ARG A CD    1 
ATOM   990  N NE    . ARG A 1 127 ? 11.721  2.090   -6.129  1.00 50.97 ? 134 ARG A NE    1 
ATOM   991  C CZ    . ARG A 1 127 ? 11.545  3.183   -5.390  1.00 51.46 ? 134 ARG A CZ    1 
ATOM   992  N NH1   . ARG A 1 127 ? 10.889  3.103   -4.234  1.00 50.82 ? 134 ARG A NH1   1 
ATOM   993  N NH2   . ARG A 1 127 ? 12.041  4.352   -5.796  1.00 50.09 ? 134 ARG A NH2   1 
ATOM   994  N N     . LYS A 1 128 ? 7.846   -0.084  -10.273 1.00 28.62 ? 135 LYS A N     1 
ATOM   995  C CA    . LYS A 1 128 ? 7.012   -1.250  -10.500 1.00 27.95 ? 135 LYS A CA    1 
ATOM   996  C C     . LYS A 1 128 ? 6.879   -1.455  -12.006 1.00 28.93 ? 135 LYS A C     1 
ATOM   997  O O     . LYS A 1 128 ? 6.831   -2.588  -12.490 1.00 27.36 ? 135 LYS A O     1 
ATOM   998  C CB    . LYS A 1 128 ? 5.633   -1.064  -9.870  1.00 26.97 ? 135 LYS A CB    1 
ATOM   999  C CG    . LYS A 1 128 ? 4.889   -2.379  -9.652  1.00 26.20 ? 135 LYS A CG    1 
ATOM   1000 C CD    . LYS A 1 128 ? 3.468   -2.144  -9.184  1.00 28.51 ? 135 LYS A CD    1 
ATOM   1001 C CE    . LYS A 1 128 ? 2.687   -3.445  -8.955  1.00 30.90 ? 135 LYS A CE    1 
ATOM   1002 N NZ    . LYS A 1 128 ? 3.007   -4.131  -7.664  1.00 31.74 ? 135 LYS A NZ    1 
ATOM   1003 N N     . VAL A 1 129 ? 6.813   -0.350  -12.745 1.00 28.44 ? 136 VAL A N     1 
ATOM   1004 C CA    . VAL A 1 129 ? 6.703   -0.410  -14.194 1.00 26.77 ? 136 VAL A CA    1 
ATOM   1005 C C     . VAL A 1 129 ? 7.945   -1.111  -14.737 1.00 26.41 ? 136 VAL A C     1 
ATOM   1006 O O     . VAL A 1 129 ? 7.853   -2.006  -15.576 1.00 24.19 ? 136 VAL A O     1 
ATOM   1007 C CB    . VAL A 1 129 ? 6.601   1.015   -14.811 1.00 25.44 ? 136 VAL A CB    1 
ATOM   1008 C CG1   . VAL A 1 129 ? 6.878   0.959   -16.317 1.00 24.32 ? 136 VAL A CG1   1 
ATOM   1009 C CG2   . VAL A 1 129 ? 5.212   1.589   -14.564 1.00 21.69 ? 136 VAL A CG2   1 
ATOM   1010 N N     . GLY A 1 130 ? 9.102   -0.696  -14.240 1.00 26.96 ? 137 GLY A N     1 
ATOM   1011 C CA    . GLY A 1 130 ? 10.352  -1.280  -14.672 1.00 26.69 ? 137 GLY A CA    1 
ATOM   1012 C C     . GLY A 1 130 ? 10.393  -2.752  -14.339 1.00 26.60 ? 137 GLY A C     1 
ATOM   1013 O O     . GLY A 1 130 ? 10.870  -3.561  -15.142 1.00 24.18 ? 137 GLY A O     1 
ATOM   1014 N N     . ASP A 1 131 ? 9.897   -3.099  -13.148 1.00 27.69 ? 138 ASP A N     1 
ATOM   1015 C CA    . ASP A 1 131 ? 9.867   -4.502  -12.728 1.00 26.51 ? 138 ASP A CA    1 
ATOM   1016 C C     . ASP A 1 131 ? 9.060   -5.312  -13.738 1.00 26.49 ? 138 ASP A C     1 
ATOM   1017 O O     . ASP A 1 131 ? 9.542   -6.284  -14.308 1.00 26.12 ? 138 ASP A O     1 
ATOM   1018 C CB    . ASP A 1 131 ? 9.232   -4.652  -11.345 1.00 27.53 ? 138 ASP A CB    1 
ATOM   1019 C CG    . ASP A 1 131 ? 10.128  -4.150  -10.219 1.00 29.49 ? 138 ASP A CG    1 
ATOM   1020 O OD1   . ASP A 1 131 ? 11.360  -4.069  -10.405 1.00 28.91 ? 138 ASP A OD1   1 
ATOM   1021 O OD2   . ASP A 1 131 ? 9.594   -3.852  -9.129  1.00 32.43 ? 138 ASP A OD2   1 
ATOM   1022 N N     . LEU A 1 132 ? 7.823   -4.887  -13.961 1.00 26.74 ? 139 LEU A N     1 
ATOM   1023 C CA    . LEU A 1 132 ? 6.945   -5.563  -14.902 1.00 27.05 ? 139 LEU A CA    1 
ATOM   1024 C C     . LEU A 1 132 ? 7.490   -5.529  -16.321 1.00 27.13 ? 139 LEU A C     1 
ATOM   1025 O O     . LEU A 1 132 ? 7.184   -6.411  -17.113 1.00 30.05 ? 139 LEU A O     1 
ATOM   1026 C CB    . LEU A 1 132 ? 5.552   -4.927  -14.880 1.00 25.41 ? 139 LEU A CB    1 
ATOM   1027 C CG    . LEU A 1 132 ? 4.743   -5.155  -13.602 1.00 24.71 ? 139 LEU A CG    1 
ATOM   1028 C CD1   . LEU A 1 132 ? 3.654   -4.095  -13.482 1.00 24.37 ? 139 LEU A CD1   1 
ATOM   1029 C CD2   . LEU A 1 132 ? 4.164   -6.552  -13.608 1.00 23.96 ? 139 LEU A CD2   1 
ATOM   1030 N N     . ALA A 1 133 ? 8.298   -4.535  -16.646 1.00 26.19 ? 140 ALA A N     1 
ATOM   1031 C CA    . ALA A 1 133 ? 8.839   -4.417  -17.991 1.00 25.82 ? 140 ALA A CA    1 
ATOM   1032 C C     . ALA A 1 133 ? 10.109  -5.215  -18.225 1.00 27.09 ? 140 ALA A C     1 
ATOM   1033 O O     . ALA A 1 133 ? 10.288  -5.807  -19.291 1.00 27.76 ? 140 ALA A O     1 
ATOM   1034 C CB    . ALA A 1 133 ? 9.107   -2.961  -18.323 1.00 24.57 ? 140 ALA A CB    1 
ATOM   1035 N N     . PHE A 1 134 ? 10.985  -5.242  -17.227 1.00 26.49 ? 141 PHE A N     1 
ATOM   1036 C CA    . PHE A 1 134 ? 12.266  -5.908  -17.382 1.00 26.81 ? 141 PHE A CA    1 
ATOM   1037 C C     . PHE A 1 134 ? 12.536  -7.221  -16.642 1.00 28.20 ? 141 PHE A C     1 
ATOM   1038 O O     . PHE A 1 134 ? 13.386  -8.005  -17.079 1.00 30.48 ? 141 PHE A O     1 
ATOM   1039 C CB    . PHE A 1 134 ? 13.379  -4.928  -17.022 1.00 28.14 ? 141 PHE A CB    1 
ATOM   1040 C CG    . PHE A 1 134 ? 13.278  -3.603  -17.720 1.00 27.96 ? 141 PHE A CG    1 
ATOM   1041 C CD1   . PHE A 1 134 ? 13.152  -3.534  -19.103 1.00 27.62 ? 141 PHE A CD1   1 
ATOM   1042 C CD2   . PHE A 1 134 ? 13.345  -2.415  -16.991 1.00 26.97 ? 141 PHE A CD2   1 
ATOM   1043 C CE1   . PHE A 1 134 ? 13.096  -2.297  -19.756 1.00 29.91 ? 141 PHE A CE1   1 
ATOM   1044 C CE2   . PHE A 1 134 ? 13.292  -1.178  -17.633 1.00 26.59 ? 141 PHE A CE2   1 
ATOM   1045 C CZ    . PHE A 1 134 ? 13.167  -1.115  -19.017 1.00 27.47 ? 141 PHE A CZ    1 
ATOM   1046 N N     . LEU A 1 135 ? 11.851  -7.463  -15.532 1.00 26.45 ? 142 LEU A N     1 
ATOM   1047 C CA    . LEU A 1 135 ? 12.098  -8.672  -14.761 1.00 27.19 ? 142 LEU A CA    1 
ATOM   1048 C C     . LEU A 1 135 ? 11.137  -9.823  -14.997 1.00 29.79 ? 142 LEU A C     1 
ATOM   1049 O O     . LEU A 1 135 ? 9.944   -9.614  -15.273 1.00 29.14 ? 142 LEU A O     1 
ATOM   1050 C CB    . LEU A 1 135 ? 12.092  -8.351  -13.267 1.00 27.30 ? 142 LEU A CB    1 
ATOM   1051 C CG    . LEU A 1 135 ? 13.224  -7.490  -12.710 1.00 26.50 ? 142 LEU A CG    1 
ATOM   1052 C CD1   . LEU A 1 135 ? 12.916  -7.112  -11.256 1.00 22.89 ? 142 LEU A CD1   1 
ATOM   1053 C CD2   . LEU A 1 135 ? 14.530  -8.254  -12.831 1.00 25.48 ? 142 LEU A CD2   1 
ATOM   1054 N N     . ASP A 1 136 ? 11.671  -11.036 -14.877 1.00 29.86 ? 143 ASP A N     1 
ATOM   1055 C CA    . ASP A 1 136 ? 10.872  -12.248 -15.021 1.00 31.61 ? 143 ASP A CA    1 
ATOM   1056 C C     . ASP A 1 136 ? 10.194  -12.458 -13.654 1.00 29.70 ? 143 ASP A C     1 
ATOM   1057 O O     . ASP A 1 136 ? 10.461  -11.711 -12.708 1.00 30.33 ? 143 ASP A O     1 
ATOM   1058 C CB    . ASP A 1 136 ? 11.773  -13.432 -15.379 1.00 34.91 ? 143 ASP A CB    1 
ATOM   1059 C CG    . ASP A 1 136 ? 12.699  -13.829 -14.243 1.00 39.62 ? 143 ASP A CG    1 
ATOM   1060 O OD1   . ASP A 1 136 ? 13.494  -12.961 -13.783 1.00 40.71 ? 143 ASP A OD1   1 
ATOM   1061 O OD2   . ASP A 1 136 ? 12.618  -15.002 -13.808 1.00 40.13 ? 143 ASP A OD2   1 
ATOM   1062 N N     . VAL A 1 137 ? 9.328   -13.457 -13.538 1.00 28.02 ? 144 VAL A N     1 
ATOM   1063 C CA    . VAL A 1 137 ? 8.629   -13.690 -12.281 1.00 28.45 ? 144 VAL A CA    1 
ATOM   1064 C C     . VAL A 1 137 ? 9.538   -13.963 -11.094 1.00 29.78 ? 144 VAL A C     1 
ATOM   1065 O O     . VAL A 1 137 ? 9.357   -13.375 -10.028 1.00 31.17 ? 144 VAL A O     1 
ATOM   1066 C CB    . VAL A 1 137 ? 7.618   -14.844 -12.389 1.00 28.82 ? 144 VAL A CB    1 
ATOM   1067 C CG1   . VAL A 1 137 ? 6.870   -15.002 -11.066 1.00 28.49 ? 144 VAL A CG1   1 
ATOM   1068 C CG2   . VAL A 1 137 ? 6.626   -14.564 -13.502 1.00 30.21 ? 144 VAL A CG2   1 
ATOM   1069 N N     . THR A 1 138 ? 10.503  -14.859 -11.257 1.00 29.82 ? 145 THR A N     1 
ATOM   1070 C CA    . THR A 1 138 ? 11.426  -15.166 -10.160 1.00 29.58 ? 145 THR A CA    1 
ATOM   1071 C C     . THR A 1 138 ? 12.061  -13.848 -9.700  1.00 27.88 ? 145 THR A C     1 
ATOM   1072 O O     . THR A 1 138 ? 12.159  -13.577 -8.503  1.00 25.25 ? 145 THR A O     1 
ATOM   1073 C CB    . THR A 1 138 ? 12.543  -16.137 -10.628 1.00 29.44 ? 145 THR A CB    1 
ATOM   1074 O OG1   . THR A 1 138 ? 11.945  -17.283 -11.229 1.00 26.41 ? 145 THR A OG1   1 
ATOM   1075 C CG2   . THR A 1 138 ? 13.394  -16.588 -9.457  1.00 26.01 ? 145 THR A CG2   1 
ATOM   1076 N N     . GLY A 1 139 ? 12.477  -13.035 -10.668 1.00 27.66 ? 146 GLY A N     1 
ATOM   1077 C CA    . GLY A 1 139 ? 13.080  -11.763 -10.347 1.00 29.88 ? 146 GLY A CA    1 
ATOM   1078 C C     . GLY A 1 139 ? 12.119  -10.887 -9.559  1.00 30.72 ? 146 GLY A C     1 
ATOM   1079 O O     . GLY A 1 139 ? 12.467  -10.351 -8.501  1.00 30.38 ? 146 GLY A O     1 
ATOM   1080 N N     . ARG A 1 140 ? 10.899  -10.744 -10.065 1.00 30.56 ? 147 ARG A N     1 
ATOM   1081 C CA    . ARG A 1 140 ? 9.917   -9.913  -9.384  1.00 32.38 ? 147 ARG A CA    1 
ATOM   1082 C C     . ARG A 1 140 ? 9.520   -10.396 -7.989  1.00 31.43 ? 147 ARG A C     1 
ATOM   1083 O O     . ARG A 1 140 ? 9.343   -9.609  -7.068  1.00 32.19 ? 147 ARG A O     1 
ATOM   1084 C CB    . ARG A 1 140 ? 8.693   -9.725  -10.274 1.00 30.34 ? 147 ARG A CB    1 
ATOM   1085 C CG    . ARG A 1 140 ? 8.937   -8.610  -11.281 1.00 33.30 ? 147 ARG A CG    1 
ATOM   1086 C CD    . ARG A 1 140 ? 7.693   -8.199  -12.048 1.00 34.42 ? 147 ARG A CD    1 
ATOM   1087 N NE    . ARG A 1 140 ? 7.512   -9.056  -13.210 1.00 36.51 ? 147 ARG A NE    1 
ATOM   1088 C CZ    . ARG A 1 140 ? 6.546   -9.952  -13.335 1.00 33.53 ? 147 ARG A CZ    1 
ATOM   1089 N NH1   . ARG A 1 140 ? 6.473   -10.693 -14.424 1.00 33.20 ? 147 ARG A NH1   1 
ATOM   1090 N NH2   . ARG A 1 140 ? 5.648   -10.098 -12.377 1.00 35.02 ? 147 ARG A NH2   1 
ATOM   1091 N N     . VAL A 1 141 ? 9.405   -11.706 -7.833  1.00 31.54 ? 148 VAL A N     1 
ATOM   1092 C CA    . VAL A 1 141 ? 9.060   -12.276 -6.551  1.00 28.77 ? 148 VAL A CA    1 
ATOM   1093 C C     . VAL A 1 141 ? 10.160  -11.978 -5.557  1.00 30.05 ? 148 VAL A C     1 
ATOM   1094 O O     . VAL A 1 141 ? 9.897   -11.638 -4.407  1.00 32.30 ? 148 VAL A O     1 
ATOM   1095 C CB    . VAL A 1 141 ? 8.889   -13.784 -6.659  1.00 25.75 ? 148 VAL A CB    1 
ATOM   1096 C CG1   . VAL A 1 141 ? 8.760   -14.396 -5.284  1.00 23.24 ? 148 VAL A CG1   1 
ATOM   1097 C CG2   . VAL A 1 141 ? 7.669   -14.083 -7.484  1.00 23.01 ? 148 VAL A CG2   1 
ATOM   1098 N N     . ALA A 1 142 ? 11.399  -12.106 -5.999  1.00 31.35 ? 149 ALA A N     1 
ATOM   1099 C CA    . ALA A 1 142 ? 12.528  -11.843 -5.123  1.00 33.43 ? 149 ALA A CA    1 
ATOM   1100 C C     . ALA A 1 142 ? 12.521  -10.370 -4.725  1.00 34.39 ? 149 ALA A C     1 
ATOM   1101 O O     . ALA A 1 142 ? 12.801  -10.007 -3.581  1.00 35.12 ? 149 ALA A O     1 
ATOM   1102 C CB    . ALA A 1 142 ? 13.837  -12.199 -5.839  1.00 33.47 ? 149 ALA A CB    1 
ATOM   1103 N N     . ARG A 1 143 ? 12.184  -9.511  -5.677  1.00 35.32 ? 150 ARG A N     1 
ATOM   1104 C CA    . ARG A 1 143 ? 12.155  -8.087  -5.420  1.00 36.39 ? 150 ARG A CA    1 
ATOM   1105 C C     . ARG A 1 143 ? 11.008  -7.711  -4.472  1.00 35.55 ? 150 ARG A C     1 
ATOM   1106 O O     . ARG A 1 143 ? 11.157  -6.852  -3.598  1.00 33.40 ? 150 ARG A O     1 
ATOM   1107 C CB    . ARG A 1 143 ? 12.041  -7.334  -6.747  1.00 37.46 ? 150 ARG A CB    1 
ATOM   1108 C CG    . ARG A 1 143 ? 11.993  -5.836  -6.598  1.00 42.18 ? 150 ARG A CG    1 
ATOM   1109 C CD    . ARG A 1 143 ? 12.786  -5.157  -7.687  1.00 45.11 ? 150 ARG A CD    1 
ATOM   1110 N NE    . ARG A 1 143 ? 14.212  -5.384  -7.506  1.00 49.17 ? 150 ARG A NE    1 
ATOM   1111 C CZ    . ARG A 1 143 ? 15.158  -4.830  -8.259  1.00 51.64 ? 150 ARG A CZ    1 
ATOM   1112 N NH1   . ARG A 1 143 ? 16.445  -5.097  -8.019  1.00 51.06 ? 150 ARG A NH1   1 
ATOM   1113 N NH2   . ARG A 1 143 ? 14.817  -4.009  -9.249  1.00 51.96 ? 150 ARG A NH2   1 
ATOM   1114 N N     . THR A 1 144 ? 9.872   -8.379  -4.649  1.00 34.22 ? 151 THR A N     1 
ATOM   1115 C CA    . THR A 1 144 ? 8.688   -8.139  -3.828  1.00 32.69 ? 151 THR A CA    1 
ATOM   1116 C C     . THR A 1 144 ? 8.912   -8.539  -2.386  1.00 34.07 ? 151 THR A C     1 
ATOM   1117 O O     . THR A 1 144 ? 8.554   -7.804  -1.473  1.00 34.47 ? 151 THR A O     1 
ATOM   1118 C CB    . THR A 1 144 ? 7.476   -8.918  -4.368  1.00 31.52 ? 151 THR A CB    1 
ATOM   1119 O OG1   . THR A 1 144 ? 6.930   -8.218  -5.494  1.00 31.08 ? 151 THR A OG1   1 
ATOM   1120 C CG2   . THR A 1 144 ? 6.412   -9.079  -3.296  1.00 30.30 ? 151 THR A CG2   1 
ATOM   1121 N N     . LEU A 1 145 ? 9.494   -9.715  -2.182  1.00 36.29 ? 152 LEU A N     1 
ATOM   1122 C CA    . LEU A 1 145 ? 9.767   -10.210 -0.843  1.00 34.50 ? 152 LEU A CA    1 
ATOM   1123 C C     . LEU A 1 145 ? 10.715  -9.257  -0.122  1.00 34.99 ? 152 LEU A C     1 
ATOM   1124 O O     . LEU A 1 145 ? 10.568  -9.003  1.068   1.00 35.16 ? 152 LEU A O     1 
ATOM   1125 C CB    . LEU A 1 145 ? 10.390  -11.604 -0.919  1.00 33.80 ? 152 LEU A CB    1 
ATOM   1126 C CG    . LEU A 1 145 ? 9.526   -12.743 -1.457  1.00 32.94 ? 152 LEU A CG    1 
ATOM   1127 C CD1   . LEU A 1 145 ? 10.318  -14.037 -1.399  1.00 34.66 ? 152 LEU A CD1   1 
ATOM   1128 C CD2   . LEU A 1 145 ? 8.267   -12.885 -0.634  1.00 31.88 ? 152 LEU A CD2   1 
ATOM   1129 N N     . LEU A 1 146 ? 11.695  -8.732  -0.842  1.00 34.62 ? 153 LEU A N     1 
ATOM   1130 C CA    . LEU A 1 146 ? 12.629  -7.814  -0.229  1.00 35.96 ? 153 LEU A CA    1 
ATOM   1131 C C     . LEU A 1 146 ? 11.877  -6.536  0.172   1.00 38.52 ? 153 LEU A C     1 
ATOM   1132 O O     . LEU A 1 146 ? 12.055  -6.023  1.280   1.00 38.83 ? 153 LEU A O     1 
ATOM   1133 C CB    . LEU A 1 146 ? 13.769  -7.494  -1.204  1.00 35.69 ? 153 LEU A CB    1 
ATOM   1134 C CG    . LEU A 1 146 ? 14.747  -8.627  -1.536  1.00 33.24 ? 153 LEU A CG    1 
ATOM   1135 C CD1   . LEU A 1 146 ? 15.776  -8.143  -2.536  1.00 32.30 ? 153 LEU A CD1   1 
ATOM   1136 C CD2   . LEU A 1 146 ? 15.438  -9.092  -0.275  1.00 33.35 ? 153 LEU A CD2   1 
ATOM   1137 N N     . ASP A 1 147 ? 11.036  -6.033  -0.732  1.00 39.49 ? 154 ASP A N     1 
ATOM   1138 C CA    . ASP A 1 147 ? 10.247  -4.837  -0.465  1.00 39.08 ? 154 ASP A CA    1 
ATOM   1139 C C     . ASP A 1 147 ? 9.358   -5.090  0.751   1.00 39.36 ? 154 ASP A C     1 
ATOM   1140 O O     . ASP A 1 147 ? 9.231   -4.236  1.630   1.00 41.97 ? 154 ASP A O     1 
ATOM   1141 C CB    . ASP A 1 147 ? 9.373   -4.482  -1.672  1.00 40.62 ? 154 ASP A CB    1 
ATOM   1142 C CG    . ASP A 1 147 ? 10.173  -3.913  -2.841  1.00 45.15 ? 154 ASP A CG    1 
ATOM   1143 O OD1   . ASP A 1 147 ? 9.643   -3.897  -3.986  1.00 44.22 ? 154 ASP A OD1   1 
ATOM   1144 O OD2   . ASP A 1 147 ? 11.327  -3.469  -2.616  1.00 46.26 ? 154 ASP A OD2   1 
ATOM   1145 N N     . LEU A 1 148 ? 8.745   -6.269  0.803   1.00 37.02 ? 155 LEU A N     1 
ATOM   1146 C CA    . LEU A 1 148 ? 7.869   -6.631  1.915   1.00 37.21 ? 155 LEU A CA    1 
ATOM   1147 C C     . LEU A 1 148 ? 8.607   -6.662  3.243   1.00 37.95 ? 155 LEU A C     1 
ATOM   1148 O O     . LEU A 1 148 ? 7.995   -6.544  4.303   1.00 36.72 ? 155 LEU A O     1 
ATOM   1149 C CB    . LEU A 1 148 ? 7.230   -7.999  1.676   1.00 35.54 ? 155 LEU A CB    1 
ATOM   1150 C CG    . LEU A 1 148 ? 6.227   -8.121  0.534   1.00 35.86 ? 155 LEU A CG    1 
ATOM   1151 C CD1   . LEU A 1 148 ? 5.834   -9.565  0.366   1.00 36.23 ? 155 LEU A CD1   1 
ATOM   1152 C CD2   . LEU A 1 148 ? 5.006   -7.261  0.820   1.00 36.56 ? 155 LEU A CD2   1 
ATOM   1153 N N     . CYS A 1 149 ? 9.920   -6.844  3.188   1.00 39.95 ? 156 CYS A N     1 
ATOM   1154 C CA    . CYS A 1 149 ? 10.723  -6.887  4.403   1.00 42.39 ? 156 CYS A CA    1 
ATOM   1155 C C     . CYS A 1 149 ? 10.942  -5.490  4.939   1.00 43.15 ? 156 CYS A C     1 
ATOM   1156 O O     . CYS A 1 149 ? 11.512  -5.311  6.020   1.00 44.09 ? 156 CYS A O     1 
ATOM   1157 C CB    . CYS A 1 149 ? 12.077  -7.560  4.140   1.00 42.42 ? 156 CYS A CB    1 
ATOM   1158 S SG    . CYS A 1 149 ? 12.006  -9.369  4.076   1.00 39.59 ? 156 CYS A SG    1 
ATOM   1159 N N     . GLN A 1 150 ? 10.484  -4.496  4.179   1.00 43.56 ? 157 GLN A N     1 
ATOM   1160 C CA    . GLN A 1 150 ? 10.623  -3.105  4.577   1.00 43.23 ? 157 GLN A CA    1 
ATOM   1161 C C     . GLN A 1 150 ? 9.314   -2.547  5.108   1.00 43.46 ? 157 GLN A C     1 
ATOM   1162 O O     . GLN A 1 150 ? 9.267   -1.438  5.622   1.00 45.20 ? 157 GLN A O     1 
ATOM   1163 C CB    . GLN A 1 150 ? 11.118  -2.275  3.407   1.00 42.52 ? 157 GLN A CB    1 
ATOM   1164 C CG    . GLN A 1 150 ? 12.455  -2.741  2.887   1.00 45.68 ? 157 GLN A CG    1 
ATOM   1165 C CD    . GLN A 1 150 ? 13.505  -2.865  3.985   1.00 46.05 ? 157 GLN A CD    1 
ATOM   1166 O OE1   . GLN A 1 150 ? 14.506  -2.148  3.988   1.00 49.15 ? 157 GLN A OE1   1 
ATOM   1167 N NE2   . GLN A 1 150 ? 13.279  -3.777  4.920   1.00 45.22 ? 157 GLN A NE2   1 
ATOM   1168 N N     . GLN A 1 151 ? 8.245   -3.319  4.986   1.00 42.97 ? 158 GLN A N     1 
ATOM   1169 C CA    . GLN A 1 151 ? 6.961   -2.881  5.494   1.00 43.55 ? 158 GLN A CA    1 
ATOM   1170 C C     . GLN A 1 151 ? 6.967   -2.852  7.020   1.00 43.30 ? 158 GLN A C     1 
ATOM   1171 O O     . GLN A 1 151 ? 7.716   -3.588  7.659   1.00 42.32 ? 158 GLN A O     1 
ATOM   1172 C CB    . GLN A 1 151 ? 5.863   -3.821  5.020   1.00 43.30 ? 158 GLN A CB    1 
ATOM   1173 C CG    . GLN A 1 151 ? 5.587   -3.731  3.544   1.00 46.06 ? 158 GLN A CG    1 
ATOM   1174 C CD    . GLN A 1 151 ? 5.222   -2.327  3.097   1.00 46.25 ? 158 GLN A CD    1 
ATOM   1175 O OE1   . GLN A 1 151 ? 5.987   -1.688  2.369   1.00 46.07 ? 158 GLN A OE1   1 
ATOM   1176 N NE2   . GLN A 1 151 ? 4.052   -1.838  3.531   1.00 43.97 ? 158 GLN A NE2   1 
ATOM   1177 N N     . PRO A 1 152 ? 6.135   -1.989  7.621   1.00 43.89 ? 159 PRO A N     1 
ATOM   1178 C CA    . PRO A 1 152 ? 6.047   -1.878  9.081   1.00 44.18 ? 159 PRO A CA    1 
ATOM   1179 C C     . PRO A 1 152 ? 5.569   -3.154  9.775   1.00 42.32 ? 159 PRO A C     1 
ATOM   1180 O O     . PRO A 1 152 ? 5.757   -3.324  10.978  1.00 42.96 ? 159 PRO A O     1 
ATOM   1181 C CB    . PRO A 1 152 ? 5.092   -0.705  9.280   1.00 43.85 ? 159 PRO A CB    1 
ATOM   1182 C CG    . PRO A 1 152 ? 4.263   -0.719  8.026   1.00 43.06 ? 159 PRO A CG    1 
ATOM   1183 C CD    . PRO A 1 152 ? 5.313   -0.953  6.980   1.00 42.85 ? 159 PRO A CD    1 
ATOM   1184 N N     . ASP A 1 153 ? 4.939   -4.054  9.030   1.00 41.93 ? 160 ASP A N     1 
ATOM   1185 C CA    . ASP A 1 153 ? 4.506   -5.298  9.642   1.00 42.58 ? 160 ASP A CA    1 
ATOM   1186 C C     . ASP A 1 153 ? 5.599   -6.364  9.525   1.00 44.20 ? 160 ASP A C     1 
ATOM   1187 O O     . ASP A 1 153 ? 5.435   -7.499  9.970   1.00 44.94 ? 160 ASP A O     1 
ATOM   1188 C CB    . ASP A 1 153 ? 3.189   -5.800  9.041   1.00 39.72 ? 160 ASP A CB    1 
ATOM   1189 C CG    . ASP A 1 153 ? 3.188   -5.826  7.527   1.00 39.96 ? 160 ASP A CG    1 
ATOM   1190 O OD1   . ASP A 1 153 ? 2.204   -6.355  6.956   1.00 38.02 ? 160 ASP A OD1   1 
ATOM   1191 O OD2   . ASP A 1 153 ? 4.147   -5.316  6.904   1.00 40.64 ? 160 ASP A OD2   1 
ATOM   1192 N N     . ALA A 1 154 ? 6.727   -5.996  8.929   1.00 44.66 ? 161 ALA A N     1 
ATOM   1193 C CA    . ALA A 1 154 ? 7.819   -6.942  8.813   1.00 46.86 ? 161 ALA A CA    1 
ATOM   1194 C C     . ALA A 1 154 ? 8.386   -7.102  10.214  1.00 48.93 ? 161 ALA A C     1 
ATOM   1195 O O     . ALA A 1 154 ? 8.639   -6.110  10.906  1.00 48.66 ? 161 ALA A O     1 
ATOM   1196 C CB    . ALA A 1 154 ? 8.903   -6.416  7.858   1.00 45.83 ? 161 ALA A CB    1 
ATOM   1197 N N     . MET A 1 155 ? 8.557   -8.354  10.636  1.00 51.87 ? 162 MET A N     1 
ATOM   1198 C CA    . MET A 1 155 ? 9.119   -8.656  11.948  1.00 52.52 ? 162 MET A CA    1 
ATOM   1199 C C     . MET A 1 155 ? 10.624  -8.861  11.847  1.00 52.54 ? 162 MET A C     1 
ATOM   1200 O O     . MET A 1 155 ? 11.167  -9.177  10.783  1.00 52.72 ? 162 MET A O     1 
ATOM   1201 C CB    . MET A 1 155 ? 8.481   -9.912  12.525  1.00 54.34 ? 162 MET A CB    1 
ATOM   1202 C CG    . MET A 1 155 ? 7.026   -9.754  12.870  1.00 59.33 ? 162 MET A CG    1 
ATOM   1203 S SD    . MET A 1 155 ? 6.264   -11.344 13.228  1.00 68.04 ? 162 MET A SD    1 
ATOM   1204 C CE    . MET A 1 155 ? 7.147   -11.790 14.821  1.00 64.85 ? 162 MET A CE    1 
ATOM   1205 N N     . THR A 1 156 ? 11.300  -8.678  12.968  1.00 53.19 ? 163 THR A N     1 
ATOM   1206 C CA    . THR A 1 156 ? 12.737  -8.837  13.006  1.00 52.69 ? 163 THR A CA    1 
ATOM   1207 C C     . THR A 1 156 ? 13.017  -10.315 13.286  1.00 53.42 ? 163 THR A C     1 
ATOM   1208 O O     . THR A 1 156 ? 12.143  -11.032 13.790  1.00 54.05 ? 163 THR A O     1 
ATOM   1209 C CB    . THR A 1 156 ? 13.342  -7.931  14.082  1.00 51.72 ? 163 THR A CB    1 
ATOM   1210 O OG1   . THR A 1 156 ? 14.704  -7.674  13.748  1.00 51.12 ? 163 THR A OG1   1 
ATOM   1211 C CG2   . THR A 1 156 ? 13.251  -8.584  15.468  1.00 53.62 ? 163 THR A CG2   1 
ATOM   1212 N N     . HIS A 1 157 ? 14.221  -10.770 12.960  1.00 52.73 ? 164 HIS A N     1 
ATOM   1213 C CA    . HIS A 1 157 ? 14.558  -12.180 13.143  1.00 51.62 ? 164 HIS A CA    1 
ATOM   1214 C C     . HIS A 1 157 ? 16.063  -12.382 13.276  1.00 52.16 ? 164 HIS A C     1 
ATOM   1215 O O     . HIS A 1 157 ? 16.857  -11.674 12.647  1.00 51.96 ? 164 HIS A O     1 
ATOM   1216 C CB    . HIS A 1 157 ? 14.012  -12.951 11.945  1.00 50.22 ? 164 HIS A CB    1 
ATOM   1217 C CG    . HIS A 1 157 ? 14.120  -14.435 12.060  1.00 49.41 ? 164 HIS A CG    1 
ATOM   1218 N ND1   . HIS A 1 157 ? 15.326  -15.105 11.997  1.00 50.30 ? 164 HIS A ND1   1 
ATOM   1219 C CD2   . HIS A 1 157 ? 13.162  -15.389 12.140  1.00 47.51 ? 164 HIS A CD2   1 
ATOM   1220 C CE1   . HIS A 1 157 ? 15.103  -16.408 12.027  1.00 49.56 ? 164 HIS A CE1   1 
ATOM   1221 N NE2   . HIS A 1 157 ? 13.797  -16.605 12.113  1.00 48.67 ? 164 HIS A NE2   1 
ATOM   1222 N N     . PRO A 1 158 ? 16.480  -13.347 14.104  1.00 52.87 ? 165 PRO A N     1 
ATOM   1223 C CA    . PRO A 1 158 ? 17.918  -13.578 14.264  1.00 53.11 ? 165 PRO A CA    1 
ATOM   1224 C C     . PRO A 1 158 ? 18.661  -13.714 12.935  1.00 54.36 ? 165 PRO A C     1 
ATOM   1225 O O     . PRO A 1 158 ? 19.664  -13.037 12.696  1.00 53.57 ? 165 PRO A O     1 
ATOM   1226 C CB    . PRO A 1 158 ? 17.976  -14.853 15.113  1.00 52.40 ? 165 PRO A CB    1 
ATOM   1227 C CG    . PRO A 1 158 ? 16.610  -15.475 14.946  1.00 51.52 ? 165 PRO A CG    1 
ATOM   1228 C CD    . PRO A 1 158 ? 15.699  -14.296 14.916  1.00 51.17 ? 165 PRO A CD    1 
ATOM   1229 N N     . ASP A 1 159 ? 18.141  -14.572 12.062  1.00 55.44 ? 166 ASP A N     1 
ATOM   1230 C CA    . ASP A 1 159 ? 18.761  -14.820 10.757  1.00 56.39 ? 166 ASP A CA    1 
ATOM   1231 C C     . ASP A 1 159 ? 18.352  -13.845 9.652   1.00 55.23 ? 166 ASP A C     1 
ATOM   1232 O O     . ASP A 1 159 ? 18.664  -14.068 8.485   1.00 53.57 ? 166 ASP A O     1 
ATOM   1233 C CB    . ASP A 1 159 ? 18.437  -16.246 10.321  1.00 56.61 ? 166 ASP A CB    1 
ATOM   1234 C CG    . ASP A 1 159 ? 18.856  -17.264 11.348  1.00 55.29 ? 166 ASP A CG    1 
ATOM   1235 O OD1   . ASP A 1 159 ? 18.137  -18.278 11.498  1.00 56.12 ? 166 ASP A OD1   1 
ATOM   1236 O OD2   . ASP A 1 159 ? 19.904  -17.046 11.996  1.00 52.54 ? 166 ASP A OD2   1 
ATOM   1237 N N     . GLY A 1 160 ? 17.657  -12.779 10.022  1.00 56.01 ? 167 GLY A N     1 
ATOM   1238 C CA    . GLY A 1 160 ? 17.224  -11.799 9.039   1.00 55.34 ? 167 GLY A CA    1 
ATOM   1239 C C     . GLY A 1 160 ? 15.898  -11.149 9.376   1.00 54.77 ? 167 GLY A C     1 
ATOM   1240 O O     . GLY A 1 160 ? 15.749  -10.509 10.416  1.00 55.61 ? 167 GLY A O     1 
ATOM   1241 N N     . MET A 1 161 ? 14.925  -11.315 8.491   1.00 54.47 ? 168 MET A N     1 
ATOM   1242 C CA    . MET A 1 161 ? 13.603  -10.742 8.674   1.00 53.61 ? 168 MET A CA    1 
ATOM   1243 C C     . MET A 1 161 ? 12.557  -11.776 8.352   1.00 52.76 ? 168 MET A C     1 
ATOM   1244 O O     . MET A 1 161 ? 12.790  -12.640 7.511   1.00 54.08 ? 168 MET A O     1 
ATOM   1245 C CB    . MET A 1 161 ? 13.412  -9.571  7.719   1.00 54.71 ? 168 MET A CB    1 
ATOM   1246 C CG    . MET A 1 161 ? 14.163  -8.329  8.100   1.00 57.26 ? 168 MET A CG    1 
ATOM   1247 S SD    . MET A 1 161 ? 13.249  -7.388  9.320   1.00 55.77 ? 168 MET A SD    1 
ATOM   1248 C CE    . MET A 1 161 ? 13.834  -5.704  8.879   1.00 58.82 ? 168 MET A CE    1 
ATOM   1249 N N     . GLN A 1 162 ? 11.409  -11.715 9.015   1.00 50.34 ? 169 GLN A N     1 
ATOM   1250 C CA    . GLN A 1 162 ? 10.358  -12.650 8.674   1.00 50.40 ? 169 GLN A CA    1 
ATOM   1251 C C     . GLN A 1 162 ? 9.110   -11.843 8.454   1.00 48.41 ? 169 GLN A C     1 
ATOM   1252 O O     . GLN A 1 162 ? 8.947   -10.775 9.040   1.00 46.08 ? 169 GLN A O     1 
ATOM   1253 C CB    . GLN A 1 162 ? 10.158  -13.729 9.741   1.00 52.29 ? 169 GLN A CB    1 
ATOM   1254 C CG    . GLN A 1 162 ? 9.547   -13.300 11.038  1.00 57.04 ? 169 GLN A CG    1 
ATOM   1255 C CD    . GLN A 1 162 ? 9.205   -14.502 11.892  1.00 59.16 ? 169 GLN A CD    1 
ATOM   1256 O OE1   . GLN A 1 162 ? 8.625   -15.478 11.399  1.00 58.37 ? 169 GLN A OE1   1 
ATOM   1257 N NE2   . GLN A 1 162 ? 9.557   -14.444 13.179  1.00 60.07 ? 169 GLN A NE2   1 
ATOM   1258 N N     . ILE A 1 163 ? 8.246   -12.341 7.579   1.00 46.51 ? 170 ILE A N     1 
ATOM   1259 C CA    . ILE A 1 163 ? 7.025   -11.634 7.237   1.00 46.17 ? 170 ILE A CA    1 
ATOM   1260 C C     . ILE A 1 163 ? 5.828   -12.564 7.145   1.00 45.24 ? 170 ILE A C     1 
ATOM   1261 O O     . ILE A 1 163 ? 5.976   -13.759 6.924   1.00 44.14 ? 170 ILE A O     1 
ATOM   1262 C CB    . ILE A 1 163 ? 7.174   -10.907 5.871   1.00 45.23 ? 170 ILE A CB    1 
ATOM   1263 C CG1   . ILE A 1 163 ? 7.468   -11.935 4.768   1.00 44.93 ? 170 ILE A CG1   1 
ATOM   1264 C CG2   . ILE A 1 163 ? 8.292   -9.874  5.933   1.00 44.35 ? 170 ILE A CG2   1 
ATOM   1265 C CD1   . ILE A 1 163 ? 7.663   -11.341 3.387   1.00 42.60 ? 170 ILE A CD1   1 
ATOM   1266 N N     . LYS A 1 164 ? 4.636   -12.009 7.337   1.00 46.33 ? 171 LYS A N     1 
ATOM   1267 C CA    . LYS A 1 164 ? 3.431   -12.809 7.214   1.00 47.60 ? 171 LYS A CA    1 
ATOM   1268 C C     . LYS A 1 164 ? 2.975   -12.476 5.803   1.00 46.97 ? 171 LYS A C     1 
ATOM   1269 O O     . LYS A 1 164 ? 2.762   -11.303 5.471   1.00 47.52 ? 171 LYS A O     1 
ATOM   1270 C CB    . LYS A 1 164 ? 2.360   -12.398 8.234   1.00 49.34 ? 171 LYS A CB    1 
ATOM   1271 C CG    . LYS A 1 164 ? 1.306   -13.475 8.443   1.00 52.44 ? 171 LYS A CG    1 
ATOM   1272 C CD    . LYS A 1 164 ? 0.103   -12.978 9.231   1.00 56.28 ? 171 LYS A CD    1 
ATOM   1273 C CE    . LYS A 1 164 ? -0.872  -14.133 9.518   1.00 59.09 ? 171 LYS A CE    1 
ATOM   1274 N NZ    . LYS A 1 164 ? -2.112  -13.719 10.268  1.00 60.10 ? 171 LYS A NZ    1 
ATOM   1275 N N     . ILE A 1 165 ? 2.852   -13.495 4.967   1.00 46.01 ? 172 ILE A N     1 
ATOM   1276 C CA    . ILE A 1 165 ? 2.455   -13.280 3.587   1.00 44.24 ? 172 ILE A CA    1 
ATOM   1277 C C     . ILE A 1 165 ? 1.897   -14.572 2.998   1.00 43.35 ? 172 ILE A C     1 
ATOM   1278 O O     . ILE A 1 165 ? 2.219   -15.656 3.470   1.00 45.33 ? 172 ILE A O     1 
ATOM   1279 C CB    . ILE A 1 165 ? 3.685   -12.794 2.769   1.00 43.18 ? 172 ILE A CB    1 
ATOM   1280 C CG1   . ILE A 1 165 ? 3.266   -12.391 1.352   1.00 41.96 ? 172 ILE A CG1   1 
ATOM   1281 C CG2   . ILE A 1 165 ? 4.767   -13.863 2.780   1.00 40.83 ? 172 ILE A CG2   1 
ATOM   1282 C CD1   . ILE A 1 165 ? 2.570   -11.050 1.276   1.00 38.28 ? 172 ILE A CD1   1 
ATOM   1283 N N     . THR A 1 166 ? 1.035   -14.463 1.991   1.00 42.61 ? 173 THR A N     1 
ATOM   1284 C CA    . THR A 1 166 ? 0.484   -15.645 1.353   1.00 42.54 ? 173 THR A CA    1 
ATOM   1285 C C     . THR A 1 166 ? 0.953   -15.683 -0.096  1.00 42.89 ? 173 THR A C     1 
ATOM   1286 O O     . THR A 1 166 ? 1.465   -14.692 -0.620  1.00 40.84 ? 173 THR A O     1 
ATOM   1287 C CB    . THR A 1 166 ? -1.053  -15.656 1.370   1.00 43.02 ? 173 THR A CB    1 
ATOM   1288 O OG1   . THR A 1 166 ? -1.555  -14.543 0.621   1.00 45.88 ? 173 THR A OG1   1 
ATOM   1289 C CG2   . THR A 1 166 ? -1.566  -15.606 2.789   1.00 40.99 ? 173 THR A CG2   1 
ATOM   1290 N N     . ARG A 1 167 ? 0.796   -16.836 -0.739  1.00 43.57 ? 174 ARG A N     1 
ATOM   1291 C CA    . ARG A 1 167 ? 1.209   -16.965 -2.131  1.00 44.52 ? 174 ARG A CA    1 
ATOM   1292 C C     . ARG A 1 167 ? 0.302   -16.088 -2.981  1.00 42.37 ? 174 ARG A C     1 
ATOM   1293 O O     . ARG A 1 167 ? 0.750   -15.473 -3.939  1.00 41.25 ? 174 ARG A O     1 
ATOM   1294 C CB    . ARG A 1 167 ? 1.119   -18.428 -2.595  1.00 46.34 ? 174 ARG A CB    1 
ATOM   1295 C CG    . ARG A 1 167 ? 2.180   -19.370 -2.006  1.00 48.82 ? 174 ARG A CG    1 
ATOM   1296 C CD    . ARG A 1 167 ? 1.839   -20.841 -2.275  1.00 52.93 ? 174 ARG A CD    1 
ATOM   1297 N NE    . ARG A 1 167 ? 0.473   -21.162 -1.841  1.00 58.03 ? 174 ARG A NE    1 
ATOM   1298 C CZ    . ARG A 1 167 ? -0.462  -21.715 -2.617  1.00 58.84 ? 174 ARG A CZ    1 
ATOM   1299 N NH1   . ARG A 1 167 ? -1.672  -21.956 -2.124  1.00 57.90 ? 174 ARG A NH1   1 
ATOM   1300 N NH2   . ARG A 1 167 ? -0.190  -22.036 -3.879  1.00 58.79 ? 174 ARG A NH2   1 
ATOM   1301 N N     . GLN A 1 168 ? -0.975  -16.023 -2.611  1.00 43.06 ? 175 GLN A N     1 
ATOM   1302 C CA    . GLN A 1 168 ? -1.960  -15.226 -3.353  1.00 41.32 ? 175 GLN A CA    1 
ATOM   1303 C C     . GLN A 1 168 ? -1.592  -13.739 -3.351  1.00 38.49 ? 175 GLN A C     1 
ATOM   1304 O O     . GLN A 1 168 ? -1.681  -13.075 -4.375  1.00 36.93 ? 175 GLN A O     1 
ATOM   1305 C CB    . GLN A 1 168 ? -3.366  -15.408 -2.756  1.00 42.89 ? 175 GLN A CB    1 
ATOM   1306 C CG    . GLN A 1 168 ? -3.830  -16.870 -2.588  1.00 48.82 ? 175 GLN A CG    1 
ATOM   1307 C CD    . GLN A 1 168 ? -3.364  -17.520 -1.259  1.00 52.27 ? 175 GLN A CD    1 
ATOM   1308 O OE1   . GLN A 1 168 ? -2.166  -17.788 -1.052  1.00 50.12 ? 175 GLN A OE1   1 
ATOM   1309 N NE2   . GLN A 1 168 ? -4.325  -17.771 -0.355  1.00 51.78 ? 175 GLN A NE2   1 
ATOM   1310 N N     . GLU A 1 169 ? -1.174  -13.239 -2.194  1.00 36.30 ? 176 GLU A N     1 
ATOM   1311 C CA    . GLU A 1 169 ? -0.790  -11.846 -2.029  1.00 33.15 ? 176 GLU A CA    1 
ATOM   1312 C C     . GLU A 1 169 ? 0.417   -11.506 -2.896  1.00 33.59 ? 176 GLU A C     1 
ATOM   1313 O O     . GLU A 1 169 ? 0.481   -10.435 -3.497  1.00 33.42 ? 176 GLU A O     1 
ATOM   1314 C CB    . GLU A 1 169 ? -0.464  -11.582 -0.559  1.00 34.57 ? 176 GLU A CB    1 
ATOM   1315 C CG    . GLU A 1 169 ? -0.220  -10.120 -0.177  1.00 33.88 ? 176 GLU A CG    1 
ATOM   1316 C CD    . GLU A 1 169 ? -1.491  -9.272  -0.192  1.00 33.61 ? 176 GLU A CD    1 
ATOM   1317 O OE1   . GLU A 1 169 ? -1.454  -8.135  0.327   1.00 32.66 ? 176 GLU A OE1   1 
ATOM   1318 O OE2   . GLU A 1 169 ? -2.522  -9.733  -0.722  1.00 30.99 ? 176 GLU A OE2   1 
ATOM   1319 N N     . ILE A 1 170 ? 1.387   -12.415 -2.943  1.00 33.91 ? 177 ILE A N     1 
ATOM   1320 C CA    . ILE A 1 170 ? 2.595   -12.212 -3.740  1.00 32.48 ? 177 ILE A CA    1 
ATOM   1321 C C     . ILE A 1 170 ? 2.214   -12.207 -5.215  1.00 32.13 ? 177 ILE A C     1 
ATOM   1322 O O     . ILE A 1 170 ? 2.741   -11.419 -6.009  1.00 30.84 ? 177 ILE A O     1 
ATOM   1323 C CB    . ILE A 1 170 ? 3.634   -13.336 -3.465  1.00 33.31 ? 177 ILE A CB    1 
ATOM   1324 C CG1   . ILE A 1 170 ? 4.117   -13.248 -2.010  1.00 33.67 ? 177 ILE A CG1   1 
ATOM   1325 C CG2   . ILE A 1 170 ? 4.807   -13.224 -4.432  1.00 32.83 ? 177 ILE A CG2   1 
ATOM   1326 C CD1   . ILE A 1 170 ? 4.888   -14.446 -1.517  1.00 30.07 ? 177 ILE A CD1   1 
ATOM   1327 N N     . GLY A 1 171 ? 1.283   -13.094 -5.572  1.00 32.22 ? 178 GLY A N     1 
ATOM   1328 C CA    . GLY A 1 171 ? 0.820   -13.178 -6.943  1.00 30.40 ? 178 GLY A CA    1 
ATOM   1329 C C     . GLY A 1 171 ? 0.172   -11.869 -7.348  1.00 28.79 ? 178 GLY A C     1 
ATOM   1330 O O     . GLY A 1 171 ? 0.418   -11.357 -8.433  1.00 28.80 ? 178 GLY A O     1 
ATOM   1331 N N     . ARG A 1 172 ? -0.660  -11.331 -6.465  1.00 29.52 ? 179 ARG A N     1 
ATOM   1332 C CA    . ARG A 1 172 ? -1.326  -10.062 -6.720  1.00 30.17 ? 179 ARG A CA    1 
ATOM   1333 C C     . ARG A 1 172 ? -0.283  -8.962  -6.924  1.00 28.95 ? 179 ARG A C     1 
ATOM   1334 O O     . ARG A 1 172 ? -0.426  -8.119  -7.808  1.00 30.13 ? 179 ARG A O     1 
ATOM   1335 C CB    . ARG A 1 172 ? -2.268  -9.700  -5.554  1.00 31.07 ? 179 ARG A CB    1 
ATOM   1336 C CG    . ARG A 1 172 ? -3.582  -10.484 -5.541  1.00 36.27 ? 179 ARG A CG    1 
ATOM   1337 C CD    . ARG A 1 172 ? -4.551  -10.041 -4.442  1.00 41.04 ? 179 ARG A CD    1 
ATOM   1338 N NE    . ARG A 1 172 ? -4.103  -10.421 -3.097  1.00 45.79 ? 179 ARG A NE    1 
ATOM   1339 C CZ    . ARG A 1 172 ? -4.378  -11.579 -2.496  1.00 46.41 ? 179 ARG A CZ    1 
ATOM   1340 N NH1   . ARG A 1 172 ? -3.915  -11.825 -1.274  1.00 46.80 ? 179 ARG A NH1   1 
ATOM   1341 N NH2   . ARG A 1 172 ? -5.127  -12.489 -3.106  1.00 47.79 ? 179 ARG A NH2   1 
ATOM   1342 N N     . ILE A 1 173 ? 0.775   -8.980  -6.123  1.00 27.06 ? 180 ILE A N     1 
ATOM   1343 C CA    . ILE A 1 173 ? 1.813   -7.965  -6.252  1.00 29.01 ? 180 ILE A CA    1 
ATOM   1344 C C     . ILE A 1 173 ? 2.661   -8.087  -7.513  1.00 30.22 ? 180 ILE A C     1 
ATOM   1345 O O     . ILE A 1 173 ? 2.906   -7.081  -8.189  1.00 30.64 ? 180 ILE A O     1 
ATOM   1346 C CB    . ILE A 1 173 ? 2.761   -7.954  -5.029  1.00 27.74 ? 180 ILE A CB    1 
ATOM   1347 C CG1   . ILE A 1 173 ? 1.985   -7.566  -3.761  1.00 25.75 ? 180 ILE A CG1   1 
ATOM   1348 C CG2   . ILE A 1 173 ? 3.882   -6.985  -5.262  1.00 21.79 ? 180 ILE A CG2   1 
ATOM   1349 C CD1   . ILE A 1 173 ? 2.775   -7.747  -2.485  1.00 21.92 ? 180 ILE A CD1   1 
ATOM   1350 N N     . VAL A 1 174 ? 3.114   -9.297  -7.837  1.00 32.05 ? 181 VAL A N     1 
ATOM   1351 C CA    . VAL A 1 174 ? 3.941   -9.488  -9.042  1.00 34.18 ? 181 VAL A CA    1 
ATOM   1352 C C     . VAL A 1 174 ? 3.145   -9.642  -10.336 1.00 32.44 ? 181 VAL A C     1 
ATOM   1353 O O     . VAL A 1 174 ? 3.597   -9.234  -11.398 1.00 32.64 ? 181 VAL A O     1 
ATOM   1354 C CB    . VAL A 1 174 ? 4.897   -10.715 -8.917  1.00 32.24 ? 181 VAL A CB    1 
ATOM   1355 C CG1   . VAL A 1 174 ? 5.863   -10.496 -7.771  1.00 35.52 ? 181 VAL A CG1   1 
ATOM   1356 C CG2   . VAL A 1 174 ? 4.114   -11.987 -8.700  1.00 31.18 ? 181 VAL A CG2   1 
ATOM   1357 N N     . GLY A 1 175 ? 1.959   -10.223 -10.254 1.00 32.42 ? 182 GLY A N     1 
ATOM   1358 C CA    . GLY A 1 175 ? 1.177   -10.404 -11.455 1.00 33.66 ? 182 GLY A CA    1 
ATOM   1359 C C     . GLY A 1 175 ? 1.329   -11.794 -12.033 1.00 34.61 ? 182 GLY A C     1 
ATOM   1360 O O     . GLY A 1 175 ? 1.729   -11.960 -13.185 1.00 35.42 ? 182 GLY A O     1 
ATOM   1361 N N     . CYS A 1 176 ? 1.031   -12.799 -11.220 1.00 32.83 ? 183 CYS A N     1 
ATOM   1362 C CA    . CYS A 1 176 ? 1.093   -14.181 -11.657 1.00 34.04 ? 183 CYS A CA    1 
ATOM   1363 C C     . CYS A 1 176 ? 0.198   -14.969 -10.713 1.00 35.34 ? 183 CYS A C     1 
ATOM   1364 O O     . CYS A 1 176 ? -0.226  -14.448 -9.685  1.00 35.69 ? 183 CYS A O     1 
ATOM   1365 C CB    . CYS A 1 176 ? 2.532   -14.711 -11.639 1.00 31.99 ? 183 CYS A CB    1 
ATOM   1366 S SG    . CYS A 1 176 ? 3.271   -15.031 -10.020 1.00 33.11 ? 183 CYS A SG    1 
ATOM   1367 N N     . SER A 1 177 ? -0.113  -16.206 -11.078 1.00 37.59 ? 184 SER A N     1 
ATOM   1368 C CA    . SER A 1 177 ? -0.973  -17.066 -10.265 1.00 38.65 ? 184 SER A CA    1 
ATOM   1369 C C     . SER A 1 177 ? -0.276  -17.478 -8.981  1.00 39.85 ? 184 SER A C     1 
ATOM   1370 O O     . SER A 1 177 ? 0.950   -17.409 -8.889  1.00 41.94 ? 184 SER A O     1 
ATOM   1371 C CB    . SER A 1 177 ? -1.302  -18.329 -11.036 1.00 39.87 ? 184 SER A CB    1 
ATOM   1372 O OG    . SER A 1 177 ? -0.132  -19.130 -11.164 1.00 40.02 ? 184 SER A OG    1 
ATOM   1373 N N     . ARG A 1 178 ? -1.039  -17.931 -7.997  1.00 40.24 ? 185 ARG A N     1 
ATOM   1374 C CA    . ARG A 1 178 ? -0.422  -18.374 -6.754  1.00 42.90 ? 185 ARG A CA    1 
ATOM   1375 C C     . ARG A 1 178 ? 0.408   -19.633 -7.007  1.00 42.25 ? 185 ARG A C     1 
ATOM   1376 O O     . ARG A 1 178 ? 1.413   -19.860 -6.338  1.00 40.93 ? 185 ARG A O     1 
ATOM   1377 C CB    . ARG A 1 178 ? -1.483  -18.637 -5.686  1.00 46.87 ? 185 ARG A CB    1 
ATOM   1378 C CG    . ARG A 1 178 ? -2.696  -19.386 -6.186  1.00 52.10 ? 185 ARG A CG    1 
ATOM   1379 C CD    . ARG A 1 178 ? -3.532  -19.929 -5.033  1.00 58.07 ? 185 ARG A CD    1 
ATOM   1380 N NE    . ARG A 1 178 ? -4.392  -21.019 -5.495  1.00 64.61 ? 185 ARG A NE    1 
ATOM   1381 C CZ    . ARG A 1 178 ? -5.563  -20.860 -6.110  1.00 66.73 ? 185 ARG A CZ    1 
ATOM   1382 N NH1   . ARG A 1 178 ? -6.255  -21.924 -6.501  1.00 66.73 ? 185 ARG A NH1   1 
ATOM   1383 N NH2   . ARG A 1 178 ? -6.058  -19.637 -6.306  1.00 67.66 ? 185 ARG A NH2   1 
ATOM   1384 N N     . GLU A 1 179 ? -0.013  -20.435 -7.989  1.00 41.80 ? 186 GLU A N     1 
ATOM   1385 C CA    . GLU A 1 179 ? 0.698   -21.658 -8.360  1.00 42.10 ? 186 GLU A CA    1 
ATOM   1386 C C     . GLU A 1 179 ? 2.140   -21.352 -8.770  1.00 42.04 ? 186 GLU A C     1 
ATOM   1387 O O     . GLU A 1 179 ? 3.091   -22.020 -8.332  1.00 40.55 ? 186 GLU A O     1 
ATOM   1388 C CB    . GLU A 1 179 ? 0.006   -22.364 -9.528  1.00 44.42 ? 186 GLU A CB    1 
ATOM   1389 C CG    . GLU A 1 179 ? -1.233  -23.159 -9.152  1.00 47.88 ? 186 GLU A CG    1 
ATOM   1390 C CD    . GLU A 1 179 ? -2.468  -22.301 -8.929  1.00 50.34 ? 186 GLU A CD    1 
ATOM   1391 O OE1   . GLU A 1 179 ? -3.447  -22.829 -8.350  1.00 52.44 ? 186 GLU A OE1   1 
ATOM   1392 O OE2   . GLU A 1 179 ? -2.472  -21.115 -9.337  1.00 49.19 ? 186 GLU A OE2   1 
ATOM   1393 N N     . MET A 1 180 ? 2.299   -20.347 -9.622  1.00 39.83 ? 187 MET A N     1 
ATOM   1394 C CA    . MET A 1 180 ? 3.623   -19.973 -10.069 1.00 40.11 ? 187 MET A CA    1 
ATOM   1395 C C     . MET A 1 180 ? 4.439   -19.418 -8.899  1.00 40.16 ? 187 MET A C     1 
ATOM   1396 O O     . MET A 1 180 ? 5.653   -19.617 -8.820  1.00 39.48 ? 187 MET A O     1 
ATOM   1397 C CB    . MET A 1 180 ? 3.522   -18.946 -11.184 1.00 41.91 ? 187 MET A CB    1 
ATOM   1398 C CG    . MET A 1 180 ? 4.753   -18.874 -12.073 1.00 46.06 ? 187 MET A CG    1 
ATOM   1399 S SD    . MET A 1 180 ? 4.511   -17.627 -13.359 1.00 58.41 ? 187 MET A SD    1 
ATOM   1400 C CE    . MET A 1 180 ? 2.769   -17.929 -13.847 1.00 56.94 ? 187 MET A CE    1 
ATOM   1401 N N     . VAL A 1 181 ? 3.773   -18.723 -7.980  1.00 38.13 ? 188 VAL A N     1 
ATOM   1402 C CA    . VAL A 1 181 ? 4.468   -18.181 -6.829  1.00 37.37 ? 188 VAL A CA    1 
ATOM   1403 C C     . VAL A 1 181 ? 5.020   -19.355 -6.018  1.00 36.05 ? 188 VAL A C     1 
ATOM   1404 O O     . VAL A 1 181 ? 6.185   -19.348 -5.593  1.00 34.22 ? 188 VAL A O     1 
ATOM   1405 C CB    . VAL A 1 181 ? 3.514   -17.308 -5.961  1.00 38.31 ? 188 VAL A CB    1 
ATOM   1406 C CG1   . VAL A 1 181 ? 4.150   -17.000 -4.602  1.00 36.84 ? 188 VAL A CG1   1 
ATOM   1407 C CG2   . VAL A 1 181 ? 3.215   -15.999 -6.689  1.00 37.25 ? 188 VAL A CG2   1 
ATOM   1408 N N     . GLY A 1 182 ? 4.181   -20.371 -5.829  1.00 34.51 ? 189 GLY A N     1 
ATOM   1409 C CA    . GLY A 1 182 ? 4.591   -21.548 -5.089  1.00 33.14 ? 189 GLY A CA    1 
ATOM   1410 C C     . GLY A 1 182 ? 5.808   -22.172 -5.745  1.00 34.74 ? 189 GLY A C     1 
ATOM   1411 O O     . GLY A 1 182 ? 6.721   -22.661 -5.075  1.00 35.26 ? 189 GLY A O     1 
ATOM   1412 N N     . ARG A 1 183 ? 5.830   -22.157 -7.070  1.00 34.04 ? 190 ARG A N     1 
ATOM   1413 C CA    . ARG A 1 183 ? 6.957   -22.718 -7.775  1.00 32.57 ? 190 ARG A CA    1 
ATOM   1414 C C     . ARG A 1 183 ? 8.216   -21.912 -7.542  1.00 33.74 ? 190 ARG A C     1 
ATOM   1415 O O     . ARG A 1 183 ? 9.282   -22.484 -7.275  1.00 35.32 ? 190 ARG A O     1 
ATOM   1416 C CB    . ARG A 1 183 ? 6.654   -22.824 -9.261  1.00 32.18 ? 190 ARG A CB    1 
ATOM   1417 C CG    . ARG A 1 183 ? 6.209   -24.216 -9.640  1.00 36.86 ? 190 ARG A CG    1 
ATOM   1418 C CD    . ARG A 1 183 ? 5.907   -24.352 -11.109 1.00 40.60 ? 190 ARG A CD    1 
ATOM   1419 N NE    . ARG A 1 183 ? 4.533   -23.982 -11.422 1.00 42.41 ? 190 ARG A NE    1 
ATOM   1420 C CZ    . ARG A 1 183 ? 4.206   -23.025 -12.283 1.00 45.14 ? 190 ARG A CZ    1 
ATOM   1421 N NH1   . ARG A 1 183 ? 5.165   -22.337 -12.914 1.00 46.22 ? 190 ARG A NH1   1 
ATOM   1422 N NH2   . ARG A 1 183 ? 2.925   -22.764 -12.524 1.00 44.47 ? 190 ARG A NH2   1 
ATOM   1423 N N     . VAL A 1 184 ? 8.103   -20.583 -7.617  1.00 32.64 ? 191 VAL A N     1 
ATOM   1424 C CA    . VAL A 1 184 ? 9.267   -19.724 -7.423  1.00 30.55 ? 191 VAL A CA    1 
ATOM   1425 C C     . VAL A 1 184 ? 9.800   -19.905 -6.022  1.00 30.71 ? 191 VAL A C     1 
ATOM   1426 O O     . VAL A 1 184 ? 11.013  -19.920 -5.803  1.00 30.10 ? 191 VAL A O     1 
ATOM   1427 C CB    . VAL A 1 184 ? 8.939   -18.218 -7.640  1.00 28.49 ? 191 VAL A CB    1 
ATOM   1428 C CG1   . VAL A 1 184 ? 10.200  -17.387 -7.466  1.00 27.24 ? 191 VAL A CG1   1 
ATOM   1429 C CG2   . VAL A 1 184 ? 8.381   -17.984 -9.029  1.00 25.64 ? 191 VAL A CG2   1 
ATOM   1430 N N     . LEU A 1 185 ? 8.887   -20.060 -5.067  1.00 29.50 ? 192 LEU A N     1 
ATOM   1431 C CA    . LEU A 1 185 ? 9.317   -20.222 -3.695  1.00 32.94 ? 192 LEU A CA    1 
ATOM   1432 C C     . LEU A 1 185 ? 10.057  -21.530 -3.479  1.00 34.32 ? 192 LEU A C     1 
ATOM   1433 O O     . LEU A 1 185 ? 11.101  -21.549 -2.805  1.00 33.44 ? 192 LEU A O     1 
ATOM   1434 C CB    . LEU A 1 185 ? 8.104   -20.108 -2.765  1.00 35.32 ? 192 LEU A CB    1 
ATOM   1435 C CG    . LEU A 1 185 ? 7.423   -18.727 -2.737  1.00 36.79 ? 192 LEU A CG    1 
ATOM   1436 C CD1   . LEU A 1 185 ? 6.254   -18.755 -1.764  1.00 34.35 ? 192 LEU A CD1   1 
ATOM   1437 C CD2   . LEU A 1 185 ? 8.420   -17.665 -2.288  1.00 35.08 ? 192 LEU A CD2   1 
ATOM   1438 N N     . LYS A 1 186 ? 9.551   -22.606 -4.047  1.00 36.80 ? 193 LYS A N     1 
ATOM   1439 C CA    . LYS A 1 186 ? 10.201  -23.919 -3.965  1.00 36.01 ? 193 LYS A CA    1 
ATOM   1440 C C     . LYS A 1 186 ? 11.634  -23.764 -4.436  1.00 35.14 ? 193 LYS A C     1 
ATOM   1441 O O     . LYS A 1 186 ? 12.556  -24.277 -3.797  1.00 33.34 ? 193 LYS A O     1 
ATOM   1442 C CB    . LYS A 1 186 ? 9.471   -24.955 -4.804  1.00 39.33 ? 193 LYS A CB    1 
ATOM   1443 C CG    . LYS A 1 186 ? 10.059  -26.361 -4.715  1.00 46.29 ? 193 LYS A CG    1 
ATOM   1444 C CD    . LYS A 1 186 ? 9.350   -27.344 -5.630  1.00 49.22 ? 193 LYS A CD    1 
ATOM   1445 C CE    . LYS A 1 186 ? 10.022  -28.722 -5.559  1.00 50.75 ? 193 LYS A CE    1 
ATOM   1446 N NZ    . LYS A 1 186 ? 9.347   -29.708 -6.453  1.00 52.97 ? 193 LYS A NZ    1 
ATOM   1447 N N     . SER A 1 187 ? 11.848  -23.031 -5.526  1.00 35.19 ? 194 SER A N     1 
ATOM   1448 C CA    . SER A 1 187 ? 13.205  -22.828 -6.007  1.00 33.57 ? 194 SER A CA    1 
ATOM   1449 C C     . SER A 1 187 ? 14.054  -21.958 -5.037  1.00 34.76 ? 194 SER A C     1 
ATOM   1450 O O     . SER A 1 187 ? 15.210  -22.275 -4.746  1.00 34.71 ? 194 SER A O     1 
ATOM   1451 C CB    . SER A 1 187 ? 13.152  -22.190 -7.387  1.00 32.88 ? 194 SER A CB    1 
ATOM   1452 O OG    . SER A 1 187 ? 14.416  -22.024 -8.011  1.00 35.12 ? 194 SER A OG    1 
ATOM   1453 N N     . LEU A 1 188 ? 13.446  -20.880 -4.535  1.00 35.78 ? 195 LEU A N     1 
ATOM   1454 C CA    . LEU A 1 188 ? 14.154  -19.955 -3.642  1.00 34.86 ? 195 LEU A CA    1 
ATOM   1455 C C     . LEU A 1 188 ? 14.551  -20.632 -2.358  1.00 35.88 ? 195 LEU A C     1 
ATOM   1456 O O     . LEU A 1 188 ? 15.613  -20.347 -1.779  1.00 35.19 ? 195 LEU A O     1 
ATOM   1457 C CB    . LEU A 1 188 ? 13.284  -18.732 -3.328  1.00 33.13 ? 195 LEU A CB    1 
ATOM   1458 C CG    . LEU A 1 188 ? 13.016  -17.735 -4.460  1.00 30.18 ? 195 LEU A CG    1 
ATOM   1459 C CD1   . LEU A 1 188 ? 12.234  -16.566 -3.917  1.00 29.03 ? 195 LEU A CD1   1 
ATOM   1460 C CD2   . LEU A 1 188 ? 14.321  -17.249 -5.055  1.00 29.89 ? 195 LEU A CD2   1 
ATOM   1461 N N     . GLU A 1 189 ? 13.684  -21.540 -1.916  1.00 38.19 ? 196 GLU A N     1 
ATOM   1462 C CA    . GLU A 1 189 ? 13.917  -22.296 -0.696  1.00 39.61 ? 196 GLU A CA    1 
ATOM   1463 C C     . GLU A 1 189 ? 14.972  -23.381 -0.936  1.00 40.37 ? 196 GLU A C     1 
ATOM   1464 O O     . GLU A 1 189 ? 15.858  -23.572 -0.106  1.00 39.18 ? 196 GLU A O     1 
ATOM   1465 C CB    . GLU A 1 189 ? 12.611  -22.907 -0.207  1.00 38.34 ? 196 GLU A CB    1 
ATOM   1466 C CG    . GLU A 1 189 ? 12.670  -23.303 1.242   1.00 42.52 ? 196 GLU A CG    1 
ATOM   1467 C CD    . GLU A 1 189 ? 11.301  -23.368 1.885   1.00 45.80 ? 196 GLU A CD    1 
ATOM   1468 O OE1   . GLU A 1 189 ? 11.238  -23.657 3.104   1.00 45.92 ? 196 GLU A OE1   1 
ATOM   1469 O OE2   . GLU A 1 189 ? 10.291  -23.130 1.171   1.00 47.51 ? 196 GLU A OE2   1 
ATOM   1470 N N     . GLU A 1 190 ? 14.880  -24.078 -2.072  1.00 41.67 ? 197 GLU A N     1 
ATOM   1471 C CA    . GLU A 1 190 ? 15.867  -25.105 -2.407  1.00 42.89 ? 197 GLU A CA    1 
ATOM   1472 C C     . GLU A 1 190 ? 17.248  -24.465 -2.385  1.00 41.71 ? 197 GLU A C     1 
ATOM   1473 O O     . GLU A 1 190 ? 18.237  -25.098 -1.997  1.00 42.66 ? 197 GLU A O     1 
ATOM   1474 C CB    . GLU A 1 190 ? 15.605  -25.689 -3.795  1.00 45.15 ? 197 GLU A CB    1 
ATOM   1475 C CG    . GLU A 1 190 ? 14.680  -26.901 -3.811  1.00 51.22 ? 197 GLU A CG    1 
ATOM   1476 C CD    . GLU A 1 190 ? 13.963  -27.082 -5.152  1.00 56.63 ? 197 GLU A CD    1 
ATOM   1477 O OE1   . GLU A 1 190 ? 14.422  -26.475 -6.160  1.00 59.59 ? 197 GLU A OE1   1 
ATOM   1478 O OE2   . GLU A 1 190 ? 12.948  -27.830 -5.199  1.00 55.13 ? 197 GLU A OE2   1 
ATOM   1479 N N     . GLN A 1 191 ? 17.302  -23.204 -2.802  1.00 38.87 ? 198 GLN A N     1 
ATOM   1480 C CA    . GLN A 1 191 ? 18.545  -22.452 -2.835  1.00 36.66 ? 198 GLN A CA    1 
ATOM   1481 C C     . GLN A 1 191 ? 18.881  -21.871 -1.471  1.00 38.15 ? 198 GLN A C     1 
ATOM   1482 O O     . GLN A 1 191 ? 19.910  -21.209 -1.307  1.00 36.88 ? 198 GLN A O     1 
ATOM   1483 C CB    . GLN A 1 191 ? 18.435  -21.341 -3.862  1.00 33.78 ? 198 GLN A CB    1 
ATOM   1484 C CG    . GLN A 1 191 ? 18.310  -21.878 -5.268  1.00 30.10 ? 198 GLN A CG    1 
ATOM   1485 C CD    . GLN A 1 191 ? 18.092  -20.799 -6.294  1.00 28.10 ? 198 GLN A CD    1 
ATOM   1486 O OE1   . GLN A 1 191 ? 17.009  -20.720 -6.900  1.00 26.88 ? 198 GLN A OE1   1 
ATOM   1487 N NE2   . GLN A 1 191 ? 19.111  -19.957 -6.501  1.00 20.56 ? 198 GLN A NE2   1 
ATOM   1488 N N     . GLY A 1 192 ? 18.000  -22.126 -0.501  1.00 39.42 ? 199 GLY A N     1 
ATOM   1489 C CA    . GLY A 1 192 ? 18.191  -21.643 0.860   1.00 39.95 ? 199 GLY A CA    1 
ATOM   1490 C C     . GLY A 1 192 ? 18.224  -20.132 0.984   1.00 40.93 ? 199 GLY A C     1 
ATOM   1491 O O     . GLY A 1 192 ? 18.942  -19.582 1.826   1.00 38.56 ? 199 GLY A O     1 
ATOM   1492 N N     . LEU A 1 193 ? 17.450  -19.455 0.134   1.00 41.18 ? 200 LEU A N     1 
ATOM   1493 C CA    . LEU A 1 193 ? 17.402  -18.001 0.162   1.00 41.06 ? 200 LEU A CA    1 
ATOM   1494 C C     . LEU A 1 193 ? 16.324  -17.502 1.131   1.00 42.35 ? 200 LEU A C     1 
ATOM   1495 O O     . LEU A 1 193 ? 16.407  -16.390 1.676   1.00 41.43 ? 200 LEU A O     1 
ATOM   1496 C CB    . LEU A 1 193 ? 17.174  -17.471 -1.253  1.00 38.00 ? 200 LEU A CB    1 
ATOM   1497 C CG    . LEU A 1 193 ? 18.402  -17.701 -2.143  1.00 34.94 ? 200 LEU A CG    1 
ATOM   1498 C CD1   . LEU A 1 193 ? 18.171  -17.123 -3.517  1.00 33.25 ? 200 LEU A CD1   1 
ATOM   1499 C CD2   . LEU A 1 193 ? 19.619  -17.066 -1.509  1.00 30.86 ? 200 LEU A CD2   1 
ATOM   1500 N N     . VAL A 1 194 ? 15.323  -18.344 1.344   1.00 42.71 ? 201 VAL A N     1 
ATOM   1501 C CA    . VAL A 1 194 ? 14.235  -18.051 2.257   1.00 44.94 ? 201 VAL A CA    1 
ATOM   1502 C C     . VAL A 1 194 ? 13.810  -19.390 2.827   1.00 47.22 ? 201 VAL A C     1 
ATOM   1503 O O     . VAL A 1 194 ? 14.268  -20.439 2.370   1.00 48.67 ? 201 VAL A O     1 
ATOM   1504 C CB    . VAL A 1 194 ? 13.006  -17.412 1.544   1.00 44.31 ? 201 VAL A CB    1 
ATOM   1505 C CG1   . VAL A 1 194 ? 13.400  -16.099 0.920   1.00 43.80 ? 201 VAL A CG1   1 
ATOM   1506 C CG2   . VAL A 1 194 ? 12.441  -18.352 0.493   1.00 41.40 ? 201 VAL A CG2   1 
ATOM   1507 N N     . HIS A 1 195 ? 12.948  -19.346 3.835   1.00 47.52 ? 202 HIS A N     1 
ATOM   1508 C CA    . HIS A 1 195 ? 12.426  -20.550 4.445   1.00 48.20 ? 202 HIS A CA    1 
ATOM   1509 C C     . HIS A 1 195 ? 10.956  -20.284 4.710   1.00 48.99 ? 202 HIS A C     1 
ATOM   1510 O O     . HIS A 1 195 ? 10.612  -19.383 5.467   1.00 50.89 ? 202 HIS A O     1 
ATOM   1511 C CB    . HIS A 1 195 ? 13.163  -20.862 5.749   1.00 49.45 ? 202 HIS A CB    1 
ATOM   1512 C CG    . HIS A 1 195 ? 12.436  -21.840 6.626   1.00 51.73 ? 202 HIS A CG    1 
ATOM   1513 N ND1   . HIS A 1 195 ? 11.770  -22.939 6.120   1.00 52.32 ? 202 HIS A ND1   1 
ATOM   1514 C CD2   . HIS A 1 195 ? 12.245  -21.870 7.965   1.00 52.01 ? 202 HIS A CD2   1 
ATOM   1515 C CE1   . HIS A 1 195 ? 11.197  -23.597 7.110   1.00 51.57 ? 202 HIS A CE1   1 
ATOM   1516 N NE2   . HIS A 1 195 ? 11.470  -22.970 8.239   1.00 52.65 ? 202 HIS A NE2   1 
ATOM   1517 N N     . VAL A 1 196 ? 10.084  -21.054 4.076   1.00 48.07 ? 203 VAL A N     1 
ATOM   1518 C CA    . VAL A 1 196 ? 8.660   -20.865 4.263   1.00 49.11 ? 203 VAL A CA    1 
ATOM   1519 C C     . VAL A 1 196 ? 8.100   -21.816 5.313   1.00 50.73 ? 203 VAL A C     1 
ATOM   1520 O O     . VAL A 1 196 ? 8.532   -22.966 5.425   1.00 51.17 ? 203 VAL A O     1 
ATOM   1521 C CB    . VAL A 1 196 ? 7.904   -21.062 2.937   1.00 49.26 ? 203 VAL A CB    1 
ATOM   1522 C CG1   . VAL A 1 196 ? 6.430   -20.720 3.112   1.00 46.94 ? 203 VAL A CG1   1 
ATOM   1523 C CG2   . VAL A 1 196 ? 8.529   -20.196 1.857   1.00 48.57 ? 203 VAL A CG2   1 
ATOM   1524 N N     . LYS A 1 197 ? 7.132   -21.316 6.081   1.00 52.39 ? 204 LYS A N     1 
ATOM   1525 C CA    . LYS A 1 197 ? 6.485   -22.074 7.146   1.00 53.52 ? 204 LYS A CA    1 
ATOM   1526 C C     . LYS A 1 197 ? 5.112   -21.494 7.435   1.00 53.05 ? 204 LYS A C     1 
ATOM   1527 O O     . LYS A 1 197 ? 4.982   -20.552 8.210   1.00 54.98 ? 204 LYS A O     1 
ATOM   1528 C CB    . LYS A 1 197 ? 7.334   -22.012 8.416   1.00 56.30 ? 204 LYS A CB    1 
ATOM   1529 C CG    . LYS A 1 197 ? 8.230   -20.763 8.504   1.00 59.34 ? 204 LYS A CG    1 
ATOM   1530 C CD    . LYS A 1 197 ? 8.344   -20.250 9.937   1.00 61.89 ? 204 LYS A CD    1 
ATOM   1531 C CE    . LYS A 1 197 ? 8.755   -21.350 10.912  1.00 63.44 ? 204 LYS A CE    1 
ATOM   1532 N NZ    . LYS A 1 197 ? 8.488   -20.959 12.336  1.00 63.83 ? 204 LYS A NZ    1 
ATOM   1533 N N     . GLY A 1 198 ? 4.083   -22.055 6.825   1.00 52.62 ? 205 GLY A N     1 
ATOM   1534 C CA    . GLY A 1 198 ? 2.748   -21.541 7.055   1.00 55.24 ? 205 GLY A CA    1 
ATOM   1535 C C     . GLY A 1 198 ? 2.587   -20.220 6.334   1.00 57.59 ? 205 GLY A C     1 
ATOM   1536 O O     . GLY A 1 198 ? 3.029   -20.084 5.191   1.00 57.69 ? 205 GLY A O     1 
ATOM   1537 N N     . LYS A 1 199 ? 1.965   -19.245 6.991   1.00 58.86 ? 206 LYS A N     1 
ATOM   1538 C CA    . LYS A 1 199 ? 1.773   -17.926 6.384   1.00 58.37 ? 206 LYS A CA    1 
ATOM   1539 C C     . LYS A 1 199 ? 2.976   -17.065 6.760   1.00 56.72 ? 206 LYS A C     1 
ATOM   1540 O O     . LYS A 1 199 ? 2.986   -15.863 6.524   1.00 57.23 ? 206 LYS A O     1 
ATOM   1541 C CB    . LYS A 1 199 ? 0.499   -17.254 6.909   1.00 61.44 ? 206 LYS A CB    1 
ATOM   1542 C CG    . LYS A 1 199 ? -0.781  -18.114 6.918   1.00 65.67 ? 206 LYS A CG    1 
ATOM   1543 C CD    . LYS A 1 199 ? -1.356  -18.350 5.529   1.00 67.61 ? 206 LYS A CD    1 
ATOM   1544 C CE    . LYS A 1 199 ? -0.874  -19.675 4.935   1.00 70.52 ? 206 LYS A CE    1 
ATOM   1545 N NZ    . LYS A 1 199 ? -1.288  -19.837 3.504   1.00 70.70 ? 206 LYS A NZ    1 
ATOM   1546 N N     . THR A 1 200 ? 3.980   -17.695 7.361   1.00 54.52 ? 207 THR A N     1 
ATOM   1547 C CA    . THR A 1 200 ? 5.192   -17.005 7.786   1.00 52.83 ? 207 THR A CA    1 
ATOM   1548 C C     . THR A 1 200 ? 6.331   -17.357 6.844   1.00 52.49 ? 207 THR A C     1 
ATOM   1549 O O     . THR A 1 200 ? 6.389   -18.464 6.314   1.00 53.71 ? 207 THR A O     1 
ATOM   1550 C CB    . THR A 1 200 ? 5.614   -17.439 9.204   1.00 52.03 ? 207 THR A CB    1 
ATOM   1551 O OG1   . THR A 1 200 ? 4.504   -17.311 10.090  1.00 53.05 ? 207 THR A OG1   1 
ATOM   1552 C CG2   . THR A 1 200 ? 6.751   -16.577 9.716   1.00 50.59 ? 207 THR A CG2   1 
ATOM   1553 N N     . MET A 1 201 ? 7.245   -16.419 6.644   1.00 50.91 ? 208 MET A N     1 
ATOM   1554 C CA    . MET A 1 201 ? 8.381   -16.670 5.776   1.00 49.86 ? 208 MET A CA    1 
ATOM   1555 C C     . MET A 1 201 ? 9.594   -15.841 6.168   1.00 48.19 ? 208 MET A C     1 
ATOM   1556 O O     . MET A 1 201 ? 9.521   -14.621 6.262   1.00 48.73 ? 208 MET A O     1 
ATOM   1557 C CB    . MET A 1 201 ? 8.027   -16.362 4.327   1.00 52.41 ? 208 MET A CB    1 
ATOM   1558 C CG    . MET A 1 201 ? 9.207   -16.538 3.374   1.00 54.45 ? 208 MET A CG    1 
ATOM   1559 S SD    . MET A 1 201 ? 8.955   -15.745 1.773   1.00 57.29 ? 208 MET A SD    1 
ATOM   1560 C CE    . MET A 1 201 ? 7.232   -16.310 1.391   1.00 51.54 ? 208 MET A CE    1 
ATOM   1561 N N     . VAL A 1 202 ? 10.717  -16.514 6.378   1.00 46.28 ? 209 VAL A N     1 
ATOM   1562 C CA    . VAL A 1 202 ? 11.942  -15.832 6.745   1.00 45.74 ? 209 VAL A CA    1 
ATOM   1563 C C     . VAL A 1 202 ? 12.832  -15.622 5.525   1.00 46.43 ? 209 VAL A C     1 
ATOM   1564 O O     . VAL A 1 202 ? 13.013  -16.522 4.700   1.00 45.79 ? 209 VAL A O     1 
ATOM   1565 C CB    . VAL A 1 202 ? 12.737  -16.626 7.809   1.00 44.47 ? 209 VAL A CB    1 
ATOM   1566 C CG1   . VAL A 1 202 ? 13.999  -15.857 8.210   1.00 42.05 ? 209 VAL A CG1   1 
ATOM   1567 C CG2   . VAL A 1 202 ? 11.863  -16.881 9.019   1.00 42.71 ? 209 VAL A CG2   1 
ATOM   1568 N N     . VAL A 1 203 ? 13.377  -14.416 5.420   1.00 46.08 ? 210 VAL A N     1 
ATOM   1569 C CA    . VAL A 1 203 ? 14.265  -14.054 4.331   1.00 46.81 ? 210 VAL A CA    1 
ATOM   1570 C C     . VAL A 1 203 ? 15.625  -13.761 4.960   1.00 48.54 ? 210 VAL A C     1 
ATOM   1571 O O     . VAL A 1 203 ? 15.815  -12.736 5.614   1.00 50.11 ? 210 VAL A O     1 
ATOM   1572 C CB    . VAL A 1 203 ? 13.738  -12.808 3.606   1.00 45.10 ? 210 VAL A CB    1 
ATOM   1573 C CG1   . VAL A 1 203 ? 14.644  -12.465 2.442   1.00 43.25 ? 210 VAL A CG1   1 
ATOM   1574 C CG2   . VAL A 1 203 ? 12.306  -13.056 3.145   1.00 41.69 ? 210 VAL A CG2   1 
ATOM   1575 N N     . PHE A 1 204 ? 16.564  -14.678 4.750   1.00 49.28 ? 211 PHE A N     1 
ATOM   1576 C CA    . PHE A 1 204 ? 17.903  -14.575 5.325   1.00 51.42 ? 211 PHE A CA    1 
ATOM   1577 C C     . PHE A 1 204 ? 18.798  -13.417 4.880   1.00 53.53 ? 211 PHE A C     1 
ATOM   1578 O O     . PHE A 1 204 ? 18.778  -12.996 3.721   1.00 55.17 ? 211 PHE A O     1 
ATOM   1579 C CB    . PHE A 1 204 ? 18.659  -15.890 5.098   1.00 50.00 ? 211 PHE A CB    1 
ATOM   1580 C CG    . PHE A 1 204 ? 17.895  -17.112 5.521   1.00 50.32 ? 211 PHE A CG    1 
ATOM   1581 C CD1   . PHE A 1 204 ? 17.382  -18.000 4.573   1.00 50.32 ? 211 PHE A CD1   1 
ATOM   1582 C CD2   . PHE A 1 204 ? 17.652  -17.361 6.867   1.00 52.12 ? 211 PHE A CD2   1 
ATOM   1583 C CE1   . PHE A 1 204 ? 16.632  -19.128 4.957   1.00 49.57 ? 211 PHE A CE1   1 
ATOM   1584 C CE2   . PHE A 1 204 ? 16.902  -18.485 7.263   1.00 53.34 ? 211 PHE A CE2   1 
ATOM   1585 C CZ    . PHE A 1 204 ? 16.392  -19.369 6.299   1.00 50.33 ? 211 PHE A CZ    1 
ATOM   1586 N N     . GLY A 1 205 ? 19.587  -12.917 5.834   1.00 56.08 ? 212 GLY A N     1 
ATOM   1587 C CA    . GLY A 1 205 ? 20.541  -11.844 5.599   1.00 57.34 ? 212 GLY A CA    1 
ATOM   1588 C C     . GLY A 1 205 ? 20.032  -10.437 5.328   1.00 60.53 ? 212 GLY A C     1 
ATOM   1589 O O     . GLY A 1 205 ? 20.825  -9.536  5.010   1.00 61.25 ? 212 GLY A O     1 
ATOM   1590 N N     . THR A 1 206 ? 18.728  -10.225 5.463   1.00 61.52 ? 213 THR A N     1 
ATOM   1591 C CA    . THR A 1 206 ? 18.162  -8.907  5.190   1.00 62.87 ? 213 THR A CA    1 
ATOM   1592 C C     . THR A 1 206 ? 17.657  -8.228  6.481   1.00 64.12 ? 213 THR A C     1 
ATOM   1593 O O     . THR A 1 206 ? 17.776  -6.975  6.597   1.00 63.65 ? 213 THR A O     1 
ATOM   1594 C CB    . THR A 1 206 ? 17.027  -9.026  4.123   1.00 62.15 ? 213 THR A CB    1 
ATOM   1595 O OG1   . THR A 1 206 ? 17.013  -7.858  3.290   1.00 60.58 ? 213 THR A OG1   1 
ATOM   1596 C CG2   . THR A 1 206 ? 15.666  -9.209  4.792   1.00 61.72 ? 213 THR A CG2   1 
HETATM 1597 P P     . CMP B 2 .   ? -4.576  -16.294 -7.518  1.00 45.27 ? 302 CMP A P     1 
HETATM 1598 O O1P   . CMP B 2 .   ? -3.674  -17.148 -8.394  1.00 46.96 ? 302 CMP A O1P   1 
HETATM 1599 O O2P   . CMP B 2 .   ? -5.551  -17.195 -6.795  1.00 44.10 ? 302 CMP A O2P   1 
HETATM 1600 O "O5'" . CMP B 2 .   ? -3.697  -15.538 -6.536  1.00 44.09 ? 302 CMP A "O5'" 1 
HETATM 1601 C "C5'" . CMP B 2 .   ? -2.728  -14.579 -7.032  1.00 41.94 ? 302 CMP A "C5'" 1 
HETATM 1602 C "C4'" . CMP B 2 .   ? -3.673  -13.496 -7.572  1.00 43.70 ? 302 CMP A "C4'" 1 
HETATM 1603 O "O4'" . CMP B 2 .   ? -3.028  -12.371 -8.167  1.00 43.00 ? 302 CMP A "O4'" 1 
HETATM 1604 C "C3'" . CMP B 2 .   ? -4.527  -14.117 -8.679  1.00 42.85 ? 302 CMP A "C3'" 1 
HETATM 1605 O "O3'" . CMP B 2 .   ? -5.344  -15.180 -8.198  1.00 44.48 ? 302 CMP A "O3'" 1 
HETATM 1606 C "C2'" . CMP B 2 .   ? -5.024  -12.867 -9.368  1.00 42.09 ? 302 CMP A "C2'" 1 
HETATM 1607 O "O2'" . CMP B 2 .   ? -6.021  -12.156 -8.687  1.00 40.76 ? 302 CMP A "O2'" 1 
HETATM 1608 C "C1'" . CMP B 2 .   ? -3.539  -12.338 -9.499  1.00 42.21 ? 302 CMP A "C1'" 1 
HETATM 1609 N N9    . CMP B 2 .   ? -2.953  -12.090 -10.895 1.00 43.92 ? 302 CMP A N9    1 
HETATM 1610 C C8    . CMP B 2 .   ? -2.703  -10.737 -11.228 1.00 44.25 ? 302 CMP A C8    1 
HETATM 1611 N N7    . CMP B 2 .   ? -2.189  -10.524 -12.412 1.00 46.87 ? 302 CMP A N7    1 
HETATM 1612 C C5    . CMP B 2 .   ? -2.103  -11.829 -12.881 1.00 47.92 ? 302 CMP A C5    1 
HETATM 1613 C C6    . CMP B 2 .   ? -1.652  -12.450 -14.078 1.00 47.63 ? 302 CMP A C6    1 
HETATM 1614 N N6    . CMP B 2 .   ? -1.160  -11.765 -15.096 1.00 48.90 ? 302 CMP A N6    1 
HETATM 1615 N N1    . CMP B 2 .   ? -1.752  -13.847 -14.119 1.00 46.36 ? 302 CMP A N1    1 
HETATM 1616 C C2    . CMP B 2 .   ? -2.229  -14.668 -13.148 1.00 46.32 ? 302 CMP A C2    1 
HETATM 1617 N N3    . CMP B 2 .   ? -2.666  -14.129 -11.999 1.00 46.28 ? 302 CMP A N3    1 
HETATM 1618 C C4    . CMP B 2 .   ? -2.551  -12.775 -12.003 1.00 46.87 ? 302 CMP A C4    1 
HETATM 1619 P P     . CMP C 2 .   ? -8.092  8.476   -5.767  1.00 31.84 ? 301 CMP A P     1 
HETATM 1620 O O1P   . CMP C 2 .   ? -8.004  8.252   -7.251  1.00 32.49 ? 301 CMP A O1P   1 
HETATM 1621 O O2P   . CMP C 2 .   ? -8.957  9.682   -5.531  1.00 28.67 ? 301 CMP A O2P   1 
HETATM 1622 O "O5'" . CMP C 2 .   ? -8.674  7.207   -5.142  1.00 31.37 ? 301 CMP A "O5'" 1 
HETATM 1623 C "C5'" . CMP C 2 .   ? -7.942  5.956   -5.249  1.00 28.49 ? 301 CMP A "C5'" 1 
HETATM 1624 C "C4'" . CMP C 2 .   ? -6.729  6.277   -4.368  1.00 32.12 ? 301 CMP A "C4'" 1 
HETATM 1625 O "O4'" . CMP C 2 .   ? -5.759  5.221   -4.270  1.00 32.57 ? 301 CMP A "O4'" 1 
HETATM 1626 C "C3'" . CMP C 2 .   ? -5.979  7.480   -4.966  1.00 31.10 ? 301 CMP A "C3'" 1 
HETATM 1627 O "O3'" . CMP C 2 .   ? -6.777  8.658   -5.010  1.00 31.58 ? 301 CMP A "O3'" 1 
HETATM 1628 C "C2'" . CMP C 2 .   ? -4.642  7.337   -4.280  1.00 29.35 ? 301 CMP A "C2'" 1 
HETATM 1629 O "O2'" . CMP C 2 .   ? -4.625  7.728   -2.944  1.00 29.62 ? 301 CMP A "O2'" 1 
HETATM 1630 C "C1'" . CMP C 2 .   ? -4.525  5.809   -4.703  1.00 30.23 ? 301 CMP A "C1'" 1 
HETATM 1631 N N9    . CMP C 2 .   ? -3.294  5.345   -5.505  1.00 29.38 ? 301 CMP A N9    1 
HETATM 1632 C C8    . CMP C 2 .   ? -3.559  5.206   -6.892  1.00 29.33 ? 301 CMP A C8    1 
HETATM 1633 N N7    . CMP C 2 .   ? -2.565  4.830   -7.633  1.00 31.18 ? 301 CMP A N7    1 
HETATM 1634 C C5    . CMP C 2 .   ? -1.565  4.694   -6.685  1.00 29.90 ? 301 CMP A C5    1 
HETATM 1635 C C6    . CMP C 2 .   ? -0.198  4.319   -6.735  1.00 27.78 ? 301 CMP A C6    1 
HETATM 1636 N N6    . CMP C 2 .   ? 0.417   3.984   -7.862  1.00 26.62 ? 301 CMP A N6    1 
HETATM 1637 N N1    . CMP C 2 .   ? 0.476   4.318   -5.518  1.00 26.38 ? 301 CMP A N1    1 
HETATM 1638 C C2    . CMP C 2 .   ? -0.027  4.635   -4.296  1.00 24.44 ? 301 CMP A C2    1 
HETATM 1639 N N3    . CMP C 2 .   ? -1.330  5.001   -4.180  1.00 27.87 ? 301 CMP A N3    1 
HETATM 1640 C C4    . CMP C 2 .   ? -1.953  4.988   -5.397  1.00 30.59 ? 301 CMP A C4    1 
HETATM 1641 O O     . HOH D 3 .   ? -19.856 7.662   -6.722  1.00 23.50 ? 303 HOH A O     1 
HETATM 1642 O O     . HOH D 3 .   ? -15.389 4.979   -3.251  1.00 29.54 ? 304 HOH A O     1 
HETATM 1643 O O     . HOH D 3 .   ? -0.288  1.090   12.008  1.00 32.28 ? 305 HOH A O     1 
HETATM 1644 O O     . HOH D 3 .   ? 7.003   16.615  4.651   1.00 32.48 ? 306 HOH A O     1 
HETATM 1645 O O     . HOH D 3 .   ? 3.077   7.762   0.650   1.00 22.73 ? 307 HOH A O     1 
HETATM 1646 O O     . HOH D 3 .   ? 4.813   -13.761 -16.061 1.00 31.18 ? 308 HOH A O     1 
HETATM 1647 O O     . HOH D 3 .   ? -4.996  -23.441 -3.185  1.00 34.36 ? 309 HOH A O     1 
HETATM 1648 O O     . HOH D 3 .   ? -0.344  -19.451 0.897   1.00 29.58 ? 310 HOH A O     1 
HETATM 1649 O O     . HOH D 3 .   ? 3.270   3.535   -4.760  1.00 27.65 ? 311 HOH A O     1 
HETATM 1650 O O     . HOH D 3 .   ? 8.022   -0.968  -6.588  1.00 43.46 ? 312 HOH A O     1 
HETATM 1651 O O     . HOH D 3 .   ? 1.484   -7.929  2.880   1.00 27.36 ? 313 HOH A O     1 
HETATM 1652 O O     . HOH D 3 .   ? 8.989   2.159   2.146   1.00 38.45 ? 314 HOH A O     1 
HETATM 1653 O O     . HOH D 3 .   ? 4.741   11.613  4.953   1.00 26.03 ? 315 HOH A O     1 
# 
loop_
_pdbx_poly_seq_scheme.asym_id 
_pdbx_poly_seq_scheme.entity_id 
_pdbx_poly_seq_scheme.seq_id 
_pdbx_poly_seq_scheme.mon_id 
_pdbx_poly_seq_scheme.ndb_seq_num 
_pdbx_poly_seq_scheme.pdb_seq_num 
_pdbx_poly_seq_scheme.auth_seq_num 
_pdbx_poly_seq_scheme.pdb_mon_id 
_pdbx_poly_seq_scheme.auth_mon_id 
_pdbx_poly_seq_scheme.pdb_strand_id 
_pdbx_poly_seq_scheme.pdb_ins_code 
_pdbx_poly_seq_scheme.hetero 
A 1 1   MET 1   8   8   MET MET A . n 
A 1 2   LYS 2   9   9   LYS LYS A . n 
A 1 3   LEU 3   10  10  LEU LEU A . n 
A 1 4   LYS 4   11  11  LYS LYS A . n 
A 1 5   HIS 5   12  12  HIS HIS A . n 
A 1 6   LEU 6   13  13  LEU LEU A . n 
A 1 7   ASP 7   14  14  ASP ASP A . n 
A 1 8   LYS 8   15  15  LYS LYS A . n 
A 1 9   LEU 9   16  16  LEU LEU A . n 
A 1 10  LEU 10  17  17  LEU LEU A . n 
A 1 11  ALA 11  18  18  ALA ALA A . n 
A 1 12  HIS 12  19  19  HIS HIS A . n 
A 1 13  CYS 13  20  20  CYS CYS A . n 
A 1 14  HIS 14  21  21  HIS HIS A . n 
A 1 15  ARG 15  22  22  ARG ARG A . n 
A 1 16  ARG 16  23  23  ARG ARG A . n 
A 1 17  ARG 17  24  24  ARG ARG A . n 
A 1 18  TYR 18  25  25  TYR TYR A . n 
A 1 19  THR 19  26  26  THR THR A . n 
A 1 20  ALA 20  27  27  ALA ALA A . n 
A 1 21  LYS 21  28  28  LYS LYS A . n 
A 1 22  SER 22  29  29  SER SER A . n 
A 1 23  THR 23  30  30  THR THR A . n 
A 1 24  ILE 24  31  31  ILE ILE A . n 
A 1 25  ILE 25  32  32  ILE ILE A . n 
A 1 26  TYR 26  33  33  TYR TYR A . n 
A 1 27  ALA 27  34  34  ALA ALA A . n 
A 1 28  GLY 28  35  35  GLY GLY A . n 
A 1 29  ASP 29  36  36  ASP ASP A . n 
A 1 30  ARG 30  37  37  ARG ARG A . n 
A 1 31  CYS 31  38  38  CYS CYS A . n 
A 1 32  GLU 32  39  39  GLU GLU A . n 
A 1 33  THR 33  40  40  THR THR A . n 
A 1 34  LEU 34  41  41  LEU LEU A . n 
A 1 35  PHE 35  42  42  PHE PHE A . n 
A 1 36  PHE 36  43  43  PHE PHE A . n 
A 1 37  ILE 37  44  44  ILE ILE A . n 
A 1 38  ILE 38  45  45  ILE ILE A . n 
A 1 39  LYS 39  46  46  LYS LYS A . n 
A 1 40  GLY 40  47  47  GLY GLY A . n 
A 1 41  SER 41  48  48  SER SER A . n 
A 1 42  VAL 42  49  49  VAL VAL A . n 
A 1 43  THR 43  50  50  THR THR A . n 
A 1 44  ILE 44  51  51  ILE ILE A . n 
A 1 45  LEU 45  52  52  LEU LEU A . n 
A 1 46  ILE 46  53  53  ILE ILE A . n 
A 1 47  GLU 47  54  54  GLU GLU A . n 
A 1 48  ASP 48  55  55  ASP ASP A . n 
A 1 49  ASP 49  56  56  ASP ASP A . n 
A 1 50  ASP 50  57  57  ASP ASP A . n 
A 1 51  GLY 51  58  58  GLY GLY A . n 
A 1 52  ARG 52  59  59  ARG ARG A . n 
A 1 53  GLU 53  60  60  GLU GLU A . n 
A 1 54  MET 54  61  61  MET MET A . n 
A 1 55  ILE 55  62  62  ILE ILE A . n 
A 1 56  ILE 56  63  63  ILE ILE A . n 
A 1 57  GLY 57  64  64  GLY GLY A . n 
A 1 58  TYR 58  65  65  TYR TYR A . n 
A 1 59  LEU 59  66  66  LEU LEU A . n 
A 1 60  ASN 60  67  67  ASN ASN A . n 
A 1 61  SER 61  68  68  SER SER A . n 
A 1 62  GLY 62  69  69  GLY GLY A . n 
A 1 63  ASP 63  70  70  ASP ASP A . n 
A 1 64  PHE 64  71  71  PHE PHE A . n 
A 1 65  PHE 65  72  72  PHE PHE A . n 
A 1 66  GLY 66  73  73  GLY GLY A . n 
A 1 67  GLU 67  74  74  GLU GLU A . n 
A 1 68  LEU 68  75  75  LEU LEU A . n 
A 1 69  GLY 69  76  76  GLY GLY A . n 
A 1 70  LEU 70  77  77  LEU LEU A . n 
A 1 71  PHE 71  78  78  PHE PHE A . n 
A 1 72  GLU 72  79  79  GLU GLU A . n 
A 1 73  LYS 73  80  ?   ?   ?   A . n 
A 1 74  GLU 74  81  ?   ?   ?   A . n 
A 1 75  GLY 75  82  ?   ?   ?   A . n 
A 1 76  SER 76  83  ?   ?   ?   A . n 
A 1 77  GLU 77  84  ?   ?   ?   A . n 
A 1 78  GLN 78  85  85  GLN GLN A . n 
A 1 79  GLU 79  86  86  GLU GLU A . n 
A 1 80  ARG 80  87  87  ARG ARG A . n 
A 1 81  SER 81  88  88  SER SER A . n 
A 1 82  ALA 82  89  89  ALA ALA A . n 
A 1 83  TRP 83  90  90  TRP TRP A . n 
A 1 84  VAL 84  91  91  VAL VAL A . n 
A 1 85  ARG 85  92  92  ARG ARG A . n 
A 1 86  ALA 86  93  93  ALA ALA A . n 
A 1 87  LYS 87  94  94  LYS LYS A . n 
A 1 88  VAL 88  95  95  VAL VAL A . n 
A 1 89  GLU 89  96  96  GLU GLU A . n 
A 1 90  CYS 90  97  97  CYS CYS A . n 
A 1 91  GLU 91  98  98  GLU GLU A . n 
A 1 92  VAL 92  99  99  VAL VAL A . n 
A 1 93  ALA 93  100 100 ALA ALA A . n 
A 1 94  GLU 94  101 101 GLU GLU A . n 
A 1 95  ILE 95  102 102 ILE ILE A . n 
A 1 96  SER 96  103 103 SER SER A . n 
A 1 97  TYR 97  104 104 TYR TYR A . n 
A 1 98  ALA 98  105 105 ALA ALA A . n 
A 1 99  LYS 99  106 106 LYS LYS A . n 
A 1 100 PHE 100 107 107 PHE PHE A . n 
A 1 101 ARG 101 108 108 ARG ARG A . n 
A 1 102 GLU 102 109 109 GLU GLU A . n 
A 1 103 LEU 103 110 110 LEU LEU A . n 
A 1 104 SER 104 111 111 SER SER A . n 
A 1 105 GLN 105 112 112 GLN GLN A . n 
A 1 106 GLN 106 113 113 GLN GLN A . n 
A 1 107 ASP 107 114 114 ASP ASP A . n 
A 1 108 SER 108 115 115 SER SER A . n 
A 1 109 GLU 109 116 116 GLU GLU A . n 
A 1 110 ILE 110 117 117 ILE ILE A . n 
A 1 111 LEU 111 118 118 LEU LEU A . n 
A 1 112 TYR 112 119 119 TYR TYR A . n 
A 1 113 THR 113 120 120 THR THR A . n 
A 1 114 LEU 114 121 121 LEU LEU A . n 
A 1 115 GLY 115 122 122 GLY GLY A . n 
A 1 116 SER 116 123 123 SER SER A . n 
A 1 117 GLN 117 124 124 GLN GLN A . n 
A 1 118 MET 118 125 125 MET MET A . n 
A 1 119 ALA 119 126 126 ALA ALA A . n 
A 1 120 ASP 120 127 127 ASP ASP A . n 
A 1 121 ARG 121 128 128 ARG ARG A . n 
A 1 122 LEU 122 129 129 LEU LEU A . n 
A 1 123 ARG 123 130 130 ARG ARG A . n 
A 1 124 LYS 124 131 131 LYS LYS A . n 
A 1 125 THR 125 132 132 THR THR A . n 
A 1 126 THR 126 133 133 THR THR A . n 
A 1 127 ARG 127 134 134 ARG ARG A . n 
A 1 128 LYS 128 135 135 LYS LYS A . n 
A 1 129 VAL 129 136 136 VAL VAL A . n 
A 1 130 GLY 130 137 137 GLY GLY A . n 
A 1 131 ASP 131 138 138 ASP ASP A . n 
A 1 132 LEU 132 139 139 LEU LEU A . n 
A 1 133 ALA 133 140 140 ALA ALA A . n 
A 1 134 PHE 134 141 141 PHE PHE A . n 
A 1 135 LEU 135 142 142 LEU LEU A . n 
A 1 136 ASP 136 143 143 ASP ASP A . n 
A 1 137 VAL 137 144 144 VAL VAL A . n 
A 1 138 THR 138 145 145 THR THR A . n 
A 1 139 GLY 139 146 146 GLY GLY A . n 
A 1 140 ARG 140 147 147 ARG ARG A . n 
A 1 141 VAL 141 148 148 VAL VAL A . n 
A 1 142 ALA 142 149 149 ALA ALA A . n 
A 1 143 ARG 143 150 150 ARG ARG A . n 
A 1 144 THR 144 151 151 THR THR A . n 
A 1 145 LEU 145 152 152 LEU LEU A . n 
A 1 146 LEU 146 153 153 LEU LEU A . n 
A 1 147 ASP 147 154 154 ASP ASP A . n 
A 1 148 LEU 148 155 155 LEU LEU A . n 
A 1 149 CYS 149 156 156 CYS CYS A . n 
A 1 150 GLN 150 157 157 GLN GLN A . n 
A 1 151 GLN 151 158 158 GLN GLN A . n 
A 1 152 PRO 152 159 159 PRO PRO A . n 
A 1 153 ASP 153 160 160 ASP ASP A . n 
A 1 154 ALA 154 161 161 ALA ALA A . n 
A 1 155 MET 155 162 162 MET MET A . n 
A 1 156 THR 156 163 163 THR THR A . n 
A 1 157 HIS 157 164 164 HIS HIS A . n 
A 1 158 PRO 158 165 165 PRO PRO A . n 
A 1 159 ASP 159 166 166 ASP ASP A . n 
A 1 160 GLY 160 167 167 GLY GLY A . n 
A 1 161 MET 161 168 168 MET MET A . n 
A 1 162 GLN 162 169 169 GLN GLN A . n 
A 1 163 ILE 163 170 170 ILE ILE A . n 
A 1 164 LYS 164 171 171 LYS LYS A . n 
A 1 165 ILE 165 172 172 ILE ILE A . n 
A 1 166 THR 166 173 173 THR THR A . n 
A 1 167 ARG 167 174 174 ARG ARG A . n 
A 1 168 GLN 168 175 175 GLN GLN A . n 
A 1 169 GLU 169 176 176 GLU GLU A . n 
A 1 170 ILE 170 177 177 ILE ILE A . n 
A 1 171 GLY 171 178 178 GLY GLY A . n 
A 1 172 ARG 172 179 179 ARG ARG A . n 
A 1 173 ILE 173 180 180 ILE ILE A . n 
A 1 174 VAL 174 181 181 VAL VAL A . n 
A 1 175 GLY 175 182 182 GLY GLY A . n 
A 1 176 CYS 176 183 183 CYS CYS A . n 
A 1 177 SER 177 184 184 SER SER A . n 
A 1 178 ARG 178 185 185 ARG ARG A . n 
A 1 179 GLU 179 186 186 GLU GLU A . n 
A 1 180 MET 180 187 187 MET MET A . n 
A 1 181 VAL 181 188 188 VAL VAL A . n 
A 1 182 GLY 182 189 189 GLY GLY A . n 
A 1 183 ARG 183 190 190 ARG ARG A . n 
A 1 184 VAL 184 191 191 VAL VAL A . n 
A 1 185 LEU 185 192 192 LEU LEU A . n 
A 1 186 LYS 186 193 193 LYS LYS A . n 
A 1 187 SER 187 194 194 SER SER A . n 
A 1 188 LEU 188 195 195 LEU LEU A . n 
A 1 189 GLU 189 196 196 GLU GLU A . n 
A 1 190 GLU 190 197 197 GLU GLU A . n 
A 1 191 GLN 191 198 198 GLN GLN A . n 
A 1 192 GLY 192 199 199 GLY GLY A . n 
A 1 193 LEU 193 200 200 LEU LEU A . n 
A 1 194 VAL 194 201 201 VAL VAL A . n 
A 1 195 HIS 195 202 202 HIS HIS A . n 
A 1 196 VAL 196 203 203 VAL VAL A . n 
A 1 197 LYS 197 204 204 LYS LYS A . n 
A 1 198 GLY 198 205 205 GLY GLY A . n 
A 1 199 LYS 199 206 206 LYS LYS A . n 
A 1 200 THR 200 207 207 THR THR A . n 
A 1 201 MET 201 208 208 MET MET A . n 
A 1 202 VAL 202 209 209 VAL VAL A . n 
A 1 203 VAL 203 210 210 VAL VAL A . n 
A 1 204 PHE 204 211 211 PHE PHE A . n 
A 1 205 GLY 205 212 212 GLY GLY A . n 
A 1 206 THR 206 213 213 THR THR A . n 
A 1 207 ARG 207 214 ?   ?   ?   A . n 
# 
loop_
_pdbx_nonpoly_scheme.asym_id 
_pdbx_nonpoly_scheme.entity_id 
_pdbx_nonpoly_scheme.mon_id 
_pdbx_nonpoly_scheme.ndb_seq_num 
_pdbx_nonpoly_scheme.pdb_seq_num 
_pdbx_nonpoly_scheme.auth_seq_num 
_pdbx_nonpoly_scheme.pdb_mon_id 
_pdbx_nonpoly_scheme.auth_mon_id 
_pdbx_nonpoly_scheme.pdb_strand_id 
_pdbx_nonpoly_scheme.pdb_ins_code 
B 2 CMP 1  302 302 CMP CMP A . 
C 2 CMP 1  301 301 CMP CMP A . 
D 3 HOH 1  303 304 HOH HOH A . 
D 3 HOH 2  304 305 HOH HOH A . 
D 3 HOH 3  305 306 HOH HOH A . 
D 3 HOH 4  306 307 HOH HOH A . 
D 3 HOH 5  307 308 HOH HOH A . 
D 3 HOH 6  308 309 HOH HOH A . 
D 3 HOH 7  309 310 HOH HOH A . 
D 3 HOH 8  310 312 HOH HOH A . 
D 3 HOH 9  311 314 HOH HOH A . 
D 3 HOH 10 312 315 HOH HOH A . 
D 3 HOH 11 313 316 HOH HOH A . 
D 3 HOH 12 314 317 HOH HOH A . 
D 3 HOH 13 315 318 HOH HOH A . 
# 
_pdbx_struct_assembly.id                   1 
_pdbx_struct_assembly.details              author_and_software_defined_assembly 
_pdbx_struct_assembly.method_details       PISA,PQS 
_pdbx_struct_assembly.oligomeric_details   dimeric 
_pdbx_struct_assembly.oligomeric_count     2 
# 
_pdbx_struct_assembly_gen.assembly_id       1 
_pdbx_struct_assembly_gen.oper_expression   1,2 
_pdbx_struct_assembly_gen.asym_id_list      A,B,C,D 
# 
loop_
_pdbx_struct_assembly_prop.biol_id 
_pdbx_struct_assembly_prop.type 
_pdbx_struct_assembly_prop.value 
_pdbx_struct_assembly_prop.details 
1 'ABSA (A^2)' 5950  ? 
1 MORE         -34   ? 
1 'SSA (A^2)'  19060 ? 
# 
loop_
_pdbx_struct_oper_list.id 
_pdbx_struct_oper_list.type 
_pdbx_struct_oper_list.name 
_pdbx_struct_oper_list.symmetry_operation 
_pdbx_struct_oper_list.matrix[1][1] 
_pdbx_struct_oper_list.matrix[1][2] 
_pdbx_struct_oper_list.matrix[1][3] 
_pdbx_struct_oper_list.vector[1] 
_pdbx_struct_oper_list.matrix[2][1] 
_pdbx_struct_oper_list.matrix[2][2] 
_pdbx_struct_oper_list.matrix[2][3] 
_pdbx_struct_oper_list.vector[2] 
_pdbx_struct_oper_list.matrix[3][1] 
_pdbx_struct_oper_list.matrix[3][2] 
_pdbx_struct_oper_list.matrix[3][3] 
_pdbx_struct_oper_list.vector[3] 
1 'identity operation'         1_555 x,y,z       1.0000000000  0.0000000000  0.0000000000  0.0000000000 0.0000000000  1.0000000000 0.0000000000 0.0000000000  0.0000000000  0.0000000000 1.0000000000  0.0000000000   
2 'crystal symmetry operation' 6_465 -x-1,-y+1,z -0.9802243926 -0.1744197084 -0.0934767647 6.3531551374 -0.1744197084 0.5383716928 0.8244596326 12.2963561955 -0.0934767647 0.8244596326 -0.5581473002 -21.5999063210 
# 
loop_
_pdbx_audit_revision_history.ordinal 
_pdbx_audit_revision_history.data_content_type 
_pdbx_audit_revision_history.major_revision 
_pdbx_audit_revision_history.minor_revision 
_pdbx_audit_revision_history.revision_date 
1 'Structure model' 1 0 2008-03-04 
2 'Structure model' 1 1 2011-07-13 
3 'Structure model' 1 2 2011-08-10 
4 'Structure model' 1 3 2017-10-18 
5 'Structure model' 1 4 2023-08-30 
# 
_pdbx_audit_revision_details.ordinal             1 
_pdbx_audit_revision_details.revision_ordinal    1 
_pdbx_audit_revision_details.data_content_type   'Structure model' 
_pdbx_audit_revision_details.provider            repository 
_pdbx_audit_revision_details.type                'Initial release' 
_pdbx_audit_revision_details.description         ? 
_pdbx_audit_revision_details.details             ? 
# 
loop_
_pdbx_audit_revision_group.ordinal 
_pdbx_audit_revision_group.revision_ordinal 
_pdbx_audit_revision_group.data_content_type 
_pdbx_audit_revision_group.group 
1 2 'Structure model' 'Derived calculations'      
2 2 'Structure model' 'Version format compliance' 
3 3 'Structure model' 'Database references'       
4 4 'Structure model' 'Refinement description'    
5 5 'Structure model' 'Data collection'           
6 5 'Structure model' 'Database references'       
7 5 'Structure model' 'Derived calculations'      
8 5 'Structure model' 'Refinement description'    
# 
loop_
_pdbx_audit_revision_category.ordinal 
_pdbx_audit_revision_category.revision_ordinal 
_pdbx_audit_revision_category.data_content_type 
_pdbx_audit_revision_category.category 
1 4 'Structure model' software                      
2 5 'Structure model' chem_comp_atom                
3 5 'Structure model' chem_comp_bond                
4 5 'Structure model' database_2                    
5 5 'Structure model' pdbx_initial_refinement_model 
6 5 'Structure model' struct_ref_seq_dif            
7 5 'Structure model' struct_site                   
# 
loop_
_pdbx_audit_revision_item.ordinal 
_pdbx_audit_revision_item.revision_ordinal 
_pdbx_audit_revision_item.data_content_type 
_pdbx_audit_revision_item.item 
1  4 'Structure model' '_software.classification'            
2  4 'Structure model' '_software.contact_author'            
3  4 'Structure model' '_software.contact_author_email'      
4  4 'Structure model' '_software.date'                      
5  4 'Structure model' '_software.language'                  
6  4 'Structure model' '_software.location'                  
7  4 'Structure model' '_software.name'                      
8  4 'Structure model' '_software.type'                      
9  4 'Structure model' '_software.version'                   
10 5 'Structure model' '_database_2.pdbx_DOI'                
11 5 'Structure model' '_database_2.pdbx_database_accession' 
12 5 'Structure model' '_struct_ref_seq_dif.details'         
13 5 'Structure model' '_struct_site.pdbx_auth_asym_id'      
14 5 'Structure model' '_struct_site.pdbx_auth_comp_id'      
15 5 'Structure model' '_struct_site.pdbx_auth_seq_id'       
# 
_pdbx_phasing_MR.entry_id                     2OZ6 
_pdbx_phasing_MR.method_rotation              ? 
_pdbx_phasing_MR.method_translation           ? 
_pdbx_phasing_MR.model_details                ? 
_pdbx_phasing_MR.R_factor                     0.449 
_pdbx_phasing_MR.R_rigid_body                 ? 
_pdbx_phasing_MR.correlation_coeff_Fo_to_Fc   0.492 
_pdbx_phasing_MR.correlation_coeff_Io_to_Ic   ? 
_pdbx_phasing_MR.d_res_high_rotation          3.000 
_pdbx_phasing_MR.d_res_low_rotation           36.800 
_pdbx_phasing_MR.d_res_high_translation       3.000 
_pdbx_phasing_MR.d_res_low_translation        36.800 
_pdbx_phasing_MR.packing                      ? 
_pdbx_phasing_MR.reflns_percent_rotation      ? 
_pdbx_phasing_MR.reflns_percent_translation   ? 
_pdbx_phasing_MR.sigma_F_rotation             ? 
_pdbx_phasing_MR.sigma_F_translation          ? 
_pdbx_phasing_MR.sigma_I_rotation             ? 
_pdbx_phasing_MR.sigma_I_translation          ? 
# 
loop_
_software.name 
_software.version 
_software.date 
_software.type 
_software.contact_author 
_software.contact_author_email 
_software.classification 
_software.location 
_software.language 
_software.citation_id 
_software.pdbx_ordinal 
DENZO          .     ?                package 'Zbyszek Otwinowski' zbyszek@mix.swmed.edu    'data reduction'  
http://www.lnls.br/infra/linhasluz/denzo-hkl.htm ?          ? 1 
SCALEPACK      .     ?                package 'Zbyszek Otwinowski' zbyszek@mix.swmed.edu    'data scaling'    
http://www.lnls.br/infra/linhasluz/denzo-hkl.htm ?          ? 2 
MOLREP         .     ?                other   'A. Vagin'           alexei@ysbl.york.ac.uk   phasing           
http://www.ccp4.ac.uk/dist/html/molrep.html      Fortran_77 ? 3 
CNS            .     ?                package 'Axel T. Brunger'    axel.brunger@yale.edu    refinement        
http://cns.csb.yale.edu/v1.1/                    Fortran_77 ? 4 
PDB_EXTRACT    2.000 'April. 3, 2006' package PDB                  sw-help@rcsb.rutgers.edu 'data extraction' 
http://pdb.rutgers.edu/software/                 C++        ? 5 
'PROTEUM PLUS' PLUS  ?                ?       ?                    ?                        'data collection' ? ?          ? 6 
HKL-2000       .     ?                ?       ?                    ?                        'data reduction'  ? ?          ? 7 
# 
_pdbx_validate_rmsd_angle.id                         1 
_pdbx_validate_rmsd_angle.PDB_model_num              1 
_pdbx_validate_rmsd_angle.auth_atom_id_1             CA 
_pdbx_validate_rmsd_angle.auth_asym_id_1             A 
_pdbx_validate_rmsd_angle.auth_comp_id_1             LEU 
_pdbx_validate_rmsd_angle.auth_seq_id_1              52 
_pdbx_validate_rmsd_angle.PDB_ins_code_1             ? 
_pdbx_validate_rmsd_angle.label_alt_id_1             ? 
_pdbx_validate_rmsd_angle.auth_atom_id_2             CB 
_pdbx_validate_rmsd_angle.auth_asym_id_2             A 
_pdbx_validate_rmsd_angle.auth_comp_id_2             LEU 
_pdbx_validate_rmsd_angle.auth_seq_id_2              52 
_pdbx_validate_rmsd_angle.PDB_ins_code_2             ? 
_pdbx_validate_rmsd_angle.label_alt_id_2             ? 
_pdbx_validate_rmsd_angle.auth_atom_id_3             CG 
_pdbx_validate_rmsd_angle.auth_asym_id_3             A 
_pdbx_validate_rmsd_angle.auth_comp_id_3             LEU 
_pdbx_validate_rmsd_angle.auth_seq_id_3              52 
_pdbx_validate_rmsd_angle.PDB_ins_code_3             ? 
_pdbx_validate_rmsd_angle.label_alt_id_3             ? 
_pdbx_validate_rmsd_angle.angle_value                130.91 
_pdbx_validate_rmsd_angle.angle_target_value         115.30 
_pdbx_validate_rmsd_angle.angle_deviation            15.61 
_pdbx_validate_rmsd_angle.angle_standard_deviation   2.30 
_pdbx_validate_rmsd_angle.linker_flag                N 
# 
loop_
_pdbx_validate_torsion.id 
_pdbx_validate_torsion.PDB_model_num 
_pdbx_validate_torsion.auth_comp_id 
_pdbx_validate_torsion.auth_asym_id 
_pdbx_validate_torsion.auth_seq_id 
_pdbx_validate_torsion.PDB_ins_code 
_pdbx_validate_torsion.label_alt_id 
_pdbx_validate_torsion.phi 
_pdbx_validate_torsion.psi 
1 1 LYS A 28 ? ? 79.75   -9.82  
2 1 GLU A 39 ? ? -143.89 -22.67 
3 1 ARG A 87 ? ? -38.44  119.98 
# 
loop_
_pdbx_validate_chiral.id 
_pdbx_validate_chiral.PDB_model_num 
_pdbx_validate_chiral.auth_atom_id 
_pdbx_validate_chiral.label_alt_id 
_pdbx_validate_chiral.auth_asym_id 
_pdbx_validate_chiral.auth_comp_id 
_pdbx_validate_chiral.auth_seq_id 
_pdbx_validate_chiral.PDB_ins_code 
_pdbx_validate_chiral.details 
_pdbx_validate_chiral.omega 
1 1 "C1'" ? A CMP 302 ? PLANAR . 
2 1 "C1'" ? A CMP 301 ? PLANAR . 
# 
loop_
_pdbx_unobs_or_zero_occ_residues.id 
_pdbx_unobs_or_zero_occ_residues.PDB_model_num 
_pdbx_unobs_or_zero_occ_residues.polymer_flag 
_pdbx_unobs_or_zero_occ_residues.occupancy_flag 
_pdbx_unobs_or_zero_occ_residues.auth_asym_id 
_pdbx_unobs_or_zero_occ_residues.auth_comp_id 
_pdbx_unobs_or_zero_occ_residues.auth_seq_id 
_pdbx_unobs_or_zero_occ_residues.PDB_ins_code 
_pdbx_unobs_or_zero_occ_residues.label_asym_id 
_pdbx_unobs_or_zero_occ_residues.label_comp_id 
_pdbx_unobs_or_zero_occ_residues.label_seq_id 
1 1 Y 1 A LYS 80  ? A LYS 73  
2 1 Y 1 A GLU 81  ? A GLU 74  
3 1 Y 1 A GLY 82  ? A GLY 75  
4 1 Y 1 A SER 83  ? A SER 76  
5 1 Y 1 A GLU 84  ? A GLU 77  
6 1 Y 1 A ARG 214 ? A ARG 207 
# 
loop_
_chem_comp_atom.comp_id 
_chem_comp_atom.atom_id 
_chem_comp_atom.type_symbol 
_chem_comp_atom.pdbx_aromatic_flag 
_chem_comp_atom.pdbx_stereo_config 
_chem_comp_atom.pdbx_ordinal 
ALA N      N N N 1   
ALA CA     C N S 2   
ALA C      C N N 3   
ALA O      O N N 4   
ALA CB     C N N 5   
ALA OXT    O N N 6   
ALA H      H N N 7   
ALA H2     H N N 8   
ALA HA     H N N 9   
ALA HB1    H N N 10  
ALA HB2    H N N 11  
ALA HB3    H N N 12  
ALA HXT    H N N 13  
ARG N      N N N 14  
ARG CA     C N S 15  
ARG C      C N N 16  
ARG O      O N N 17  
ARG CB     C N N 18  
ARG CG     C N N 19  
ARG CD     C N N 20  
ARG NE     N N N 21  
ARG CZ     C N N 22  
ARG NH1    N N N 23  
ARG NH2    N N N 24  
ARG OXT    O N N 25  
ARG H      H N N 26  
ARG H2     H N N 27  
ARG HA     H N N 28  
ARG HB2    H N N 29  
ARG HB3    H N N 30  
ARG HG2    H N N 31  
ARG HG3    H N N 32  
ARG HD2    H N N 33  
ARG HD3    H N N 34  
ARG HE     H N N 35  
ARG HH11   H N N 36  
ARG HH12   H N N 37  
ARG HH21   H N N 38  
ARG HH22   H N N 39  
ARG HXT    H N N 40  
ASN N      N N N 41  
ASN CA     C N S 42  
ASN C      C N N 43  
ASN O      O N N 44  
ASN CB     C N N 45  
ASN CG     C N N 46  
ASN OD1    O N N 47  
ASN ND2    N N N 48  
ASN OXT    O N N 49  
ASN H      H N N 50  
ASN H2     H N N 51  
ASN HA     H N N 52  
ASN HB2    H N N 53  
ASN HB3    H N N 54  
ASN HD21   H N N 55  
ASN HD22   H N N 56  
ASN HXT    H N N 57  
ASP N      N N N 58  
ASP CA     C N S 59  
ASP C      C N N 60  
ASP O      O N N 61  
ASP CB     C N N 62  
ASP CG     C N N 63  
ASP OD1    O N N 64  
ASP OD2    O N N 65  
ASP OXT    O N N 66  
ASP H      H N N 67  
ASP H2     H N N 68  
ASP HA     H N N 69  
ASP HB2    H N N 70  
ASP HB3    H N N 71  
ASP HD2    H N N 72  
ASP HXT    H N N 73  
CMP P      P N R 74  
CMP O1P    O N N 75  
CMP O2P    O N N 76  
CMP "O5'"  O N N 77  
CMP "C5'"  C N N 78  
CMP "C4'"  C N R 79  
CMP "O4'"  O N N 80  
CMP "C3'"  C N S 81  
CMP "O3'"  O N N 82  
CMP "C2'"  C N R 83  
CMP "O2'"  O N N 84  
CMP "C1'"  C N R 85  
CMP N9     N Y N 86  
CMP C8     C Y N 87  
CMP N7     N Y N 88  
CMP C5     C Y N 89  
CMP C6     C Y N 90  
CMP N6     N N N 91  
CMP N1     N Y N 92  
CMP C2     C Y N 93  
CMP N3     N Y N 94  
CMP C4     C Y N 95  
CMP HOP2   H N N 96  
CMP "H5'1" H N N 97  
CMP "H5'2" H N N 98  
CMP "H4'"  H N N 99  
CMP "H3'"  H N N 100 
CMP "H2'"  H N N 101 
CMP "HO2'" H N N 102 
CMP "H1'"  H N N 103 
CMP H8     H N N 104 
CMP HN61   H N N 105 
CMP HN62   H N N 106 
CMP H2     H N N 107 
CYS N      N N N 108 
CYS CA     C N R 109 
CYS C      C N N 110 
CYS O      O N N 111 
CYS CB     C N N 112 
CYS SG     S N N 113 
CYS OXT    O N N 114 
CYS H      H N N 115 
CYS H2     H N N 116 
CYS HA     H N N 117 
CYS HB2    H N N 118 
CYS HB3    H N N 119 
CYS HG     H N N 120 
CYS HXT    H N N 121 
GLN N      N N N 122 
GLN CA     C N S 123 
GLN C      C N N 124 
GLN O      O N N 125 
GLN CB     C N N 126 
GLN CG     C N N 127 
GLN CD     C N N 128 
GLN OE1    O N N 129 
GLN NE2    N N N 130 
GLN OXT    O N N 131 
GLN H      H N N 132 
GLN H2     H N N 133 
GLN HA     H N N 134 
GLN HB2    H N N 135 
GLN HB3    H N N 136 
GLN HG2    H N N 137 
GLN HG3    H N N 138 
GLN HE21   H N N 139 
GLN HE22   H N N 140 
GLN HXT    H N N 141 
GLU N      N N N 142 
GLU CA     C N S 143 
GLU C      C N N 144 
GLU O      O N N 145 
GLU CB     C N N 146 
GLU CG     C N N 147 
GLU CD     C N N 148 
GLU OE1    O N N 149 
GLU OE2    O N N 150 
GLU OXT    O N N 151 
GLU H      H N N 152 
GLU H2     H N N 153 
GLU HA     H N N 154 
GLU HB2    H N N 155 
GLU HB3    H N N 156 
GLU HG2    H N N 157 
GLU HG3    H N N 158 
GLU HE2    H N N 159 
GLU HXT    H N N 160 
GLY N      N N N 161 
GLY CA     C N N 162 
GLY C      C N N 163 
GLY O      O N N 164 
GLY OXT    O N N 165 
GLY H      H N N 166 
GLY H2     H N N 167 
GLY HA2    H N N 168 
GLY HA3    H N N 169 
GLY HXT    H N N 170 
HIS N      N N N 171 
HIS CA     C N S 172 
HIS C      C N N 173 
HIS O      O N N 174 
HIS CB     C N N 175 
HIS CG     C Y N 176 
HIS ND1    N Y N 177 
HIS CD2    C Y N 178 
HIS CE1    C Y N 179 
HIS NE2    N Y N 180 
HIS OXT    O N N 181 
HIS H      H N N 182 
HIS H2     H N N 183 
HIS HA     H N N 184 
HIS HB2    H N N 185 
HIS HB3    H N N 186 
HIS HD1    H N N 187 
HIS HD2    H N N 188 
HIS HE1    H N N 189 
HIS HE2    H N N 190 
HIS HXT    H N N 191 
HOH O      O N N 192 
HOH H1     H N N 193 
HOH H2     H N N 194 
ILE N      N N N 195 
ILE CA     C N S 196 
ILE C      C N N 197 
ILE O      O N N 198 
ILE CB     C N S 199 
ILE CG1    C N N 200 
ILE CG2    C N N 201 
ILE CD1    C N N 202 
ILE OXT    O N N 203 
ILE H      H N N 204 
ILE H2     H N N 205 
ILE HA     H N N 206 
ILE HB     H N N 207 
ILE HG12   H N N 208 
ILE HG13   H N N 209 
ILE HG21   H N N 210 
ILE HG22   H N N 211 
ILE HG23   H N N 212 
ILE HD11   H N N 213 
ILE HD12   H N N 214 
ILE HD13   H N N 215 
ILE HXT    H N N 216 
LEU N      N N N 217 
LEU CA     C N S 218 
LEU C      C N N 219 
LEU O      O N N 220 
LEU CB     C N N 221 
LEU CG     C N N 222 
LEU CD1    C N N 223 
LEU CD2    C N N 224 
LEU OXT    O N N 225 
LEU H      H N N 226 
LEU H2     H N N 227 
LEU HA     H N N 228 
LEU HB2    H N N 229 
LEU HB3    H N N 230 
LEU HG     H N N 231 
LEU HD11   H N N 232 
LEU HD12   H N N 233 
LEU HD13   H N N 234 
LEU HD21   H N N 235 
LEU HD22   H N N 236 
LEU HD23   H N N 237 
LEU HXT    H N N 238 
LYS N      N N N 239 
LYS CA     C N S 240 
LYS C      C N N 241 
LYS O      O N N 242 
LYS CB     C N N 243 
LYS CG     C N N 244 
LYS CD     C N N 245 
LYS CE     C N N 246 
LYS NZ     N N N 247 
LYS OXT    O N N 248 
LYS H      H N N 249 
LYS H2     H N N 250 
LYS HA     H N N 251 
LYS HB2    H N N 252 
LYS HB3    H N N 253 
LYS HG2    H N N 254 
LYS HG3    H N N 255 
LYS HD2    H N N 256 
LYS HD3    H N N 257 
LYS HE2    H N N 258 
LYS HE3    H N N 259 
LYS HZ1    H N N 260 
LYS HZ2    H N N 261 
LYS HZ3    H N N 262 
LYS HXT    H N N 263 
MET N      N N N 264 
MET CA     C N S 265 
MET C      C N N 266 
MET O      O N N 267 
MET CB     C N N 268 
MET CG     C N N 269 
MET SD     S N N 270 
MET CE     C N N 271 
MET OXT    O N N 272 
MET H      H N N 273 
MET H2     H N N 274 
MET HA     H N N 275 
MET HB2    H N N 276 
MET HB3    H N N 277 
MET HG2    H N N 278 
MET HG3    H N N 279 
MET HE1    H N N 280 
MET HE2    H N N 281 
MET HE3    H N N 282 
MET HXT    H N N 283 
PHE N      N N N 284 
PHE CA     C N S 285 
PHE C      C N N 286 
PHE O      O N N 287 
PHE CB     C N N 288 
PHE CG     C Y N 289 
PHE CD1    C Y N 290 
PHE CD2    C Y N 291 
PHE CE1    C Y N 292 
PHE CE2    C Y N 293 
PHE CZ     C Y N 294 
PHE OXT    O N N 295 
PHE H      H N N 296 
PHE H2     H N N 297 
PHE HA     H N N 298 
PHE HB2    H N N 299 
PHE HB3    H N N 300 
PHE HD1    H N N 301 
PHE HD2    H N N 302 
PHE HE1    H N N 303 
PHE HE2    H N N 304 
PHE HZ     H N N 305 
PHE HXT    H N N 306 
PRO N      N N N 307 
PRO CA     C N S 308 
PRO C      C N N 309 
PRO O      O N N 310 
PRO CB     C N N 311 
PRO CG     C N N 312 
PRO CD     C N N 313 
PRO OXT    O N N 314 
PRO H      H N N 315 
PRO HA     H N N 316 
PRO HB2    H N N 317 
PRO HB3    H N N 318 
PRO HG2    H N N 319 
PRO HG3    H N N 320 
PRO HD2    H N N 321 
PRO HD3    H N N 322 
PRO HXT    H N N 323 
SER N      N N N 324 
SER CA     C N S 325 
SER C      C N N 326 
SER O      O N N 327 
SER CB     C N N 328 
SER OG     O N N 329 
SER OXT    O N N 330 
SER H      H N N 331 
SER H2     H N N 332 
SER HA     H N N 333 
SER HB2    H N N 334 
SER HB3    H N N 335 
SER HG     H N N 336 
SER HXT    H N N 337 
THR N      N N N 338 
THR CA     C N S 339 
THR C      C N N 340 
THR O      O N N 341 
THR CB     C N R 342 
THR OG1    O N N 343 
THR CG2    C N N 344 
THR OXT    O N N 345 
THR H      H N N 346 
THR H2     H N N 347 
THR HA     H N N 348 
THR HB     H N N 349 
THR HG1    H N N 350 
THR HG21   H N N 351 
THR HG22   H N N 352 
THR HG23   H N N 353 
THR HXT    H N N 354 
TRP N      N N N 355 
TRP CA     C N S 356 
TRP C      C N N 357 
TRP O      O N N 358 
TRP CB     C N N 359 
TRP CG     C Y N 360 
TRP CD1    C Y N 361 
TRP CD2    C Y N 362 
TRP NE1    N Y N 363 
TRP CE2    C Y N 364 
TRP CE3    C Y N 365 
TRP CZ2    C Y N 366 
TRP CZ3    C Y N 367 
TRP CH2    C Y N 368 
TRP OXT    O N N 369 
TRP H      H N N 370 
TRP H2     H N N 371 
TRP HA     H N N 372 
TRP HB2    H N N 373 
TRP HB3    H N N 374 
TRP HD1    H N N 375 
TRP HE1    H N N 376 
TRP HE3    H N N 377 
TRP HZ2    H N N 378 
TRP HZ3    H N N 379 
TRP HH2    H N N 380 
TRP HXT    H N N 381 
TYR N      N N N 382 
TYR CA     C N S 383 
TYR C      C N N 384 
TYR O      O N N 385 
TYR CB     C N N 386 
TYR CG     C Y N 387 
TYR CD1    C Y N 388 
TYR CD2    C Y N 389 
TYR CE1    C Y N 390 
TYR CE2    C Y N 391 
TYR CZ     C Y N 392 
TYR OH     O N N 393 
TYR OXT    O N N 394 
TYR H      H N N 395 
TYR H2     H N N 396 
TYR HA     H N N 397 
TYR HB2    H N N 398 
TYR HB3    H N N 399 
TYR HD1    H N N 400 
TYR HD2    H N N 401 
TYR HE1    H N N 402 
TYR HE2    H N N 403 
TYR HH     H N N 404 
TYR HXT    H N N 405 
VAL N      N N N 406 
VAL CA     C N S 407 
VAL C      C N N 408 
VAL O      O N N 409 
VAL CB     C N N 410 
VAL CG1    C N N 411 
VAL CG2    C N N 412 
VAL OXT    O N N 413 
VAL H      H N N 414 
VAL H2     H N N 415 
VAL HA     H N N 416 
VAL HB     H N N 417 
VAL HG11   H N N 418 
VAL HG12   H N N 419 
VAL HG13   H N N 420 
VAL HG21   H N N 421 
VAL HG22   H N N 422 
VAL HG23   H N N 423 
VAL HXT    H N N 424 
# 
loop_
_chem_comp_bond.comp_id 
_chem_comp_bond.atom_id_1 
_chem_comp_bond.atom_id_2 
_chem_comp_bond.value_order 
_chem_comp_bond.pdbx_aromatic_flag 
_chem_comp_bond.pdbx_stereo_config 
_chem_comp_bond.pdbx_ordinal 
ALA N     CA     sing N N 1   
ALA N     H      sing N N 2   
ALA N     H2     sing N N 3   
ALA CA    C      sing N N 4   
ALA CA    CB     sing N N 5   
ALA CA    HA     sing N N 6   
ALA C     O      doub N N 7   
ALA C     OXT    sing N N 8   
ALA CB    HB1    sing N N 9   
ALA CB    HB2    sing N N 10  
ALA CB    HB3    sing N N 11  
ALA OXT   HXT    sing N N 12  
ARG N     CA     sing N N 13  
ARG N     H      sing N N 14  
ARG N     H2     sing N N 15  
ARG CA    C      sing N N 16  
ARG CA    CB     sing N N 17  
ARG CA    HA     sing N N 18  
ARG C     O      doub N N 19  
ARG C     OXT    sing N N 20  
ARG CB    CG     sing N N 21  
ARG CB    HB2    sing N N 22  
ARG CB    HB3    sing N N 23  
ARG CG    CD     sing N N 24  
ARG CG    HG2    sing N N 25  
ARG CG    HG3    sing N N 26  
ARG CD    NE     sing N N 27  
ARG CD    HD2    sing N N 28  
ARG CD    HD3    sing N N 29  
ARG NE    CZ     sing N N 30  
ARG NE    HE     sing N N 31  
ARG CZ    NH1    sing N N 32  
ARG CZ    NH2    doub N N 33  
ARG NH1   HH11   sing N N 34  
ARG NH1   HH12   sing N N 35  
ARG NH2   HH21   sing N N 36  
ARG NH2   HH22   sing N N 37  
ARG OXT   HXT    sing N N 38  
ASN N     CA     sing N N 39  
ASN N     H      sing N N 40  
ASN N     H2     sing N N 41  
ASN CA    C      sing N N 42  
ASN CA    CB     sing N N 43  
ASN CA    HA     sing N N 44  
ASN C     O      doub N N 45  
ASN C     OXT    sing N N 46  
ASN CB    CG     sing N N 47  
ASN CB    HB2    sing N N 48  
ASN CB    HB3    sing N N 49  
ASN CG    OD1    doub N N 50  
ASN CG    ND2    sing N N 51  
ASN ND2   HD21   sing N N 52  
ASN ND2   HD22   sing N N 53  
ASN OXT   HXT    sing N N 54  
ASP N     CA     sing N N 55  
ASP N     H      sing N N 56  
ASP N     H2     sing N N 57  
ASP CA    C      sing N N 58  
ASP CA    CB     sing N N 59  
ASP CA    HA     sing N N 60  
ASP C     O      doub N N 61  
ASP C     OXT    sing N N 62  
ASP CB    CG     sing N N 63  
ASP CB    HB2    sing N N 64  
ASP CB    HB3    sing N N 65  
ASP CG    OD1    doub N N 66  
ASP CG    OD2    sing N N 67  
ASP OD2   HD2    sing N N 68  
ASP OXT   HXT    sing N N 69  
CMP P     O1P    doub N N 70  
CMP P     O2P    sing N N 71  
CMP P     "O5'"  sing N N 72  
CMP P     "O3'"  sing N N 73  
CMP O2P   HOP2   sing N N 74  
CMP "O5'" "C5'"  sing N N 75  
CMP "C5'" "C4'"  sing N N 76  
CMP "C5'" "H5'1" sing N N 77  
CMP "C5'" "H5'2" sing N N 78  
CMP "C4'" "O4'"  sing N N 79  
CMP "C4'" "C3'"  sing N N 80  
CMP "C4'" "H4'"  sing N N 81  
CMP "O4'" "C1'"  sing N N 82  
CMP "C3'" "O3'"  sing N N 83  
CMP "C3'" "C2'"  sing N N 84  
CMP "C3'" "H3'"  sing N N 85  
CMP "C2'" "O2'"  sing N N 86  
CMP "C2'" "C1'"  sing N N 87  
CMP "C2'" "H2'"  sing N N 88  
CMP "O2'" "HO2'" sing N N 89  
CMP "C1'" N9     sing N N 90  
CMP "C1'" "H1'"  sing N N 91  
CMP N9    C8     sing Y N 92  
CMP N9    C4     sing Y N 93  
CMP C8    N7     doub Y N 94  
CMP C8    H8     sing N N 95  
CMP N7    C5     sing Y N 96  
CMP C5    C6     sing Y N 97  
CMP C5    C4     doub Y N 98  
CMP C6    N6     sing N N 99  
CMP C6    N1     doub Y N 100 
CMP N6    HN61   sing N N 101 
CMP N6    HN62   sing N N 102 
CMP N1    C2     sing Y N 103 
CMP C2    N3     doub Y N 104 
CMP C2    H2     sing N N 105 
CMP N3    C4     sing Y N 106 
CYS N     CA     sing N N 107 
CYS N     H      sing N N 108 
CYS N     H2     sing N N 109 
CYS CA    C      sing N N 110 
CYS CA    CB     sing N N 111 
CYS CA    HA     sing N N 112 
CYS C     O      doub N N 113 
CYS C     OXT    sing N N 114 
CYS CB    SG     sing N N 115 
CYS CB    HB2    sing N N 116 
CYS CB    HB3    sing N N 117 
CYS SG    HG     sing N N 118 
CYS OXT   HXT    sing N N 119 
GLN N     CA     sing N N 120 
GLN N     H      sing N N 121 
GLN N     H2     sing N N 122 
GLN CA    C      sing N N 123 
GLN CA    CB     sing N N 124 
GLN CA    HA     sing N N 125 
GLN C     O      doub N N 126 
GLN C     OXT    sing N N 127 
GLN CB    CG     sing N N 128 
GLN CB    HB2    sing N N 129 
GLN CB    HB3    sing N N 130 
GLN CG    CD     sing N N 131 
GLN CG    HG2    sing N N 132 
GLN CG    HG3    sing N N 133 
GLN CD    OE1    doub N N 134 
GLN CD    NE2    sing N N 135 
GLN NE2   HE21   sing N N 136 
GLN NE2   HE22   sing N N 137 
GLN OXT   HXT    sing N N 138 
GLU N     CA     sing N N 139 
GLU N     H      sing N N 140 
GLU N     H2     sing N N 141 
GLU CA    C      sing N N 142 
GLU CA    CB     sing N N 143 
GLU CA    HA     sing N N 144 
GLU C     O      doub N N 145 
GLU C     OXT    sing N N 146 
GLU CB    CG     sing N N 147 
GLU CB    HB2    sing N N 148 
GLU CB    HB3    sing N N 149 
GLU CG    CD     sing N N 150 
GLU CG    HG2    sing N N 151 
GLU CG    HG3    sing N N 152 
GLU CD    OE1    doub N N 153 
GLU CD    OE2    sing N N 154 
GLU OE2   HE2    sing N N 155 
GLU OXT   HXT    sing N N 156 
GLY N     CA     sing N N 157 
GLY N     H      sing N N 158 
GLY N     H2     sing N N 159 
GLY CA    C      sing N N 160 
GLY CA    HA2    sing N N 161 
GLY CA    HA3    sing N N 162 
GLY C     O      doub N N 163 
GLY C     OXT    sing N N 164 
GLY OXT   HXT    sing N N 165 
HIS N     CA     sing N N 166 
HIS N     H      sing N N 167 
HIS N     H2     sing N N 168 
HIS CA    C      sing N N 169 
HIS CA    CB     sing N N 170 
HIS CA    HA     sing N N 171 
HIS C     O      doub N N 172 
HIS C     OXT    sing N N 173 
HIS CB    CG     sing N N 174 
HIS CB    HB2    sing N N 175 
HIS CB    HB3    sing N N 176 
HIS CG    ND1    sing Y N 177 
HIS CG    CD2    doub Y N 178 
HIS ND1   CE1    doub Y N 179 
HIS ND1   HD1    sing N N 180 
HIS CD2   NE2    sing Y N 181 
HIS CD2   HD2    sing N N 182 
HIS CE1   NE2    sing Y N 183 
HIS CE1   HE1    sing N N 184 
HIS NE2   HE2    sing N N 185 
HIS OXT   HXT    sing N N 186 
HOH O     H1     sing N N 187 
HOH O     H2     sing N N 188 
ILE N     CA     sing N N 189 
ILE N     H      sing N N 190 
ILE N     H2     sing N N 191 
ILE CA    C      sing N N 192 
ILE CA    CB     sing N N 193 
ILE CA    HA     sing N N 194 
ILE C     O      doub N N 195 
ILE C     OXT    sing N N 196 
ILE CB    CG1    sing N N 197 
ILE CB    CG2    sing N N 198 
ILE CB    HB     sing N N 199 
ILE CG1   CD1    sing N N 200 
ILE CG1   HG12   sing N N 201 
ILE CG1   HG13   sing N N 202 
ILE CG2   HG21   sing N N 203 
ILE CG2   HG22   sing N N 204 
ILE CG2   HG23   sing N N 205 
ILE CD1   HD11   sing N N 206 
ILE CD1   HD12   sing N N 207 
ILE CD1   HD13   sing N N 208 
ILE OXT   HXT    sing N N 209 
LEU N     CA     sing N N 210 
LEU N     H      sing N N 211 
LEU N     H2     sing N N 212 
LEU CA    C      sing N N 213 
LEU CA    CB     sing N N 214 
LEU CA    HA     sing N N 215 
LEU C     O      doub N N 216 
LEU C     OXT    sing N N 217 
LEU CB    CG     sing N N 218 
LEU CB    HB2    sing N N 219 
LEU CB    HB3    sing N N 220 
LEU CG    CD1    sing N N 221 
LEU CG    CD2    sing N N 222 
LEU CG    HG     sing N N 223 
LEU CD1   HD11   sing N N 224 
LEU CD1   HD12   sing N N 225 
LEU CD1   HD13   sing N N 226 
LEU CD2   HD21   sing N N 227 
LEU CD2   HD22   sing N N 228 
LEU CD2   HD23   sing N N 229 
LEU OXT   HXT    sing N N 230 
LYS N     CA     sing N N 231 
LYS N     H      sing N N 232 
LYS N     H2     sing N N 233 
LYS CA    C      sing N N 234 
LYS CA    CB     sing N N 235 
LYS CA    HA     sing N N 236 
LYS C     O      doub N N 237 
LYS C     OXT    sing N N 238 
LYS CB    CG     sing N N 239 
LYS CB    HB2    sing N N 240 
LYS CB    HB3    sing N N 241 
LYS CG    CD     sing N N 242 
LYS CG    HG2    sing N N 243 
LYS CG    HG3    sing N N 244 
LYS CD    CE     sing N N 245 
LYS CD    HD2    sing N N 246 
LYS CD    HD3    sing N N 247 
LYS CE    NZ     sing N N 248 
LYS CE    HE2    sing N N 249 
LYS CE    HE3    sing N N 250 
LYS NZ    HZ1    sing N N 251 
LYS NZ    HZ2    sing N N 252 
LYS NZ    HZ3    sing N N 253 
LYS OXT   HXT    sing N N 254 
MET N     CA     sing N N 255 
MET N     H      sing N N 256 
MET N     H2     sing N N 257 
MET CA    C      sing N N 258 
MET CA    CB     sing N N 259 
MET CA    HA     sing N N 260 
MET C     O      doub N N 261 
MET C     OXT    sing N N 262 
MET CB    CG     sing N N 263 
MET CB    HB2    sing N N 264 
MET CB    HB3    sing N N 265 
MET CG    SD     sing N N 266 
MET CG    HG2    sing N N 267 
MET CG    HG3    sing N N 268 
MET SD    CE     sing N N 269 
MET CE    HE1    sing N N 270 
MET CE    HE2    sing N N 271 
MET CE    HE3    sing N N 272 
MET OXT   HXT    sing N N 273 
PHE N     CA     sing N N 274 
PHE N     H      sing N N 275 
PHE N     H2     sing N N 276 
PHE CA    C      sing N N 277 
PHE CA    CB     sing N N 278 
PHE CA    HA     sing N N 279 
PHE C     O      doub N N 280 
PHE C     OXT    sing N N 281 
PHE CB    CG     sing N N 282 
PHE CB    HB2    sing N N 283 
PHE CB    HB3    sing N N 284 
PHE CG    CD1    doub Y N 285 
PHE CG    CD2    sing Y N 286 
PHE CD1   CE1    sing Y N 287 
PHE CD1   HD1    sing N N 288 
PHE CD2   CE2    doub Y N 289 
PHE CD2   HD2    sing N N 290 
PHE CE1   CZ     doub Y N 291 
PHE CE1   HE1    sing N N 292 
PHE CE2   CZ     sing Y N 293 
PHE CE2   HE2    sing N N 294 
PHE CZ    HZ     sing N N 295 
PHE OXT   HXT    sing N N 296 
PRO N     CA     sing N N 297 
PRO N     CD     sing N N 298 
PRO N     H      sing N N 299 
PRO CA    C      sing N N 300 
PRO CA    CB     sing N N 301 
PRO CA    HA     sing N N 302 
PRO C     O      doub N N 303 
PRO C     OXT    sing N N 304 
PRO CB    CG     sing N N 305 
PRO CB    HB2    sing N N 306 
PRO CB    HB3    sing N N 307 
PRO CG    CD     sing N N 308 
PRO CG    HG2    sing N N 309 
PRO CG    HG3    sing N N 310 
PRO CD    HD2    sing N N 311 
PRO CD    HD3    sing N N 312 
PRO OXT   HXT    sing N N 313 
SER N     CA     sing N N 314 
SER N     H      sing N N 315 
SER N     H2     sing N N 316 
SER CA    C      sing N N 317 
SER CA    CB     sing N N 318 
SER CA    HA     sing N N 319 
SER C     O      doub N N 320 
SER C     OXT    sing N N 321 
SER CB    OG     sing N N 322 
SER CB    HB2    sing N N 323 
SER CB    HB3    sing N N 324 
SER OG    HG     sing N N 325 
SER OXT   HXT    sing N N 326 
THR N     CA     sing N N 327 
THR N     H      sing N N 328 
THR N     H2     sing N N 329 
THR CA    C      sing N N 330 
THR CA    CB     sing N N 331 
THR CA    HA     sing N N 332 
THR C     O      doub N N 333 
THR C     OXT    sing N N 334 
THR CB    OG1    sing N N 335 
THR CB    CG2    sing N N 336 
THR CB    HB     sing N N 337 
THR OG1   HG1    sing N N 338 
THR CG2   HG21   sing N N 339 
THR CG2   HG22   sing N N 340 
THR CG2   HG23   sing N N 341 
THR OXT   HXT    sing N N 342 
TRP N     CA     sing N N 343 
TRP N     H      sing N N 344 
TRP N     H2     sing N N 345 
TRP CA    C      sing N N 346 
TRP CA    CB     sing N N 347 
TRP CA    HA     sing N N 348 
TRP C     O      doub N N 349 
TRP C     OXT    sing N N 350 
TRP CB    CG     sing N N 351 
TRP CB    HB2    sing N N 352 
TRP CB    HB3    sing N N 353 
TRP CG    CD1    doub Y N 354 
TRP CG    CD2    sing Y N 355 
TRP CD1   NE1    sing Y N 356 
TRP CD1   HD1    sing N N 357 
TRP CD2   CE2    doub Y N 358 
TRP CD2   CE3    sing Y N 359 
TRP NE1   CE2    sing Y N 360 
TRP NE1   HE1    sing N N 361 
TRP CE2   CZ2    sing Y N 362 
TRP CE3   CZ3    doub Y N 363 
TRP CE3   HE3    sing N N 364 
TRP CZ2   CH2    doub Y N 365 
TRP CZ2   HZ2    sing N N 366 
TRP CZ3   CH2    sing Y N 367 
TRP CZ3   HZ3    sing N N 368 
TRP CH2   HH2    sing N N 369 
TRP OXT   HXT    sing N N 370 
TYR N     CA     sing N N 371 
TYR N     H      sing N N 372 
TYR N     H2     sing N N 373 
TYR CA    C      sing N N 374 
TYR CA    CB     sing N N 375 
TYR CA    HA     sing N N 376 
TYR C     O      doub N N 377 
TYR C     OXT    sing N N 378 
TYR CB    CG     sing N N 379 
TYR CB    HB2    sing N N 380 
TYR CB    HB3    sing N N 381 
TYR CG    CD1    doub Y N 382 
TYR CG    CD2    sing Y N 383 
TYR CD1   CE1    sing Y N 384 
TYR CD1   HD1    sing N N 385 
TYR CD2   CE2    doub Y N 386 
TYR CD2   HD2    sing N N 387 
TYR CE1   CZ     doub Y N 388 
TYR CE1   HE1    sing N N 389 
TYR CE2   CZ     sing Y N 390 
TYR CE2   HE2    sing N N 391 
TYR CZ    OH     sing N N 392 
TYR OH    HH     sing N N 393 
TYR OXT   HXT    sing N N 394 
VAL N     CA     sing N N 395 
VAL N     H      sing N N 396 
VAL N     H2     sing N N 397 
VAL CA    C      sing N N 398 
VAL CA    CB     sing N N 399 
VAL CA    HA     sing N N 400 
VAL C     O      doub N N 401 
VAL C     OXT    sing N N 402 
VAL CB    CG1    sing N N 403 
VAL CB    CG2    sing N N 404 
VAL CB    HB     sing N N 405 
VAL CG1   HG11   sing N N 406 
VAL CG1   HG12   sing N N 407 
VAL CG1   HG13   sing N N 408 
VAL CG2   HG21   sing N N 409 
VAL CG2   HG22   sing N N 410 
VAL CG2   HG23   sing N N 411 
VAL OXT   HXT    sing N N 412 
# 
loop_
_pdbx_entity_nonpoly.entity_id 
_pdbx_entity_nonpoly.name 
_pdbx_entity_nonpoly.comp_id 
2 "ADENOSINE-3',5'-CYCLIC-MONOPHOSPHATE" CMP 
3 water                                  HOH 
# 
_pdbx_initial_refinement_model.id               1 
_pdbx_initial_refinement_model.entity_id_list   ? 
_pdbx_initial_refinement_model.type             'experimental model' 
_pdbx_initial_refinement_model.source_name      PDB 
_pdbx_initial_refinement_model.accession_code   1G6N 
_pdbx_initial_refinement_model.details          'pdb entry 1G6N, chain A' 
# 
